data_3TQI
#
_entry.id   3TQI
#
_cell.length_a   74.913
_cell.length_b   143.953
_cell.length_c   107.885
_cell.angle_alpha   90.00
_cell.angle_beta   97.66
_cell.angle_gamma   90.00
#
_symmetry.space_group_name_H-M   'P 1 21 1'
#
_entity_poly.entity_id   1
_entity_poly.type   'polypeptide(L)'
_entity_poly.pdbx_seq_one_letter_code
;SNAMLKDIHQHRILILDFGSQYAQLIARRVREIGVYCELMPCDIDEETIRDFNPHGIILSGGPETVTLSHTLRAPAFIFE
IGCPVLGICYGMQTMAYQLGGKVNRTAKAEFGHAQLRVLNPAFLFDGIEDQVSPQGEPLLDVWMSHGDIVSELPPGFEAT
ACTDNSPLAAMADFKRRFFGLQFHPEVTHTPQGHRILAHFVIHICQCIPNWTTKHIIEDSIRDIQEKVGKEQVIVGLSGG
VDSAVTATLVHKAIGDQLVCVLVDTGLLRLNEVDEVLNVFQKHLGAKVICVDAKDRFMKALKGISDPEEKRKIAGEQFIR
VFEEQAKKLNVKWLGQGTIYPDVIESAKTKTGKGHIIKTHHNVGGLPLNMELKLIEPLRELFKDEVRKLGLELGLPADLI
YRHPFPGPGLAIRILGEVSAEYINILKQADAIFIEELKKSDYYHQVSQAFAVFMPLKSVGVKGDARHYGYIIALRAVKTV
DFMTAQWADLPHEFLSKVSHRIVNEIKEVSRVVYDMTNKPPATIEWE
;
_entity_poly.pdbx_strand_id   A,B,C,D
#
# COMPACT_ATOMS: atom_id res chain seq x y z
N ILE A 8 -1.76 -3.50 52.96
CA ILE A 8 -1.19 -3.21 51.61
C ILE A 8 -0.21 -2.06 51.72
N HIS A 9 0.37 -1.63 50.58
CA HIS A 9 1.44 -0.60 50.51
C HIS A 9 2.76 -1.04 51.16
N GLN A 10 2.71 -2.13 51.91
CA GLN A 10 3.77 -2.45 52.86
C GLN A 10 5.01 -2.95 52.16
N HIS A 11 4.86 -3.46 50.94
CA HIS A 11 5.97 -3.79 50.08
C HIS A 11 6.06 -2.74 49.00
N ARG A 12 7.20 -2.06 48.92
CA ARG A 12 7.35 -0.91 48.04
C ARG A 12 8.77 -0.68 47.55
N ILE A 13 8.87 -0.21 46.31
CA ILE A 13 10.14 0.09 45.66
C ILE A 13 10.26 1.58 45.47
N LEU A 14 11.43 2.15 45.76
CA LEU A 14 11.67 3.56 45.48
C LEU A 14 12.44 3.69 44.18
N ILE A 15 11.94 4.52 43.26
CA ILE A 15 12.63 4.79 42.00
C ILE A 15 13.08 6.24 42.03
N LEU A 16 14.38 6.46 41.91
CA LEU A 16 14.92 7.82 41.81
C LEU A 16 14.98 8.21 40.35
N ASP A 17 14.55 9.44 40.08
CA ASP A 17 14.46 10.00 38.73
C ASP A 17 15.67 10.91 38.44
N PHE A 18 16.50 10.50 37.49
CA PHE A 18 17.63 11.31 37.03
C PHE A 18 17.35 12.01 35.69
N GLY A 19 16.08 12.13 35.31
CA GLY A 19 15.67 12.79 34.06
C GLY A 19 14.86 11.86 33.18
N SER A 20 15.31 11.64 31.95
CA SER A 20 14.93 10.46 31.16
C SER A 20 13.44 10.19 30.97
N GLN A 21 13.02 10.18 29.70
CA GLN A 21 11.66 9.85 29.31
C GLN A 21 11.12 8.67 30.11
N TYR A 22 11.99 7.68 30.31
CA TYR A 22 11.55 6.38 30.75
C TYR A 22 11.57 6.16 32.28
N ALA A 23 11.64 7.22 33.07
CA ALA A 23 11.57 7.08 34.52
C ALA A 23 10.20 6.55 34.92
N GLN A 24 9.15 7.35 34.70
CA GLN A 24 7.80 6.80 34.61
C GLN A 24 7.91 5.77 33.52
N LEU A 25 7.59 4.52 33.83
CA LEU A 25 7.77 3.41 32.89
C LEU A 25 8.64 2.37 33.56
N ILE A 26 9.67 2.80 34.29
CA ILE A 26 10.30 1.91 35.25
C ILE A 26 9.21 1.63 36.27
N ALA A 27 8.63 2.70 36.80
CA ALA A 27 7.58 2.61 37.80
C ALA A 27 6.44 1.77 37.28
N ARG A 28 6.00 2.02 36.06
CA ARG A 28 4.84 1.33 35.53
C ARG A 28 5.07 -0.17 35.41
N ARG A 29 6.25 -0.55 34.94
CA ARG A 29 6.64 -1.95 34.87
C ARG A 29 6.61 -2.59 36.25
N VAL A 30 7.06 -1.86 37.26
CA VAL A 30 7.07 -2.35 38.63
C VAL A 30 5.64 -2.54 39.16
N ARG A 31 4.74 -1.63 38.82
CA ARG A 31 3.33 -1.75 39.21
C ARG A 31 2.68 -2.94 38.50
N GLU A 32 3.13 -3.22 37.29
CA GLU A 32 2.57 -4.32 36.50
C GLU A 32 2.97 -5.66 37.11
N ILE A 33 4.17 -5.70 37.67
CA ILE A 33 4.67 -6.87 38.37
C ILE A 33 3.87 -7.15 39.64
N GLY A 34 3.25 -6.11 40.19
CA GLY A 34 2.33 -6.27 41.32
C GLY A 34 2.82 -5.65 42.62
N VAL A 35 3.77 -4.72 42.53
CA VAL A 35 4.34 -4.08 43.70
C VAL A 35 4.26 -2.57 43.61
N TYR A 36 3.90 -1.94 44.73
CA TYR A 36 3.81 -0.48 44.81
C TYR A 36 5.17 0.17 44.69
N CYS A 37 5.20 1.33 44.06
CA CYS A 37 6.42 2.10 43.99
C CYS A 37 6.09 3.58 43.86
N GLU A 38 7.01 4.41 44.31
CA GLU A 38 6.91 5.85 44.09
C GLU A 38 8.13 6.32 43.31
N LEU A 39 7.96 7.41 42.58
CA LEU A 39 9.02 7.98 41.74
C LEU A 39 9.38 9.35 42.28
N MET A 40 10.54 9.48 42.92
CA MET A 40 10.97 10.73 43.54
C MET A 40 12.17 11.32 42.81
N PRO A 41 12.24 12.65 42.70
CA PRO A 41 13.43 13.25 42.07
C PRO A 41 14.69 13.00 42.88
N CYS A 42 15.83 12.95 42.20
CA CYS A 42 17.09 12.59 42.85
C CYS A 42 17.60 13.67 43.80
N ASP A 43 17.13 14.90 43.62
CA ASP A 43 17.49 15.99 44.53
C ASP A 43 16.75 15.92 45.87
N ILE A 44 15.91 14.89 46.05
CA ILE A 44 15.19 14.68 47.31
C ILE A 44 16.19 14.28 48.39
N ASP A 45 15.79 14.44 49.65
CA ASP A 45 16.69 14.32 50.79
C ASP A 45 16.53 13.01 51.53
N GLU A 46 17.56 12.61 52.28
CA GLU A 46 17.44 11.50 53.24
C GLU A 46 16.46 12.01 54.31
N GLU A 47 15.61 11.12 54.81
CA GLU A 47 14.39 11.53 55.51
C GLU A 47 13.46 11.92 54.37
N THR A 48 12.43 11.12 54.15
CA THR A 48 11.98 10.82 52.79
C THR A 48 13.10 9.92 52.34
N ILE A 49 12.79 8.78 51.75
CA ILE A 49 13.78 7.73 51.49
C ILE A 49 14.03 6.91 52.74
N ARG A 50 14.39 7.56 53.85
CA ARG A 50 14.45 6.86 55.13
C ARG A 50 13.06 6.49 55.62
N ASP A 51 12.15 7.47 55.61
CA ASP A 51 10.80 7.24 56.13
C ASP A 51 9.94 6.45 55.13
N PHE A 52 10.33 6.48 53.85
CA PHE A 52 9.74 5.60 52.84
C PHE A 52 10.22 4.15 53.03
N ASN A 53 11.45 4.00 53.51
CA ASN A 53 12.00 2.69 53.94
C ASN A 53 11.72 1.56 52.94
N PRO A 54 12.19 1.71 51.70
CA PRO A 54 11.85 0.82 50.60
C PRO A 54 12.50 -0.56 50.70
N HIS A 55 11.92 -1.53 49.98
CA HIS A 55 12.46 -2.88 49.84
C HIS A 55 13.62 -2.89 48.86
N GLY A 56 13.63 -1.93 47.94
CA GLY A 56 14.70 -1.78 46.99
C GLY A 56 14.63 -0.46 46.27
N ILE A 57 15.77 0.01 45.79
CA ILE A 57 15.87 1.28 45.10
C ILE A 57 16.30 1.01 43.66
N ILE A 58 15.74 1.76 42.72
CA ILE A 58 16.16 1.71 41.32
C ILE A 58 16.56 3.10 40.88
N LEU A 59 17.79 3.23 40.40
CA LEU A 59 18.27 4.50 39.86
C LEU A 59 18.06 4.42 38.36
N SER A 60 17.61 5.52 37.77
CA SER A 60 17.21 5.51 36.38
C SER A 60 18.09 6.39 35.53
N GLY A 61 17.70 6.50 34.28
CA GLY A 61 17.68 7.77 33.61
C GLY A 61 18.92 8.45 33.08
N GLY A 62 18.98 9.75 33.31
CA GLY A 62 19.82 10.63 32.53
C GLY A 62 19.02 11.02 31.29
N PRO A 63 18.87 12.32 31.04
CA PRO A 63 18.02 12.73 29.93
C PRO A 63 18.64 12.50 28.54
N GLU A 64 18.01 13.09 27.52
CA GLU A 64 18.50 13.06 26.14
C GLU A 64 18.45 11.65 25.57
N ALA A 74 24.36 12.55 41.52
CA ALA A 74 24.70 11.99 42.83
C ALA A 74 23.45 11.82 43.72
N PRO A 75 23.15 10.59 44.20
CA PRO A 75 22.07 10.30 45.17
C PRO A 75 22.45 10.17 46.67
N ALA A 76 23.65 9.66 46.94
CA ALA A 76 24.33 9.81 48.27
C ALA A 76 24.35 8.58 49.21
N PHE A 77 23.42 8.53 50.16
CA PHE A 77 23.54 7.61 51.30
C PHE A 77 22.77 6.30 51.11
N ILE A 78 22.12 6.14 49.96
CA ILE A 78 21.24 5.00 49.73
C ILE A 78 21.95 3.64 49.67
N PHE A 79 23.28 3.65 49.74
CA PHE A 79 24.07 2.43 49.75
C PHE A 79 24.35 1.98 51.18
N GLU A 80 24.08 2.87 52.13
CA GLU A 80 24.18 2.55 53.55
C GLU A 80 22.95 1.77 54.00
N ILE A 81 21.77 2.20 53.56
CA ILE A 81 20.52 1.54 53.91
C ILE A 81 20.60 0.10 53.42
N GLY A 82 20.09 -0.84 54.22
CA GLY A 82 20.27 -2.27 53.94
C GLY A 82 19.83 -2.81 52.58
N CYS A 83 18.89 -2.13 51.92
CA CYS A 83 18.21 -2.67 50.75
C CYS A 83 19.07 -2.78 49.47
N PRO A 84 18.61 -3.57 48.47
CA PRO A 84 19.31 -3.67 47.19
C PRO A 84 19.05 -2.50 46.27
N VAL A 85 19.98 -2.26 45.35
CA VAL A 85 19.90 -1.13 44.44
C VAL A 85 20.19 -1.57 43.00
N LEU A 86 19.43 -1.03 42.06
CA LEU A 86 19.60 -1.31 40.64
C LEU A 86 19.77 -0.01 39.88
N GLY A 87 20.95 0.23 39.33
CA GLY A 87 21.20 1.40 38.49
C GLY A 87 20.98 1.09 37.02
N ILE A 88 20.18 1.92 36.35
CA ILE A 88 19.93 1.78 34.92
C ILE A 88 20.61 2.91 34.19
N CYS A 89 21.49 2.56 33.25
CA CYS A 89 22.23 3.52 32.42
C CYS A 89 22.98 4.54 33.27
N TYR A 90 22.62 5.83 33.24
CA TYR A 90 23.29 6.81 34.09
C TYR A 90 23.29 6.33 35.54
N GLY A 91 22.20 5.70 35.96
CA GLY A 91 22.11 5.13 37.30
C GLY A 91 23.28 4.23 37.62
N MET A 92 23.72 3.47 36.63
CA MET A 92 24.92 2.64 36.76
C MET A 92 26.18 3.50 36.89
N GLN A 93 26.26 4.60 36.14
CA GLN A 93 27.43 5.48 36.17
C GLN A 93 27.68 6.05 37.56
N THR A 94 26.67 6.73 38.12
CA THR A 94 26.83 7.37 39.44
C THR A 94 27.03 6.33 40.53
N MET A 95 26.37 5.19 40.40
CA MET A 95 26.60 4.05 41.29
C MET A 95 28.10 3.70 41.28
N ALA A 96 28.70 3.72 40.09
CA ALA A 96 30.14 3.50 39.97
C ALA A 96 30.93 4.65 40.61
N TYR A 97 30.77 5.87 40.10
CA TYR A 97 31.45 7.04 40.68
C TYR A 97 31.37 7.04 42.20
N GLN A 98 30.16 6.95 42.74
CA GLN A 98 29.93 7.16 44.18
C GLN A 98 30.48 6.05 45.07
N LEU A 99 30.76 4.91 44.46
CA LEU A 99 31.57 3.86 45.09
C LEU A 99 32.94 4.04 44.45
N GLY A 100 33.82 3.05 44.47
CA GLY A 100 35.13 3.24 43.82
C GLY A 100 34.96 3.24 42.30
N GLY A 101 36.05 3.29 41.56
CA GLY A 101 35.96 3.02 40.11
C GLY A 101 35.67 4.24 39.26
N LYS A 102 36.05 4.12 37.98
CA LYS A 102 36.06 5.25 37.04
C LYS A 102 34.95 5.14 36.01
N VAL A 103 34.73 6.23 35.27
CA VAL A 103 33.54 6.41 34.45
C VAL A 103 33.79 7.47 33.38
N ASN A 104 32.85 7.66 32.46
CA ASN A 104 33.00 8.62 31.34
C ASN A 104 31.80 9.59 31.19
N GLU A 110 23.24 8.95 22.23
CA GLU A 110 23.84 7.71 21.77
C GLU A 110 23.02 6.51 22.26
N PHE A 111 22.06 6.05 21.45
CA PHE A 111 21.16 4.95 21.85
C PHE A 111 20.86 4.02 20.69
N GLY A 112 20.96 2.71 20.92
CA GLY A 112 20.65 1.74 19.88
C GLY A 112 20.59 0.30 20.36
N HIS A 113 20.18 -0.60 19.46
CA HIS A 113 20.17 -2.03 19.75
C HIS A 113 21.59 -2.56 19.86
N ALA A 114 21.76 -3.58 20.70
CA ALA A 114 23.05 -4.24 20.89
C ALA A 114 22.81 -5.65 21.38
N GLN A 115 23.69 -6.58 21.01
CA GLN A 115 23.60 -7.94 21.49
C GLN A 115 24.50 -8.09 22.70
N LEU A 116 23.89 -8.20 23.87
CA LEU A 116 24.57 -8.35 25.14
C LEU A 116 24.89 -9.82 25.37
N ARG A 117 26.06 -10.11 25.93
CA ARG A 117 26.45 -11.47 26.27
C ARG A 117 26.63 -11.61 27.77
N VAL A 118 25.92 -12.55 28.36
CA VAL A 118 25.94 -12.74 29.81
C VAL A 118 27.11 -13.61 30.29
N LEU A 119 27.92 -13.01 31.17
CA LEU A 119 28.92 -13.70 31.96
C LEU A 119 28.30 -13.72 33.34
N ASN A 120 28.24 -14.86 34.01
CA ASN A 120 27.58 -14.94 35.32
C ASN A 120 26.08 -14.59 35.28
N PRO A 121 25.22 -15.61 35.05
CA PRO A 121 23.76 -15.41 35.03
C PRO A 121 23.16 -15.00 36.37
N ALA A 122 23.97 -14.97 37.43
CA ALA A 122 23.68 -14.07 38.55
C ALA A 122 22.40 -14.43 39.25
N PHE A 123 21.78 -13.42 39.89
CA PHE A 123 20.42 -13.50 40.36
C PHE A 123 19.53 -12.71 39.41
N LEU A 124 20.12 -11.70 38.76
CA LEU A 124 19.39 -10.74 37.94
C LEU A 124 19.11 -11.25 36.53
N PHE A 125 19.79 -12.32 36.13
CA PHE A 125 19.66 -12.87 34.79
C PHE A 125 19.37 -14.36 34.77
N ASP A 126 18.91 -14.94 35.86
CA ASP A 126 18.73 -16.40 35.90
C ASP A 126 17.60 -16.78 34.97
N GLY A 127 17.85 -17.71 34.04
CA GLY A 127 16.95 -17.89 32.90
C GLY A 127 17.28 -16.73 31.99
N ILE A 128 16.27 -16.11 31.38
CA ILE A 128 16.48 -14.86 30.62
C ILE A 128 17.51 -15.00 29.49
N GLU A 129 17.05 -15.48 28.33
CA GLU A 129 17.90 -15.63 27.17
C GLU A 129 17.09 -15.37 25.92
N ASP A 130 17.66 -14.60 25.01
CA ASP A 130 17.06 -14.38 23.71
C ASP A 130 17.64 -15.33 22.68
N GLN A 131 18.97 -15.49 22.67
CA GLN A 131 19.64 -16.48 21.82
C GLN A 131 20.68 -17.24 22.63
N VAL A 132 21.31 -18.24 22.04
CA VAL A 132 22.35 -19.01 22.72
C VAL A 132 23.75 -18.93 22.10
N SER A 133 23.86 -18.70 20.79
CA SER A 133 25.16 -18.41 20.16
C SER A 133 26.00 -19.65 19.90
N PRO A 134 26.86 -19.61 18.87
CA PRO A 134 27.64 -20.78 18.48
C PRO A 134 28.54 -21.34 19.59
N GLN A 135 29.00 -20.49 20.51
CA GLN A 135 29.91 -20.92 21.58
C GLN A 135 29.16 -21.36 22.86
N GLY A 136 27.84 -21.34 22.81
CA GLY A 136 27.00 -21.79 23.93
C GLY A 136 26.81 -20.76 25.04
N GLU A 137 27.01 -19.47 24.71
CA GLU A 137 26.82 -18.39 25.67
C GLU A 137 25.44 -17.72 25.56
N PRO A 138 24.84 -17.36 26.70
CA PRO A 138 23.53 -16.71 26.66
C PRO A 138 23.61 -15.27 26.17
N LEU A 139 22.71 -14.91 25.25
CA LEU A 139 22.68 -13.59 24.63
C LEU A 139 21.35 -12.91 24.84
N LEU A 140 21.37 -11.59 25.12
CA LEU A 140 20.16 -10.78 25.24
C LEU A 140 20.18 -9.68 24.19
N ASP A 141 19.07 -9.49 23.51
CA ASP A 141 18.86 -8.32 22.68
C ASP A 141 18.50 -7.18 23.62
N VAL A 142 19.28 -6.10 23.60
CA VAL A 142 19.03 -4.96 24.48
C VAL A 142 19.15 -3.62 23.78
N TRP A 143 18.55 -2.60 24.38
CA TRP A 143 18.56 -1.23 23.90
C TRP A 143 19.53 -0.47 24.76
N MET A 144 20.74 -0.31 24.23
CA MET A 144 21.88 0.18 24.98
C MET A 144 21.86 1.71 25.10
N SER A 145 22.48 2.21 26.16
CA SER A 145 22.88 3.62 26.25
C SER A 145 24.41 3.63 26.15
N HIS A 146 24.91 4.04 24.98
CA HIS A 146 26.33 3.90 24.65
C HIS A 146 27.21 4.91 25.38
N GLY A 147 26.66 6.07 25.69
CA GLY A 147 27.42 7.15 26.34
C GLY A 147 27.65 7.01 27.83
N ASP A 148 26.82 6.22 28.53
CA ASP A 148 26.96 6.06 29.98
C ASP A 148 27.96 4.95 30.28
N ILE A 149 29.20 5.13 29.87
CA ILE A 149 30.21 4.07 29.95
C ILE A 149 30.85 4.04 31.34
N VAL A 150 31.22 2.84 31.78
CA VAL A 150 32.00 2.63 33.00
C VAL A 150 33.37 2.06 32.60
N SER A 151 34.45 2.71 33.04
CA SER A 151 35.81 2.37 32.61
C SER A 151 36.43 1.28 33.47
N GLU A 152 36.25 1.39 34.78
CA GLU A 152 36.80 0.42 35.73
C GLU A 152 35.79 0.13 36.84
N LEU A 153 35.74 -1.13 37.26
CA LEU A 153 34.80 -1.58 38.28
C LEU A 153 35.16 -1.06 39.66
N PRO A 154 34.15 -0.69 40.48
CA PRO A 154 34.44 -0.37 41.87
C PRO A 154 34.82 -1.62 42.67
N PRO A 155 35.39 -1.44 43.86
CA PRO A 155 35.61 -2.56 44.77
C PRO A 155 34.33 -3.33 45.03
N GLY A 156 34.43 -4.66 45.08
CA GLY A 156 33.29 -5.53 45.34
C GLY A 156 32.46 -5.92 44.12
N PHE A 157 32.63 -5.20 43.01
CA PHE A 157 31.85 -5.47 41.81
C PHE A 157 32.57 -6.40 40.84
N GLU A 158 31.80 -6.96 39.92
CA GLU A 158 32.35 -7.77 38.83
C GLU A 158 31.50 -7.63 37.57
N ALA A 159 32.13 -7.88 36.43
CA ALA A 159 31.44 -7.83 35.16
C ALA A 159 30.48 -9.00 35.09
N THR A 160 29.21 -8.68 34.92
CA THR A 160 28.14 -9.66 34.87
C THR A 160 27.54 -9.74 33.44
N ALA A 161 28.08 -8.93 32.52
CA ALA A 161 27.58 -8.86 31.14
C ALA A 161 28.43 -7.87 30.35
N CYS A 162 28.58 -8.12 29.06
CA CYS A 162 29.40 -7.28 28.19
C CYS A 162 28.87 -7.26 26.77
N THR A 163 29.42 -6.38 25.96
CA THR A 163 29.10 -6.30 24.54
C THR A 163 30.37 -5.98 23.78
N ASP A 164 30.34 -6.17 22.46
CA ASP A 164 31.55 -6.00 21.64
C ASP A 164 32.21 -4.65 21.90
N ASN A 165 31.40 -3.60 21.95
CA ASN A 165 31.91 -2.23 22.10
C ASN A 165 31.94 -1.77 23.57
N SER A 166 31.59 -2.65 24.51
CA SER A 166 31.48 -2.27 25.92
C SER A 166 31.83 -3.42 26.86
N PRO A 167 33.10 -3.45 27.35
CA PRO A 167 33.59 -4.56 28.18
C PRO A 167 32.79 -4.80 29.46
N LEU A 168 32.19 -3.75 30.01
CA LEU A 168 31.35 -3.89 31.20
C LEU A 168 30.04 -3.15 31.04
N ALA A 169 29.05 -3.90 30.52
CA ALA A 169 27.72 -3.43 30.27
C ALA A 169 26.77 -3.82 31.41
N ALA A 170 27.30 -4.51 32.42
CA ALA A 170 26.50 -4.89 33.58
C ALA A 170 27.42 -5.24 34.74
N MET A 171 27.04 -4.79 35.93
CA MET A 171 27.87 -4.92 37.14
C MET A 171 27.07 -5.69 38.17
N ALA A 172 27.74 -6.15 39.22
CA ALA A 172 27.02 -6.74 40.34
C ALA A 172 27.95 -6.91 41.52
N ASP A 173 27.45 -6.54 42.71
CA ASP A 173 28.20 -6.73 43.94
C ASP A 173 27.89 -8.12 44.47
N PHE A 174 26.61 -8.39 44.73
CA PHE A 174 26.13 -9.65 45.32
C PHE A 174 26.12 -9.64 46.84
N LYS A 175 27.19 -9.21 47.49
CA LYS A 175 27.18 -9.14 48.94
C LYS A 175 26.31 -7.96 49.41
N ARG A 176 26.47 -6.81 48.77
CA ARG A 176 25.63 -5.64 49.09
C ARG A 176 24.35 -5.62 48.27
N ARG A 177 24.28 -6.46 47.25
CA ARG A 177 23.15 -6.54 46.32
C ARG A 177 22.97 -5.24 45.54
N PHE A 178 24.05 -4.70 45.02
CA PHE A 178 24.00 -3.56 44.10
C PHE A 178 24.18 -4.08 42.68
N PHE A 179 23.37 -3.59 41.75
CA PHE A 179 23.43 -4.03 40.35
C PHE A 179 23.40 -2.84 39.41
N GLY A 180 24.13 -2.94 38.30
CA GLY A 180 24.11 -1.94 37.25
C GLY A 180 23.87 -2.55 35.88
N LEU A 181 23.17 -1.80 35.03
CA LEU A 181 22.94 -2.17 33.64
C LEU A 181 23.24 -0.96 32.78
N GLN A 182 23.88 -1.19 31.63
CA GLN A 182 24.14 -0.10 30.67
C GLN A 182 23.02 0.03 29.62
N PHE A 183 21.90 -0.66 29.83
CA PHE A 183 20.77 -0.61 28.89
C PHE A 183 19.49 -0.37 29.65
N HIS A 184 18.41 -0.12 28.91
CA HIS A 184 17.09 0.12 29.48
C HIS A 184 16.20 -1.13 29.44
N PRO A 185 15.99 -1.79 30.58
CA PRO A 185 15.08 -2.92 30.58
C PRO A 185 13.61 -2.54 30.48
N GLU A 186 13.26 -1.29 30.78
CA GLU A 186 11.87 -0.85 30.75
C GLU A 186 11.29 -0.88 29.35
N VAL A 187 12.11 -0.51 28.37
CA VAL A 187 11.59 -0.29 27.02
C VAL A 187 11.40 -1.62 26.33
N THR A 188 10.44 -1.67 25.42
CA THR A 188 10.10 -2.92 24.72
C THR A 188 11.24 -3.41 23.83
N HIS A 189 12.16 -2.51 23.48
CA HIS A 189 13.29 -2.84 22.62
C HIS A 189 14.38 -3.67 23.32
N THR A 190 14.20 -3.96 24.61
CA THR A 190 14.87 -5.10 25.23
C THR A 190 13.75 -6.05 25.67
N PRO A 191 13.39 -7.01 24.81
CA PRO A 191 12.24 -7.89 24.97
C PRO A 191 12.10 -8.53 26.34
N GLN A 192 13.18 -9.07 26.87
CA GLN A 192 13.18 -9.76 28.15
C GLN A 192 13.36 -8.80 29.33
N GLY A 193 13.37 -7.49 29.07
CA GLY A 193 13.58 -6.51 30.11
C GLY A 193 12.64 -6.61 31.30
N HIS A 194 11.37 -6.91 31.05
CA HIS A 194 10.39 -6.99 32.12
C HIS A 194 10.70 -8.13 33.09
N ARG A 195 11.34 -9.19 32.60
CA ARG A 195 11.73 -10.29 33.45
C ARG A 195 12.91 -9.91 34.32
N ILE A 196 13.83 -9.14 33.77
CA ILE A 196 14.99 -8.70 34.51
C ILE A 196 14.53 -7.87 35.69
N LEU A 197 13.60 -6.95 35.44
CA LEU A 197 13.05 -6.10 36.50
C LEU A 197 12.24 -6.92 37.49
N ALA A 198 11.52 -7.90 36.99
CA ALA A 198 10.77 -8.80 37.86
C ALA A 198 11.71 -9.60 38.75
N HIS A 199 12.91 -9.86 38.27
CA HIS A 199 13.89 -10.60 39.07
C HIS A 199 14.45 -9.70 40.15
N PHE A 200 14.65 -8.43 39.83
CA PHE A 200 15.14 -7.50 40.83
C PHE A 200 14.12 -7.33 41.95
N VAL A 201 12.88 -7.02 41.58
CA VAL A 201 11.82 -6.68 42.54
C VAL A 201 11.32 -7.87 43.34
N ILE A 202 11.01 -8.96 42.66
CA ILE A 202 10.38 -10.11 43.32
C ILE A 202 11.39 -10.97 44.06
N HIS A 203 12.55 -11.24 43.45
CA HIS A 203 13.50 -12.22 44.00
C HIS A 203 14.60 -11.62 44.85
N ILE A 204 15.27 -10.60 44.33
CA ILE A 204 16.38 -9.95 45.04
C ILE A 204 15.87 -9.06 46.16
N CYS A 205 14.88 -8.20 45.88
CA CYS A 205 14.27 -7.34 46.91
C CYS A 205 13.20 -8.05 47.73
N GLN A 206 12.80 -9.25 47.28
CA GLN A 206 11.97 -10.14 48.09
C GLN A 206 10.54 -9.61 48.33
N CYS A 207 10.03 -8.80 47.40
CA CYS A 207 8.68 -8.22 47.51
C CYS A 207 7.62 -9.22 47.12
N ILE A 208 6.57 -9.32 47.93
CA ILE A 208 5.41 -10.14 47.57
C ILE A 208 4.38 -9.26 46.84
N PRO A 209 3.92 -9.69 45.65
CA PRO A 209 2.99 -8.85 44.87
C PRO A 209 1.55 -8.85 45.38
N ASN A 210 1.09 -7.70 45.84
CA ASN A 210 -0.30 -7.51 46.23
C ASN A 210 -0.96 -6.28 45.58
N TRP A 211 -0.21 -5.56 44.75
CA TRP A 211 -0.74 -4.39 44.06
C TRP A 211 -1.55 -4.89 42.85
N THR A 212 -2.85 -5.08 43.05
CA THR A 212 -3.65 -5.99 42.22
C THR A 212 -4.68 -5.34 41.28
N THR A 213 -5.51 -4.46 41.81
CA THR A 213 -6.66 -3.85 41.12
C THR A 213 -7.85 -4.01 42.05
N LYS A 214 -8.17 -5.25 42.38
CA LYS A 214 -9.20 -5.53 43.36
C LYS A 214 -8.75 -5.02 44.71
N HIS A 215 -7.47 -5.19 45.00
CA HIS A 215 -6.89 -4.68 46.23
C HIS A 215 -6.80 -3.17 46.23
N ILE A 216 -6.57 -2.58 45.07
CA ILE A 216 -6.58 -1.13 44.97
C ILE A 216 -8.00 -0.62 45.19
N ILE A 217 -8.98 -1.24 44.56
CA ILE A 217 -10.36 -0.81 44.72
C ILE A 217 -10.74 -0.81 46.19
N GLU A 218 -10.41 -1.89 46.89
CA GLU A 218 -10.78 -2.03 48.30
C GLU A 218 -10.06 -1.03 49.20
N ASP A 219 -8.77 -0.86 48.98
CA ASP A 219 -7.99 0.13 49.73
C ASP A 219 -8.55 1.52 49.54
N SER A 220 -8.91 1.84 48.30
CA SER A 220 -9.40 3.17 47.96
C SER A 220 -10.78 3.47 48.55
N ILE A 221 -11.66 2.48 48.55
CA ILE A 221 -13.00 2.63 49.12
C ILE A 221 -12.90 2.88 50.61
N ARG A 222 -12.05 2.11 51.27
CA ARG A 222 -11.82 2.24 52.70
C ARG A 222 -11.26 3.62 53.04
N ASP A 223 -10.38 4.12 52.19
CA ASP A 223 -9.78 5.43 52.40
C ASP A 223 -10.83 6.52 52.26
N ILE A 224 -11.65 6.42 51.22
CA ILE A 224 -12.70 7.41 50.98
C ILE A 224 -13.68 7.40 52.14
N GLN A 225 -13.94 6.22 52.68
CA GLN A 225 -14.86 6.06 53.81
C GLN A 225 -14.33 6.65 55.12
N GLU A 226 -13.04 6.43 55.39
CA GLU A 226 -12.38 6.91 56.61
C GLU A 226 -12.21 8.43 56.64
N LYS A 227 -11.97 9.02 55.47
CA LYS A 227 -11.74 10.47 55.35
C LYS A 227 -13.02 11.28 55.31
N VAL A 228 -14.02 10.80 54.59
CA VAL A 228 -15.24 11.57 54.33
C VAL A 228 -16.30 11.32 55.40
N GLY A 229 -16.34 10.12 55.94
CA GLY A 229 -17.35 9.77 56.93
C GLY A 229 -18.74 9.79 56.34
N LYS A 230 -19.65 10.51 56.98
CA LYS A 230 -21.05 10.53 56.59
C LYS A 230 -21.42 11.72 55.70
N GLU A 231 -20.47 12.63 55.45
CA GLU A 231 -20.80 13.87 54.75
C GLU A 231 -20.59 13.76 53.25
N GLN A 232 -21.18 14.70 52.50
CA GLN A 232 -21.34 14.58 51.06
C GLN A 232 -20.07 14.91 50.27
N VAL A 233 -20.00 14.42 49.04
CA VAL A 233 -18.89 14.70 48.14
C VAL A 233 -19.40 15.05 46.74
N ILE A 234 -18.79 16.07 46.14
CA ILE A 234 -19.09 16.46 44.77
C ILE A 234 -17.99 15.93 43.88
N VAL A 235 -18.38 15.35 42.75
CA VAL A 235 -17.43 14.98 41.71
C VAL A 235 -17.86 15.50 40.34
N GLY A 236 -16.92 16.10 39.62
CA GLY A 236 -17.21 16.61 38.29
C GLY A 236 -17.15 15.51 37.25
N LEU A 237 -18.28 15.23 36.61
CA LEU A 237 -18.34 14.18 35.59
C LEU A 237 -17.63 14.59 34.31
N SER A 238 -17.83 15.84 33.92
CA SER A 238 -16.96 16.51 32.96
C SER A 238 -15.50 16.08 33.15
N GLY A 239 -14.89 15.45 32.14
CA GLY A 239 -13.44 15.15 32.21
C GLY A 239 -12.95 13.77 31.81
N GLY A 240 -13.83 12.90 31.31
CA GLY A 240 -13.41 11.63 30.73
C GLY A 240 -13.14 10.53 31.73
N VAL A 241 -12.17 9.68 31.42
CA VAL A 241 -11.97 8.41 32.13
C VAL A 241 -11.65 8.58 33.61
N ASP A 242 -10.82 9.56 33.92
CA ASP A 242 -10.34 9.76 35.29
C ASP A 242 -11.46 10.25 36.18
N SER A 243 -12.35 11.08 35.62
CA SER A 243 -13.50 11.57 36.36
C SER A 243 -14.50 10.44 36.55
N ALA A 244 -14.81 9.74 35.45
CA ALA A 244 -15.72 8.63 35.53
C ALA A 244 -15.29 7.61 36.60
N VAL A 245 -13.99 7.35 36.68
CA VAL A 245 -13.47 6.40 37.66
C VAL A 245 -13.59 6.95 39.07
N THR A 246 -13.28 8.23 39.28
CA THR A 246 -13.46 8.85 40.59
C THR A 246 -14.92 8.78 41.07
N ALA A 247 -15.83 9.13 40.16
CA ALA A 247 -17.25 9.19 40.48
C ALA A 247 -17.76 7.83 40.90
N THR A 248 -17.40 6.80 40.15
CA THR A 248 -17.90 5.46 40.45
C THR A 248 -17.21 4.93 41.70
N LEU A 249 -15.92 5.21 41.84
CA LEU A 249 -15.15 4.76 42.99
C LEU A 249 -15.72 5.38 44.24
N VAL A 250 -16.00 6.68 44.18
CA VAL A 250 -16.62 7.38 45.29
C VAL A 250 -18.03 6.86 45.49
N HIS A 251 -18.78 6.72 44.40
CA HIS A 251 -20.15 6.22 44.50
C HIS A 251 -20.23 4.90 45.27
N LYS A 252 -19.35 3.96 44.95
CA LYS A 252 -19.31 2.69 45.65
C LYS A 252 -18.96 2.84 47.12
N ALA A 253 -18.16 3.87 47.45
CA ALA A 253 -17.72 4.08 48.83
C ALA A 253 -18.81 4.66 49.74
N ILE A 254 -19.57 5.62 49.21
CA ILE A 254 -20.53 6.36 50.02
C ILE A 254 -21.93 6.55 49.40
N GLY A 255 -22.28 5.79 48.36
CA GLY A 255 -23.65 5.81 47.80
C GLY A 255 -24.32 7.17 47.64
N ASP A 256 -25.49 7.34 48.28
CA ASP A 256 -26.29 8.59 48.17
C ASP A 256 -25.50 9.88 48.45
N GLN A 257 -24.44 9.80 49.26
CA GLN A 257 -23.61 10.96 49.61
C GLN A 257 -22.92 11.61 48.42
N LEU A 258 -22.62 10.82 47.38
CA LEU A 258 -22.04 11.37 46.15
C LEU A 258 -23.09 12.20 45.43
N VAL A 259 -22.70 13.41 45.05
CA VAL A 259 -23.53 14.26 44.22
C VAL A 259 -22.66 14.65 43.03
N CYS A 260 -23.03 14.18 41.85
CA CYS A 260 -22.27 14.45 40.63
C CYS A 260 -22.71 15.76 40.01
N VAL A 261 -21.74 16.53 39.55
CA VAL A 261 -22.01 17.77 38.85
C VAL A 261 -21.44 17.68 37.45
N LEU A 262 -22.22 18.10 36.47
CA LEU A 262 -21.80 18.09 35.08
C LEU A 262 -21.97 19.49 34.50
N VAL A 263 -20.87 20.18 34.26
CA VAL A 263 -20.93 21.50 33.69
C VAL A 263 -20.72 21.41 32.18
N ASP A 264 -21.68 21.94 31.42
CA ASP A 264 -21.51 22.10 29.98
C ASP A 264 -20.82 23.44 29.79
N THR A 265 -19.51 23.39 29.63
CA THR A 265 -18.70 24.60 29.48
C THR A 265 -18.81 25.17 28.07
N GLY A 266 -19.47 24.43 27.18
CA GLY A 266 -19.48 24.73 25.76
C GLY A 266 -18.24 24.18 25.06
N LEU A 267 -17.29 23.65 25.83
CA LEU A 267 -15.98 23.28 25.32
C LEU A 267 -15.84 21.76 25.21
N LEU A 268 -16.98 21.06 25.18
CA LEU A 268 -16.99 19.60 25.17
C LEU A 268 -17.40 19.07 23.82
N ARG A 269 -17.14 17.79 23.59
CA ARG A 269 -17.46 17.17 22.31
C ARG A 269 -18.96 17.01 22.12
N LEU A 270 -19.36 16.84 20.87
CA LEU A 270 -20.76 16.94 20.46
C LEU A 270 -21.68 16.23 21.46
N ASN A 271 -21.50 14.93 21.63
CA ASN A 271 -22.44 14.13 22.42
C ASN A 271 -21.94 13.80 23.82
N GLU A 272 -20.95 14.54 24.33
CA GLU A 272 -20.38 14.21 25.65
C GLU A 272 -21.43 14.30 26.74
N VAL A 273 -22.10 15.44 26.82
CA VAL A 273 -23.16 15.62 27.82
C VAL A 273 -24.09 14.40 27.84
N ASP A 274 -24.61 14.03 26.66
CA ASP A 274 -25.53 12.90 26.53
C ASP A 274 -24.90 11.57 26.94
N GLU A 275 -23.74 11.27 26.36
CA GLU A 275 -23.03 10.01 26.69
C GLU A 275 -22.82 9.85 28.20
N VAL A 276 -22.44 10.93 28.87
CA VAL A 276 -22.17 10.90 30.30
C VAL A 276 -23.44 10.65 31.11
N LEU A 277 -24.52 11.34 30.76
CA LEU A 277 -25.78 11.17 31.47
C LEU A 277 -26.32 9.75 31.38
N ASN A 278 -26.14 9.12 30.23
CA ASN A 278 -26.57 7.72 30.02
C ASN A 278 -25.86 6.79 30.99
N VAL A 279 -24.58 7.06 31.21
CA VAL A 279 -23.80 6.23 32.09
C VAL A 279 -24.14 6.46 33.55
N PHE A 280 -24.13 7.70 34.00
CA PHE A 280 -24.26 7.99 35.44
C PHE A 280 -25.66 8.23 35.95
N GLN A 281 -26.51 8.83 35.13
CA GLN A 281 -27.89 9.04 35.52
C GLN A 281 -28.73 7.82 35.17
N LYS A 282 -28.92 7.56 33.88
CA LYS A 282 -29.85 6.51 33.45
C LYS A 282 -29.44 5.14 33.97
N HIS A 283 -28.19 4.76 33.72
CA HIS A 283 -27.61 3.55 34.29
C HIS A 283 -27.05 3.93 35.65
N LEU A 284 -27.21 3.07 36.63
CA LEU A 284 -26.58 3.25 37.95
C LEU A 284 -27.01 4.51 38.74
N GLY A 285 -28.28 4.85 38.67
CA GLY A 285 -28.89 5.84 39.59
C GLY A 285 -28.22 7.20 39.56
N ALA A 286 -27.49 7.54 40.64
CA ALA A 286 -26.65 8.75 40.70
C ALA A 286 -27.37 10.11 40.57
N LYS A 287 -27.20 10.96 41.57
CA LYS A 287 -27.65 12.35 41.51
C LYS A 287 -26.68 13.10 40.61
N VAL A 288 -27.16 13.60 39.48
CA VAL A 288 -26.34 14.41 38.56
C VAL A 288 -26.94 15.80 38.36
N ILE A 289 -26.19 16.85 38.70
CA ILE A 289 -26.65 18.22 38.50
C ILE A 289 -26.02 18.81 37.25
N CYS A 290 -26.86 19.22 36.31
CA CYS A 290 -26.38 19.85 35.09
C CYS A 290 -26.31 21.35 35.26
N VAL A 291 -25.13 21.92 35.04
CA VAL A 291 -24.94 23.36 35.10
C VAL A 291 -24.64 23.83 33.69
N ASP A 292 -25.23 24.96 33.29
CA ASP A 292 -25.10 25.42 31.90
C ASP A 292 -23.74 26.03 31.60
N ALA A 293 -23.37 27.11 32.28
CA ALA A 293 -22.02 27.69 32.15
C ALA A 293 -21.57 28.04 30.72
N LYS A 294 -22.42 27.80 29.73
CA LYS A 294 -22.02 27.92 28.34
C LYS A 294 -21.79 29.38 27.94
N ASP A 295 -22.74 30.25 28.34
CA ASP A 295 -22.61 31.70 28.16
C ASP A 295 -21.50 32.27 29.04
N ARG A 296 -21.32 31.68 30.22
CA ARG A 296 -20.32 32.15 31.16
C ARG A 296 -18.93 32.03 30.55
N PHE A 297 -18.64 30.86 29.99
CA PHE A 297 -17.32 30.57 29.40
C PHE A 297 -17.00 31.38 28.13
N MET A 298 -18.01 31.71 27.33
CA MET A 298 -17.80 32.48 26.09
C MET A 298 -17.38 33.92 26.42
N LYS A 299 -18.06 34.52 27.39
CA LYS A 299 -17.53 35.70 28.08
C LYS A 299 -16.35 35.16 28.86
N ALA A 300 -15.43 36.00 29.32
CA ALA A 300 -14.24 35.50 30.02
C ALA A 300 -13.19 34.93 29.06
N LEU A 301 -13.63 34.39 27.93
CA LEU A 301 -12.76 34.08 26.81
C LEU A 301 -13.07 34.99 25.61
N LYS A 302 -13.88 36.02 25.83
CA LYS A 302 -14.41 36.88 24.75
C LYS A 302 -13.32 37.54 23.90
N GLY A 303 -12.22 37.94 24.53
CA GLY A 303 -11.02 38.39 23.78
C GLY A 303 -10.07 37.21 23.70
N ILE A 304 -8.84 37.40 24.16
CA ILE A 304 -7.96 36.28 24.54
C ILE A 304 -7.60 35.33 23.38
N SER A 305 -6.55 35.71 22.66
CA SER A 305 -5.99 34.90 21.59
C SER A 305 -4.82 34.07 22.09
N ASP A 306 -4.04 34.63 23.02
CA ASP A 306 -2.91 33.93 23.63
C ASP A 306 -3.36 32.56 24.17
N PRO A 307 -2.80 31.47 23.63
CA PRO A 307 -3.29 30.17 24.02
C PRO A 307 -2.97 29.81 25.47
N GLU A 308 -1.96 30.45 26.06
CA GLU A 308 -1.61 30.19 27.44
C GLU A 308 -2.60 30.88 28.38
N GLU A 309 -3.12 32.02 27.96
CA GLU A 309 -4.12 32.72 28.76
C GLU A 309 -5.50 32.07 28.61
N LYS A 310 -5.73 31.38 27.49
CA LYS A 310 -6.96 30.61 27.30
C LYS A 310 -7.00 29.50 28.32
N ARG A 311 -5.89 28.78 28.42
CA ARG A 311 -5.73 27.69 29.40
C ARG A 311 -5.93 28.14 30.84
N LYS A 312 -5.51 29.36 31.16
CA LYS A 312 -5.66 29.87 32.51
C LYS A 312 -7.12 30.18 32.79
N ILE A 313 -7.72 31.02 31.93
CA ILE A 313 -9.09 31.51 32.11
C ILE A 313 -10.07 30.35 32.17
N ALA A 314 -10.04 29.49 31.16
CA ALA A 314 -10.78 28.24 31.22
C ALA A 314 -10.01 27.39 32.20
N GLY A 315 -10.66 26.86 33.21
CA GLY A 315 -9.91 26.14 34.25
C GLY A 315 -9.94 26.93 35.54
N GLU A 316 -9.69 28.23 35.46
CA GLU A 316 -10.03 29.12 36.57
C GLU A 316 -11.54 29.12 36.72
N GLN A 317 -12.21 29.52 35.63
CA GLN A 317 -13.66 29.55 35.54
C GLN A 317 -14.28 28.18 35.82
N PHE A 318 -13.49 27.13 35.63
CA PHE A 318 -13.90 25.77 35.99
C PHE A 318 -13.94 25.57 37.50
N ILE A 319 -12.85 25.91 38.19
CA ILE A 319 -12.81 25.68 39.63
C ILE A 319 -13.81 26.60 40.34
N ARG A 320 -13.96 27.82 39.82
CA ARG A 320 -14.98 28.74 40.33
C ARG A 320 -16.37 28.12 40.34
N VAL A 321 -16.76 27.51 39.22
CA VAL A 321 -18.10 26.93 39.09
C VAL A 321 -18.29 25.82 40.11
N PHE A 322 -17.26 24.99 40.26
CA PHE A 322 -17.29 23.90 41.24
C PHE A 322 -17.26 24.37 42.68
N GLU A 323 -16.78 25.59 42.93
CA GLU A 323 -16.79 26.14 44.28
C GLU A 323 -18.16 26.71 44.61
N GLU A 324 -18.80 27.30 43.60
CA GLU A 324 -20.13 27.87 43.74
C GLU A 324 -21.14 26.79 44.07
N GLN A 325 -21.21 25.76 43.22
CA GLN A 325 -21.85 24.51 43.61
C GLN A 325 -20.99 23.99 44.76
N ALA A 326 -21.58 23.65 45.90
CA ALA A 326 -20.78 23.25 47.07
C ALA A 326 -20.86 24.32 48.15
N LYS A 327 -20.66 25.58 47.74
CA LYS A 327 -20.97 26.74 48.56
C LYS A 327 -22.41 27.11 48.19
N LYS A 328 -23.31 26.13 48.34
CA LYS A 328 -24.66 26.21 47.80
C LYS A 328 -25.44 24.97 48.20
N LEU A 329 -24.85 23.80 47.92
CA LEU A 329 -25.35 22.54 48.42
C LEU A 329 -24.67 22.14 49.75
N ASN A 330 -23.96 23.10 50.35
CA ASN A 330 -23.33 22.93 51.66
C ASN A 330 -22.35 21.75 51.74
N VAL A 331 -21.73 21.43 50.62
CA VAL A 331 -20.83 20.28 50.50
C VAL A 331 -19.38 20.71 50.80
N LYS A 332 -18.71 19.97 51.67
CA LYS A 332 -17.36 20.34 52.14
C LYS A 332 -16.23 19.69 51.33
N TRP A 333 -16.51 18.51 50.77
CA TRP A 333 -15.51 17.71 50.06
C TRP A 333 -15.68 17.77 48.55
N LEU A 334 -14.56 17.85 47.83
CA LEU A 334 -14.55 17.80 46.37
C LEU A 334 -13.69 16.63 45.90
N GLY A 335 -14.24 15.82 45.01
CA GLY A 335 -13.52 14.68 44.45
C GLY A 335 -12.94 15.03 43.09
N GLN A 336 -11.64 14.77 42.92
CA GLN A 336 -10.96 15.07 41.67
C GLN A 336 -10.29 13.82 41.11
N GLY A 337 -10.05 13.83 39.81
CA GLY A 337 -9.45 12.72 39.12
C GLY A 337 -7.96 12.88 38.90
N THR A 338 -7.32 13.65 39.76
CA THR A 338 -5.86 13.80 39.72
C THR A 338 -5.22 12.43 39.80
N ILE A 339 -4.31 12.14 38.85
CA ILE A 339 -3.58 10.89 38.83
C ILE A 339 -2.11 11.13 39.17
N TYR A 340 -1.29 10.10 39.15
CA TYR A 340 0.08 10.20 39.63
C TYR A 340 1.00 10.97 38.67
N PRO A 341 0.85 10.76 37.36
CA PRO A 341 1.65 11.56 36.47
C PRO A 341 1.48 13.07 36.63
N ASP A 342 0.24 13.55 36.88
CA ASP A 342 0.08 14.99 37.12
C ASP A 342 0.57 15.40 38.50
N VAL A 343 0.56 14.49 39.46
CA VAL A 343 1.19 14.75 40.76
C VAL A 343 2.70 14.96 40.59
N ILE A 344 3.34 14.08 39.82
CA ILE A 344 4.81 14.12 39.74
C ILE A 344 5.31 15.25 38.85
N GLU A 345 4.43 15.82 38.03
CA GLU A 345 4.75 17.03 37.27
C GLU A 345 4.76 18.28 38.17
N SER A 346 5.91 18.95 38.26
CA SER A 346 6.07 20.13 39.11
C SER A 346 7.14 21.13 38.59
N LYS A 373 -11.84 21.48 50.18
CA LYS A 373 -11.13 20.32 50.77
C LYS A 373 -11.17 19.09 49.85
N LEU A 374 -10.02 18.70 49.30
CA LEU A 374 -9.94 17.68 48.23
C LEU A 374 -9.84 16.22 48.69
N ILE A 375 -10.26 15.33 47.78
CA ILE A 375 -10.09 13.89 47.93
C ILE A 375 -9.71 13.36 46.54
N GLU A 376 -8.49 12.80 46.43
CA GLU A 376 -7.95 12.35 45.15
C GLU A 376 -7.68 10.85 45.20
N PRO A 377 -8.69 10.03 44.85
CA PRO A 377 -8.52 8.59 44.96
C PRO A 377 -7.54 7.99 43.98
N LEU A 378 -7.32 8.62 42.84
CA LEU A 378 -6.46 8.06 41.82
C LEU A 378 -5.04 8.62 41.85
N ARG A 379 -4.71 9.45 42.84
CA ARG A 379 -3.44 10.17 42.85
C ARG A 379 -2.16 9.34 42.99
N GLU A 380 -2.27 8.03 43.19
CA GLU A 380 -1.10 7.12 43.18
C GLU A 380 -1.09 6.26 41.93
N LEU A 381 -2.10 6.39 41.09
CA LEU A 381 -2.29 5.48 39.96
C LEU A 381 -1.81 6.08 38.67
N PHE A 382 -1.21 5.24 37.81
CA PHE A 382 -0.90 5.61 36.44
C PHE A 382 -2.14 5.36 35.57
N LYS A 383 -2.08 5.75 34.31
CA LYS A 383 -3.24 5.68 33.43
C LYS A 383 -3.69 4.26 33.14
N ASP A 384 -2.76 3.32 32.93
CA ASP A 384 -3.06 1.90 32.75
C ASP A 384 -4.02 1.44 33.85
N GLU A 385 -3.66 1.82 35.07
CA GLU A 385 -4.29 1.30 36.27
C GLU A 385 -5.68 1.86 36.39
N VAL A 386 -5.82 3.15 36.15
CA VAL A 386 -7.12 3.81 36.16
C VAL A 386 -8.02 3.09 35.17
N ARG A 387 -7.48 2.77 33.99
CA ARG A 387 -8.25 2.06 33.02
C ARG A 387 -8.65 0.68 33.53
N LYS A 388 -7.72 -0.04 34.14
CA LYS A 388 -8.04 -1.36 34.67
C LYS A 388 -9.07 -1.30 35.79
N LEU A 389 -8.98 -0.29 36.64
CA LEU A 389 -9.98 -0.07 37.69
C LEU A 389 -11.33 0.22 37.06
N GLY A 390 -11.34 1.06 36.03
CA GLY A 390 -12.55 1.44 35.34
C GLY A 390 -13.36 0.25 34.85
N LEU A 391 -12.70 -0.68 34.16
CA LEU A 391 -13.39 -1.86 33.66
C LEU A 391 -13.97 -2.66 34.82
N GLU A 392 -13.15 -2.90 35.84
CA GLU A 392 -13.56 -3.71 36.98
C GLU A 392 -14.69 -3.06 37.79
N LEU A 393 -14.67 -1.74 37.87
CA LEU A 393 -15.73 -0.99 38.53
C LEU A 393 -17.05 -1.02 37.75
N GLY A 394 -16.99 -1.36 36.47
CA GLY A 394 -18.19 -1.55 35.66
C GLY A 394 -18.45 -0.48 34.62
N LEU A 395 -17.46 0.34 34.32
CA LEU A 395 -17.62 1.33 33.25
C LEU A 395 -17.48 0.63 31.91
N PRO A 396 -18.17 1.14 30.88
CA PRO A 396 -18.18 0.50 29.57
C PRO A 396 -16.88 0.68 28.81
N ALA A 397 -16.48 -0.33 28.04
CA ALA A 397 -15.22 -0.33 27.33
C ALA A 397 -14.97 0.95 26.52
N ASP A 398 -15.97 1.38 25.76
CA ASP A 398 -15.80 2.49 24.84
C ASP A 398 -15.49 3.81 25.54
N LEU A 399 -15.93 3.95 26.79
CA LEU A 399 -15.57 5.09 27.63
C LEU A 399 -14.15 4.94 28.16
N ILE A 400 -13.77 3.72 28.53
CA ILE A 400 -12.48 3.45 29.16
C ILE A 400 -11.33 3.72 28.21
N TYR A 401 -11.42 3.21 26.98
CA TYR A 401 -10.36 3.32 25.99
C TYR A 401 -10.56 4.48 25.00
N ARG A 402 -11.32 5.49 25.41
CA ARG A 402 -11.53 6.67 24.58
C ARG A 402 -10.24 7.48 24.50
N HIS A 403 -10.05 8.22 23.40
CA HIS A 403 -8.87 9.07 23.23
C HIS A 403 -8.84 10.16 24.31
N PRO A 404 -7.64 10.54 24.79
CA PRO A 404 -7.56 11.61 25.76
C PRO A 404 -8.16 12.90 25.24
N PHE A 405 -8.71 13.69 26.15
CA PHE A 405 -9.32 14.97 25.83
C PHE A 405 -8.71 15.99 26.77
N PRO A 406 -8.29 17.15 26.24
CA PRO A 406 -7.55 18.08 27.08
C PRO A 406 -8.45 18.75 28.11
N GLY A 407 -7.84 19.17 29.22
CA GLY A 407 -8.56 19.86 30.31
C GLY A 407 -9.33 21.07 29.83
N PRO A 408 -8.67 22.01 29.14
CA PRO A 408 -9.38 23.17 28.61
C PRO A 408 -10.32 22.82 27.46
N GLY A 409 -10.26 21.59 26.98
CA GLY A 409 -11.20 21.10 25.98
C GLY A 409 -11.01 21.82 24.67
N LEU A 410 -12.11 22.11 24.01
CA LEU A 410 -12.08 22.71 22.68
C LEU A 410 -11.57 24.16 22.66
N ALA A 411 -11.21 24.73 23.81
CA ALA A 411 -10.65 26.08 23.85
C ALA A 411 -9.26 26.09 23.22
N ILE A 412 -8.57 24.95 23.26
CA ILE A 412 -7.49 24.68 22.31
C ILE A 412 -8.25 24.27 21.05
N ARG A 413 -7.58 23.81 20.00
CA ARG A 413 -8.30 23.32 18.80
C ARG A 413 -9.04 24.40 18.03
N ILE A 414 -9.15 25.58 18.64
CA ILE A 414 -9.45 26.80 17.95
C ILE A 414 -8.20 27.66 18.13
N LEU A 415 -7.58 28.08 17.02
CA LEU A 415 -6.32 28.81 17.07
C LEU A 415 -6.49 30.23 17.56
N GLY A 416 -7.46 30.95 17.00
CA GLY A 416 -7.67 32.35 17.37
C GLY A 416 -8.43 32.49 18.67
N GLU A 417 -9.22 33.56 18.74
CA GLU A 417 -10.19 33.74 19.81
C GLU A 417 -11.23 32.63 19.69
N VAL A 418 -11.67 32.10 20.82
CA VAL A 418 -12.78 31.14 20.83
C VAL A 418 -14.10 31.92 20.89
N SER A 419 -15.11 31.45 20.18
CA SER A 419 -16.25 32.32 19.82
C SER A 419 -17.66 31.73 19.99
N ALA A 420 -17.86 30.44 19.67
CA ALA A 420 -19.20 29.81 19.69
C ALA A 420 -19.68 29.59 18.27
N GLU A 421 -19.69 30.67 17.48
CA GLU A 421 -19.86 30.55 16.04
C GLU A 421 -18.88 29.50 15.54
N TYR A 422 -17.66 29.56 16.08
CA TYR A 422 -16.60 28.66 15.69
C TYR A 422 -16.70 27.29 16.35
N ILE A 423 -17.10 27.21 17.61
CA ILE A 423 -17.17 25.89 18.27
C ILE A 423 -18.23 25.03 17.60
N ASN A 424 -19.34 25.65 17.21
CA ASN A 424 -20.43 24.92 16.57
C ASN A 424 -20.02 24.26 15.26
N ILE A 425 -19.19 24.93 14.46
CA ILE A 425 -18.73 24.34 13.20
C ILE A 425 -17.58 23.35 13.44
N LEU A 426 -16.74 23.60 14.45
CA LEU A 426 -15.71 22.64 14.84
C LEU A 426 -16.34 21.35 15.37
N LYS A 427 -17.41 21.48 16.14
CA LYS A 427 -18.10 20.31 16.69
C LYS A 427 -18.52 19.33 15.61
N GLN A 428 -18.93 19.85 14.46
CA GLN A 428 -19.44 19.04 13.36
C GLN A 428 -18.34 18.35 12.57
N ALA A 429 -17.25 19.06 12.30
CA ALA A 429 -16.11 18.47 11.58
C ALA A 429 -15.51 17.36 12.43
N ASP A 430 -15.35 17.64 13.72
CA ASP A 430 -14.81 16.68 14.67
C ASP A 430 -15.71 15.46 14.79
N ALA A 431 -17.01 15.69 14.87
CA ALA A 431 -17.97 14.60 14.96
C ALA A 431 -17.81 13.69 13.75
N ILE A 432 -17.82 14.29 12.57
CA ILE A 432 -17.69 13.55 11.31
C ILE A 432 -16.41 12.73 11.30
N PHE A 433 -15.33 13.36 11.75
CA PHE A 433 -14.02 12.72 11.69
C PHE A 433 -14.02 11.45 12.53
N ILE A 434 -14.48 11.53 13.78
CA ILE A 434 -14.47 10.33 14.63
C ILE A 434 -15.60 9.37 14.30
N GLU A 435 -16.62 9.81 13.57
CA GLU A 435 -17.72 8.92 13.19
C GLU A 435 -17.19 7.87 12.21
N GLU A 436 -16.59 8.34 11.12
CA GLU A 436 -15.62 7.55 10.37
C GLU A 436 -14.48 7.32 11.35
N LEU A 437 -13.67 6.29 11.13
CA LEU A 437 -12.74 5.77 12.17
C LEU A 437 -13.51 4.72 12.97
N LYS A 438 -14.61 5.14 13.59
CA LYS A 438 -15.52 4.19 14.23
C LYS A 438 -16.15 3.24 13.21
N LYS A 439 -16.59 3.79 12.08
CA LYS A 439 -17.19 3.00 11.01
C LYS A 439 -16.17 2.16 10.22
N SER A 440 -14.90 2.51 10.31
CA SER A 440 -13.85 1.78 9.58
C SER A 440 -12.84 1.13 10.53
N ASP A 441 -13.23 0.94 11.78
CA ASP A 441 -12.36 0.35 12.82
C ASP A 441 -10.93 0.89 12.87
N TYR A 442 -10.72 2.09 12.35
CA TYR A 442 -9.41 2.75 12.40
C TYR A 442 -9.19 3.50 13.73
N TYR A 443 -10.28 3.75 14.46
CA TYR A 443 -10.26 4.58 15.68
C TYR A 443 -9.23 4.11 16.70
N HIS A 444 -9.21 2.80 16.97
CA HIS A 444 -8.33 2.27 18.00
C HIS A 444 -6.95 1.94 17.49
N GLN A 445 -6.71 2.17 16.20
CA GLN A 445 -5.38 1.99 15.62
C GLN A 445 -4.59 3.30 15.68
N VAL A 446 -5.18 4.35 16.26
CA VAL A 446 -4.50 5.62 16.49
C VAL A 446 -4.59 6.00 17.98
N SER A 447 -3.57 6.68 18.49
CA SER A 447 -3.53 7.10 19.90
C SER A 447 -4.44 8.30 20.21
N GLN A 448 -4.69 9.12 19.18
CA GLN A 448 -5.41 10.37 19.35
C GLN A 448 -5.88 10.86 17.97
N ALA A 449 -7.04 11.49 17.91
CA ALA A 449 -7.59 11.97 16.64
C ALA A 449 -8.61 13.06 16.86
N PHE A 450 -8.42 14.20 16.21
CA PHE A 450 -9.32 15.35 16.36
C PHE A 450 -9.22 16.38 15.22
N ALA A 451 -10.17 17.31 15.20
CA ALA A 451 -10.19 18.42 14.24
C ALA A 451 -9.80 19.72 14.93
N VAL A 452 -9.03 20.56 14.24
CA VAL A 452 -8.79 21.93 14.72
C VAL A 452 -9.32 22.92 13.70
N PHE A 453 -9.65 24.11 14.18
CA PHE A 453 -10.29 25.17 13.41
C PHE A 453 -9.36 26.37 13.31
N MET A 454 -8.95 26.68 12.08
CA MET A 454 -8.13 27.85 11.78
C MET A 454 -9.08 28.92 11.23
N PRO A 455 -9.07 30.12 11.81
CA PRO A 455 -9.96 31.16 11.33
C PRO A 455 -9.35 31.95 10.17
N LEU A 456 -8.91 31.27 9.11
CA LEU A 456 -8.17 31.95 8.06
C LEU A 456 -8.91 32.09 6.74
N LYS A 457 -9.75 31.12 6.38
CA LYS A 457 -10.60 31.28 5.18
C LYS A 457 -9.82 31.09 3.85
N SER A 458 -10.40 30.32 2.94
CA SER A 458 -9.84 30.11 1.62
C SER A 458 -10.97 29.89 0.62
N VAL A 459 -10.63 29.79 -0.66
CA VAL A 459 -11.62 29.61 -1.73
C VAL A 459 -11.87 28.12 -2.01
N TYR A 468 -15.77 31.68 -0.40
CA TYR A 468 -14.68 31.44 0.54
C TYR A 468 -15.18 30.92 1.88
N GLY A 469 -14.30 30.25 2.62
CA GLY A 469 -14.66 29.67 3.92
C GLY A 469 -13.50 29.13 4.75
N TYR A 470 -13.77 28.89 6.04
CA TYR A 470 -12.73 28.56 7.01
C TYR A 470 -12.02 27.24 6.73
N ILE A 471 -10.86 27.06 7.34
CA ILE A 471 -10.06 25.87 7.11
C ILE A 471 -10.08 24.99 8.35
N ILE A 472 -10.22 23.69 8.15
CA ILE A 472 -10.18 22.72 9.23
C ILE A 472 -8.90 21.91 9.09
N ALA A 473 -8.21 21.66 10.19
CA ALA A 473 -7.05 20.78 10.18
C ALA A 473 -7.40 19.52 10.93
N LEU A 474 -6.96 18.38 10.40
CA LEU A 474 -7.16 17.09 11.06
C LEU A 474 -5.85 16.62 11.67
N ARG A 475 -5.93 16.12 12.89
CA ARG A 475 -4.77 15.64 13.64
C ARG A 475 -5.02 14.23 14.09
N ALA A 476 -4.09 13.33 13.78
CA ALA A 476 -4.16 11.96 14.27
C ALA A 476 -2.77 11.39 14.36
N VAL A 477 -2.44 10.83 15.53
CA VAL A 477 -1.09 10.35 15.84
C VAL A 477 -1.12 8.95 16.45
N LYS A 478 0.08 8.38 16.64
CA LYS A 478 0.24 7.00 17.08
C LYS A 478 1.47 6.86 17.96
N GLN A 486 4.80 11.09 15.15
CA GLN A 486 4.33 9.82 14.60
C GLN A 486 2.90 9.97 14.05
N TRP A 487 2.72 10.87 13.09
CA TRP A 487 1.41 11.11 12.50
C TRP A 487 0.94 9.88 11.75
N ALA A 488 -0.36 9.60 11.85
CA ALA A 488 -0.91 8.32 11.40
C ALA A 488 -1.02 8.22 9.89
N ASP A 489 -0.63 7.07 9.35
CA ASP A 489 -0.59 6.84 7.91
C ASP A 489 -1.92 6.25 7.47
N LEU A 490 -2.98 7.04 7.56
CA LEU A 490 -4.32 6.59 7.17
C LEU A 490 -4.44 6.52 5.63
N PRO A 491 -5.34 5.66 5.12
CA PRO A 491 -5.39 5.42 3.68
C PRO A 491 -6.02 6.57 2.92
N HIS A 492 -5.43 6.91 1.79
CA HIS A 492 -5.88 8.00 0.95
C HIS A 492 -7.41 8.06 0.82
N GLU A 493 -8.01 6.99 0.32
CA GLU A 493 -9.45 6.98 0.00
C GLU A 493 -10.30 7.26 1.25
N PHE A 494 -9.83 6.80 2.40
CA PHE A 494 -10.53 7.08 3.64
C PHE A 494 -10.45 8.55 4.02
N LEU A 495 -9.24 9.12 3.94
CA LEU A 495 -9.07 10.55 4.21
C LEU A 495 -9.94 11.37 3.29
N SER A 496 -9.95 11.02 2.00
CA SER A 496 -10.77 11.70 1.02
C SER A 496 -12.22 11.74 1.48
N LYS A 497 -12.74 10.59 1.91
CA LYS A 497 -14.14 10.50 2.35
C LYS A 497 -14.42 11.39 3.57
N VAL A 498 -13.43 11.55 4.44
CA VAL A 498 -13.58 12.41 5.61
C VAL A 498 -13.54 13.88 5.21
N SER A 499 -12.57 14.25 4.38
CA SER A 499 -12.45 15.63 3.88
C SER A 499 -13.63 16.05 3.03
N HIS A 500 -14.01 15.17 2.09
CA HIS A 500 -15.16 15.37 1.20
C HIS A 500 -16.42 15.70 2.00
N ARG A 501 -16.62 14.97 3.09
CA ARG A 501 -17.84 15.11 3.90
C ARG A 501 -17.85 16.39 4.73
N ILE A 502 -16.73 16.70 5.37
CA ILE A 502 -16.61 17.92 6.17
C ILE A 502 -16.93 19.17 5.35
N VAL A 503 -16.37 19.26 4.14
CA VAL A 503 -16.57 20.46 3.31
C VAL A 503 -18.00 20.52 2.74
N ASN A 504 -18.52 19.36 2.33
CA ASN A 504 -19.86 19.29 1.74
C ASN A 504 -20.97 19.50 2.77
N GLU A 505 -20.90 18.76 3.88
CA GLU A 505 -21.97 18.79 4.87
C GLU A 505 -21.96 20.09 5.67
N ILE A 506 -20.79 20.49 6.14
CA ILE A 506 -20.64 21.76 6.81
C ILE A 506 -20.40 22.84 5.75
N LYS A 507 -21.40 23.66 5.50
CA LYS A 507 -21.19 24.86 4.69
C LYS A 507 -20.22 25.74 5.46
N GLU A 508 -19.94 26.93 4.96
CA GLU A 508 -19.03 27.86 5.62
C GLU A 508 -17.67 27.23 6.01
N VAL A 509 -17.24 26.18 5.33
CA VAL A 509 -15.89 25.65 5.53
C VAL A 509 -15.00 25.79 4.29
N SER A 510 -15.17 24.95 3.27
CA SER A 510 -14.23 24.91 2.14
C SER A 510 -12.83 24.50 2.57
N ARG A 511 -12.39 23.33 2.11
CA ARG A 511 -11.00 22.86 2.30
C ARG A 511 -10.64 22.41 3.73
N VAL A 512 -10.11 21.19 3.85
CA VAL A 512 -9.58 20.64 5.10
C VAL A 512 -8.13 20.18 4.87
N VAL A 513 -7.33 20.18 5.94
CA VAL A 513 -5.93 19.79 5.87
C VAL A 513 -5.56 18.80 6.97
N TYR A 514 -4.43 18.14 6.80
CA TYR A 514 -3.99 17.04 7.66
C TYR A 514 -2.59 17.33 8.16
N ASP A 515 -2.43 17.31 9.48
CA ASP A 515 -1.14 17.56 10.10
C ASP A 515 -0.18 16.42 9.81
N MET A 516 1.02 16.77 9.33
CA MET A 516 2.07 15.79 8.99
C MET A 516 3.32 16.00 9.85
N THR A 517 3.16 16.35 11.11
CA THR A 517 4.30 16.74 11.92
C THR A 517 4.40 15.89 13.19
N ASN A 518 5.59 15.39 13.48
CA ASN A 518 5.79 14.34 14.49
C ASN A 518 5.90 14.82 15.93
N LYS A 519 5.87 13.86 16.86
CA LYS A 519 5.99 14.09 18.31
C LYS A 519 7.21 14.91 18.70
N PRO A 520 8.42 14.51 18.22
CA PRO A 520 9.60 15.34 18.49
C PRO A 520 9.49 16.82 18.05
N PRO A 521 9.34 17.11 16.74
CA PRO A 521 9.39 18.53 16.35
C PRO A 521 8.22 19.38 16.85
N ALA A 522 7.01 18.87 16.73
CA ALA A 522 5.80 19.60 17.15
C ALA A 522 5.04 18.84 18.23
N THR A 523 4.30 19.60 19.04
CA THR A 523 3.43 19.03 20.06
C THR A 523 2.22 18.35 19.40
N ILE A 524 1.53 17.49 20.14
CA ILE A 524 0.39 16.74 19.59
C ILE A 524 -0.79 17.68 19.42
N GLU A 525 -1.17 18.35 20.50
CA GLU A 525 -2.15 19.44 20.44
C GLU A 525 -1.49 20.68 19.86
N TRP A 526 -2.28 21.54 19.24
CA TRP A 526 -1.81 22.84 18.79
C TRP A 526 -2.01 23.82 19.94
N ILE B 8 -3.46 28.42 -44.43
CA ILE B 8 -3.62 28.04 -43.00
C ILE B 8 -4.92 28.65 -42.44
N HIS B 9 -5.51 27.99 -41.44
CA HIS B 9 -6.86 28.30 -40.92
C HIS B 9 -7.96 27.94 -41.91
N GLN B 10 -7.58 27.32 -43.04
CA GLN B 10 -8.49 27.21 -44.17
C GLN B 10 -9.58 26.17 -43.96
N HIS B 11 -9.33 25.22 -43.06
CA HIS B 11 -10.36 24.27 -42.65
C HIS B 11 -10.64 24.53 -41.18
N ARG B 12 -11.90 24.63 -40.82
CA ARG B 12 -12.25 25.01 -39.45
C ARG B 12 -13.59 24.50 -38.96
N ILE B 13 -13.60 24.10 -37.69
CA ILE B 13 -14.76 23.55 -37.01
C ILE B 13 -15.24 24.54 -35.98
N LEU B 14 -16.55 24.74 -35.88
CA LEU B 14 -17.12 25.56 -34.84
C LEU B 14 -17.65 24.65 -33.75
N ILE B 15 -17.36 24.99 -32.50
CA ILE B 15 -17.90 24.25 -31.36
C ILE B 15 -18.77 25.17 -30.50
N LEU B 16 -20.06 24.88 -30.44
CA LEU B 16 -20.97 25.64 -29.57
C LEU B 16 -20.94 25.06 -28.17
N ASP B 17 -20.85 25.94 -27.16
CA ASP B 17 -20.68 25.56 -25.76
C ASP B 17 -22.03 25.70 -25.04
N PHE B 18 -22.63 24.58 -24.65
CA PHE B 18 -23.87 24.59 -23.88
C PHE B 18 -23.64 24.34 -22.37
N GLY B 19 -22.51 24.81 -21.85
CA GLY B 19 -22.06 24.47 -20.48
C GLY B 19 -21.18 23.26 -20.61
N SER B 20 -20.89 22.57 -19.52
CA SER B 20 -20.13 21.29 -19.55
C SER B 20 -18.63 21.45 -19.40
N GLN B 21 -18.08 20.74 -18.41
CA GLN B 21 -16.63 20.67 -18.19
C GLN B 21 -15.92 20.46 -19.52
N TYR B 22 -16.48 19.55 -20.32
CA TYR B 22 -15.79 19.02 -21.48
C TYR B 22 -15.99 19.81 -22.78
N ALA B 23 -16.51 21.03 -22.70
CA ALA B 23 -16.65 21.88 -23.89
C ALA B 23 -15.30 22.07 -24.56
N GLN B 24 -14.42 22.80 -23.87
CA GLN B 24 -13.00 22.75 -24.16
C GLN B 24 -12.62 21.33 -23.89
N LEU B 25 -11.83 20.74 -24.77
CA LEU B 25 -11.53 19.29 -24.75
C LEU B 25 -12.11 18.69 -26.00
N ILE B 26 -13.35 19.04 -26.34
CA ILE B 26 -13.81 18.79 -27.70
C ILE B 26 -12.86 19.57 -28.59
N ALA B 27 -12.69 20.83 -28.27
CA ALA B 27 -11.78 21.71 -29.00
C ALA B 27 -10.41 21.10 -29.08
N ARG B 28 -9.87 20.72 -27.94
CA ARG B 28 -8.51 20.20 -27.89
C ARG B 28 -8.35 18.95 -28.73
N ARG B 29 -9.33 18.05 -28.64
CA ARG B 29 -9.31 16.81 -29.45
C ARG B 29 -9.30 17.13 -30.93
N VAL B 30 -10.16 18.05 -31.35
CA VAL B 30 -10.22 18.47 -32.74
C VAL B 30 -8.88 19.05 -33.19
N ARG B 31 -8.22 19.77 -32.28
CA ARG B 31 -6.92 20.39 -32.57
C ARG B 31 -5.84 19.33 -32.70
N GLU B 32 -5.89 18.32 -31.84
CA GLU B 32 -4.95 17.21 -31.93
C GLU B 32 -5.10 16.45 -33.25
N ILE B 33 -6.33 16.36 -33.75
CA ILE B 33 -6.61 15.69 -35.01
C ILE B 33 -5.98 16.47 -36.19
N GLY B 34 -5.68 17.74 -35.97
CA GLY B 34 -4.96 18.54 -36.97
C GLY B 34 -5.82 19.57 -37.67
N VAL B 35 -6.94 19.95 -37.07
CA VAL B 35 -7.85 20.91 -37.67
C VAL B 35 -8.15 22.06 -36.72
N TYR B 36 -8.12 23.28 -37.23
CA TYR B 36 -8.41 24.45 -36.42
C TYR B 36 -9.86 24.49 -35.98
N CYS B 37 -10.12 25.07 -34.83
CA CYS B 37 -11.49 25.21 -34.35
C CYS B 37 -11.60 26.32 -33.32
N GLU B 38 -12.78 26.90 -33.20
CA GLU B 38 -13.04 27.87 -32.15
C GLU B 38 -14.21 27.40 -31.28
N LEU B 39 -14.30 27.96 -30.09
CA LEU B 39 -15.33 27.60 -29.14
C LEU B 39 -16.15 28.84 -28.81
N MET B 40 -17.39 28.89 -29.29
CA MET B 40 -18.27 30.01 -29.03
C MET B 40 -19.41 29.59 -28.10
N PRO B 41 -19.97 30.54 -27.35
CA PRO B 41 -21.16 30.24 -26.57
C PRO B 41 -22.39 30.05 -27.46
N CYS B 42 -23.23 29.09 -27.11
CA CYS B 42 -24.42 28.75 -27.91
C CYS B 42 -25.35 29.93 -28.21
N ASP B 43 -25.39 30.90 -27.30
CA ASP B 43 -26.26 32.08 -27.46
C ASP B 43 -25.67 33.11 -28.43
N ILE B 44 -24.51 32.82 -29.02
CA ILE B 44 -23.90 33.74 -29.97
C ILE B 44 -24.77 33.80 -31.23
N ASP B 45 -24.71 34.95 -31.90
CA ASP B 45 -25.65 35.26 -32.97
C ASP B 45 -25.19 34.77 -34.34
N GLU B 46 -26.14 34.34 -35.16
CA GLU B 46 -25.95 34.23 -36.62
C GLU B 46 -25.35 35.56 -37.10
N GLU B 47 -24.31 35.46 -37.93
CA GLU B 47 -23.35 36.56 -38.20
C GLU B 47 -22.37 36.50 -37.03
N THR B 48 -21.13 36.13 -37.35
CA THR B 48 -20.33 35.27 -36.50
C THR B 48 -21.03 33.95 -36.72
N ILE B 49 -20.28 32.92 -37.11
CA ILE B 49 -20.84 31.66 -37.65
C ILE B 49 -20.92 31.79 -39.16
N ARG B 50 -21.66 32.78 -39.64
CA ARG B 50 -21.63 33.11 -41.05
C ARG B 50 -20.23 33.62 -41.40
N ASP B 51 -19.74 34.59 -40.62
CA ASP B 51 -18.43 35.17 -40.84
C ASP B 51 -17.32 34.17 -40.55
N PHE B 52 -17.55 33.30 -39.58
CA PHE B 52 -16.61 32.25 -39.27
C PHE B 52 -16.65 31.12 -40.30
N ASN B 53 -17.80 30.94 -40.95
CA ASN B 53 -17.93 30.05 -42.11
C ASN B 53 -17.30 28.67 -41.88
N PRO B 54 -17.87 27.89 -40.96
CA PRO B 54 -17.28 26.60 -40.61
C PRO B 54 -17.51 25.52 -41.64
N HIS B 55 -16.68 24.49 -41.58
CA HIS B 55 -16.79 23.30 -42.41
C HIS B 55 -17.64 22.24 -41.73
N GLY B 56 -17.88 22.44 -40.44
CA GLY B 56 -18.75 21.56 -39.67
C GLY B 56 -18.97 22.14 -38.29
N ILE B 57 -20.00 21.66 -37.59
CA ILE B 57 -20.31 22.15 -36.25
C ILE B 57 -20.44 21.02 -35.24
N ILE B 58 -19.95 21.26 -34.03
CA ILE B 58 -20.16 20.34 -32.92
C ILE B 58 -20.90 21.07 -31.81
N LEU B 59 -21.99 20.48 -31.33
CA LEU B 59 -22.75 20.99 -30.20
C LEU B 59 -22.38 20.18 -28.96
N SER B 60 -21.94 20.84 -27.91
CA SER B 60 -21.43 20.14 -26.73
C SER B 60 -22.52 20.02 -25.67
N GLY B 61 -22.10 20.09 -24.41
CA GLY B 61 -22.88 20.78 -23.40
C GLY B 61 -23.71 20.00 -22.41
N GLY B 62 -24.59 20.75 -21.75
CA GLY B 62 -25.23 20.26 -20.55
C GLY B 62 -24.20 20.38 -19.45
N PRO B 63 -24.42 21.32 -18.51
CA PRO B 63 -23.50 21.37 -17.38
C PRO B 63 -23.71 20.22 -16.39
N GLU B 64 -22.96 20.25 -15.28
CA GLU B 64 -23.09 19.29 -14.18
C GLU B 64 -23.53 17.90 -14.64
N ALA B 74 -30.51 26.03 -27.32
CA ALA B 74 -31.34 26.00 -28.52
C ALA B 74 -30.80 26.97 -29.62
N PRO B 75 -29.80 26.54 -30.41
CA PRO B 75 -28.98 27.37 -31.32
C PRO B 75 -29.66 28.02 -32.54
N ALA B 76 -30.54 27.29 -33.24
CA ALA B 76 -31.57 27.89 -34.15
C ALA B 76 -31.44 27.59 -35.65
N PHE B 77 -30.52 28.28 -36.33
CA PHE B 77 -30.44 28.27 -37.79
C PHE B 77 -29.23 27.50 -38.34
N ILE B 78 -28.42 26.92 -37.45
CA ILE B 78 -27.19 26.24 -37.86
C ILE B 78 -27.44 25.08 -38.83
N PHE B 79 -28.66 24.54 -38.78
CA PHE B 79 -29.05 23.43 -39.64
C PHE B 79 -29.38 23.89 -41.05
N GLU B 80 -29.55 25.21 -41.24
CA GLU B 80 -29.76 25.79 -42.57
C GLU B 80 -28.48 25.76 -43.42
N ILE B 81 -27.32 25.99 -42.80
CA ILE B 81 -26.06 26.00 -43.56
C ILE B 81 -25.77 24.56 -44.02
N GLY B 82 -25.21 24.44 -45.22
CA GLY B 82 -24.93 23.13 -45.78
C GLY B 82 -24.00 22.21 -44.99
N CYS B 83 -23.30 22.74 -43.99
CA CYS B 83 -22.27 21.98 -43.27
C CYS B 83 -22.82 20.92 -42.31
N PRO B 84 -22.05 19.83 -42.10
CA PRO B 84 -22.49 18.80 -41.15
C PRO B 84 -22.54 19.28 -39.71
N VAL B 85 -23.28 18.58 -38.86
CA VAL B 85 -23.40 18.97 -37.46
C VAL B 85 -23.46 17.75 -36.56
N LEU B 86 -22.60 17.73 -35.54
CA LEU B 86 -22.55 16.65 -34.56
C LEU B 86 -23.08 17.13 -33.21
N GLY B 87 -24.01 16.39 -32.63
CA GLY B 87 -24.52 16.71 -31.29
C GLY B 87 -24.00 15.74 -30.24
N ILE B 88 -23.32 16.27 -29.23
CA ILE B 88 -22.90 15.45 -28.09
C ILE B 88 -23.87 15.65 -26.93
N CYS B 89 -24.41 14.54 -26.42
CA CYS B 89 -25.30 14.53 -25.26
C CYS B 89 -26.47 15.51 -25.35
N TYR B 90 -26.47 16.60 -24.59
CA TYR B 90 -27.49 17.63 -24.74
C TYR B 90 -27.56 18.13 -26.18
N GLY B 91 -26.40 18.20 -26.84
CA GLY B 91 -26.32 18.59 -28.25
C GLY B 91 -27.20 17.71 -29.12
N MET B 92 -27.20 16.41 -28.84
CA MET B 92 -28.09 15.48 -29.51
C MET B 92 -29.54 15.82 -29.21
N GLN B 93 -29.86 16.10 -27.94
CA GLN B 93 -31.23 16.44 -27.54
C GLN B 93 -31.78 17.66 -28.26
N THR B 94 -31.08 18.78 -28.15
CA THR B 94 -31.56 20.04 -28.75
C THR B 94 -31.67 19.89 -30.25
N MET B 95 -30.72 19.19 -30.84
CA MET B 95 -30.75 18.88 -32.26
C MET B 95 -32.05 18.16 -32.62
N ALA B 96 -32.42 17.18 -31.79
CA ALA B 96 -33.64 16.41 -31.98
C ALA B 96 -34.84 17.31 -31.80
N TYR B 97 -34.93 17.96 -30.65
CA TYR B 97 -36.02 18.88 -30.30
C TYR B 97 -36.27 19.97 -31.34
N GLN B 98 -35.21 20.51 -31.93
CA GLN B 98 -35.34 21.64 -32.87
C GLN B 98 -35.71 21.23 -34.29
N LEU B 99 -35.40 19.99 -34.63
CA LEU B 99 -35.97 19.35 -35.80
C LEU B 99 -37.23 18.64 -35.26
N GLY B 100 -37.82 17.70 -35.99
CA GLY B 100 -38.97 16.97 -35.43
C GLY B 100 -38.55 16.12 -34.23
N GLY B 101 -39.47 15.48 -33.55
CA GLY B 101 -39.08 14.50 -32.53
C GLY B 101 -39.20 14.95 -31.08
N LYS B 102 -39.27 13.96 -30.19
CA LYS B 102 -39.64 14.16 -28.79
C LYS B 102 -38.45 13.81 -27.92
N VAL B 103 -38.49 14.26 -26.66
CA VAL B 103 -37.34 14.18 -25.77
C VAL B 103 -37.79 14.13 -24.30
N ASN B 104 -36.85 13.95 -23.38
CA ASN B 104 -37.13 13.99 -21.94
C ASN B 104 -36.54 15.21 -21.24
N GLU B 110 -26.54 12.33 -13.89
CA GLU B 110 -26.52 10.88 -14.14
C GLU B 110 -25.64 10.54 -15.36
N PHE B 111 -24.40 10.13 -15.07
CA PHE B 111 -23.39 9.82 -16.09
C PHE B 111 -22.65 8.55 -15.72
N GLY B 112 -22.41 7.65 -16.67
CA GLY B 112 -21.66 6.43 -16.36
C GLY B 112 -21.19 5.63 -17.56
N HIS B 113 -20.47 4.54 -17.30
CA HIS B 113 -20.06 3.61 -18.34
C HIS B 113 -21.29 2.91 -18.90
N ALA B 114 -21.24 2.53 -20.17
CA ALA B 114 -22.32 1.80 -20.82
C ALA B 114 -21.83 1.16 -22.10
N GLN B 115 -22.28 -0.07 -22.37
CA GLN B 115 -21.86 -0.79 -23.57
C GLN B 115 -22.81 -0.46 -24.71
N LEU B 116 -22.30 0.25 -25.71
CA LEU B 116 -23.07 0.70 -26.86
C LEU B 116 -22.97 -0.35 -27.94
N ARG B 117 -24.10 -0.78 -28.50
CA ARG B 117 -24.11 -1.63 -29.68
C ARG B 117 -24.40 -0.75 -30.89
N VAL B 118 -23.56 -0.87 -31.93
CA VAL B 118 -23.71 -0.09 -33.16
C VAL B 118 -24.62 -0.81 -34.16
N LEU B 119 -25.68 -0.14 -34.55
CA LEU B 119 -26.52 -0.56 -35.67
C LEU B 119 -26.12 0.40 -36.79
N ASN B 120 -25.82 -0.11 -37.97
CA ASN B 120 -25.33 0.78 -39.05
C ASN B 120 -24.02 1.51 -38.69
N PRO B 121 -22.86 0.96 -39.15
CA PRO B 121 -21.56 1.61 -38.92
C PRO B 121 -21.38 2.96 -39.64
N ALA B 122 -22.26 3.26 -40.60
CA ALA B 122 -22.43 4.64 -41.04
C ALA B 122 -21.15 5.22 -41.62
N PHE B 123 -20.95 6.51 -41.40
CA PHE B 123 -19.70 7.19 -41.70
C PHE B 123 -18.97 7.45 -40.40
N LEU B 124 -19.74 7.61 -39.32
CA LEU B 124 -19.22 8.05 -38.03
C LEU B 124 -18.62 6.91 -37.20
N PHE B 125 -18.98 5.67 -37.52
CA PHE B 125 -18.47 4.49 -36.81
C PHE B 125 -17.74 3.48 -37.71
N ASP B 126 -17.45 3.82 -38.96
CA ASP B 126 -16.78 2.89 -39.87
C ASP B 126 -15.49 2.37 -39.24
N GLY B 127 -15.40 1.07 -38.99
CA GLY B 127 -14.31 0.51 -38.17
C GLY B 127 -14.69 0.69 -36.72
N ILE B 128 -13.81 1.26 -35.91
CA ILE B 128 -14.15 1.64 -34.52
C ILE B 128 -15.02 0.63 -33.77
N GLU B 129 -14.38 -0.40 -33.22
CA GLU B 129 -15.02 -1.42 -32.41
C GLU B 129 -14.18 -1.70 -31.17
N ASP B 130 -14.82 -1.82 -30.02
CA ASP B 130 -14.13 -2.21 -28.81
C ASP B 130 -14.21 -3.72 -28.64
N GLN B 131 -15.43 -4.25 -28.62
CA GLN B 131 -15.65 -5.70 -28.63
C GLN B 131 -16.57 -6.03 -29.80
N VAL B 132 -16.55 -7.28 -30.24
CA VAL B 132 -17.58 -7.77 -31.14
C VAL B 132 -18.73 -8.20 -30.26
N SER B 133 -19.14 -9.46 -30.22
CA SER B 133 -20.36 -9.84 -29.51
C SER B 133 -20.84 -11.20 -29.93
N PRO B 134 -21.53 -11.92 -29.02
CA PRO B 134 -21.95 -13.28 -29.37
C PRO B 134 -22.76 -13.37 -30.67
N GLN B 135 -23.48 -12.31 -31.02
CA GLN B 135 -24.29 -12.27 -32.24
C GLN B 135 -23.55 -11.66 -33.44
N GLY B 136 -22.29 -11.30 -33.27
CA GLY B 136 -21.46 -10.80 -34.37
C GLY B 136 -21.68 -9.33 -34.67
N GLU B 137 -22.00 -8.55 -33.65
CA GLU B 137 -22.30 -7.14 -33.84
C GLU B 137 -21.31 -6.29 -33.05
N PRO B 138 -21.01 -5.08 -33.53
CA PRO B 138 -19.94 -4.28 -32.98
C PRO B 138 -20.36 -3.53 -31.72
N LEU B 139 -19.48 -3.53 -30.72
CA LEU B 139 -19.76 -2.92 -29.42
C LEU B 139 -18.68 -1.92 -29.03
N LEU B 140 -19.09 -0.76 -28.52
CA LEU B 140 -18.16 0.26 -28.00
C LEU B 140 -18.39 0.52 -26.51
N ASP B 141 -17.31 0.64 -25.76
CA ASP B 141 -17.38 1.14 -24.39
C ASP B 141 -17.43 2.67 -24.44
N VAL B 142 -18.49 3.24 -23.89
CA VAL B 142 -18.71 4.67 -23.93
C VAL B 142 -19.11 5.20 -22.57
N TRP B 143 -19.08 6.52 -22.43
CA TRP B 143 -19.36 7.22 -21.18
C TRP B 143 -20.62 8.04 -21.40
N MET B 144 -21.74 7.44 -21.03
CA MET B 144 -23.07 7.97 -21.35
C MET B 144 -23.49 9.13 -20.46
N SER B 145 -24.31 10.00 -21.04
CA SER B 145 -25.14 10.92 -20.27
C SER B 145 -26.54 10.30 -20.27
N HIS B 146 -26.91 9.69 -19.14
CA HIS B 146 -28.15 8.91 -19.08
C HIS B 146 -29.41 9.77 -19.13
N GLY B 147 -29.26 11.06 -18.82
CA GLY B 147 -30.40 11.98 -18.68
C GLY B 147 -30.85 12.68 -19.96
N ASP B 148 -29.96 12.81 -20.94
CA ASP B 148 -30.27 13.50 -22.19
C ASP B 148 -30.87 12.52 -23.21
N ILE B 149 -31.98 11.89 -22.85
CA ILE B 149 -32.59 10.87 -23.68
C ILE B 149 -33.42 11.52 -24.78
N VAL B 150 -33.58 10.81 -25.90
CA VAL B 150 -34.50 11.21 -26.97
C VAL B 150 -35.56 10.12 -27.20
N SER B 151 -36.83 10.47 -27.02
CA SER B 151 -37.91 9.50 -27.04
C SER B 151 -38.24 9.04 -28.45
N GLU B 152 -38.22 9.95 -29.41
CA GLU B 152 -38.62 9.65 -30.78
C GLU B 152 -37.77 10.38 -31.80
N LEU B 153 -37.30 9.64 -32.81
CA LEU B 153 -36.48 10.17 -33.88
C LEU B 153 -37.19 11.27 -34.68
N PRO B 154 -36.44 12.28 -35.16
CA PRO B 154 -37.00 13.25 -36.09
C PRO B 154 -37.12 12.69 -37.50
N PRO B 155 -37.86 13.38 -38.38
CA PRO B 155 -37.88 13.09 -39.81
C PRO B 155 -36.48 13.12 -40.42
N GLY B 156 -36.19 12.15 -41.27
CA GLY B 156 -34.87 12.06 -41.90
C GLY B 156 -33.85 11.23 -41.13
N PHE B 157 -34.10 11.04 -39.84
CA PHE B 157 -33.14 10.36 -38.95
C PHE B 157 -33.42 8.87 -38.78
N GLU B 158 -32.37 8.10 -38.58
CA GLU B 158 -32.48 6.70 -38.21
C GLU B 158 -31.56 6.38 -37.05
N ALA B 159 -32.02 5.52 -36.13
CA ALA B 159 -31.21 5.14 -34.99
C ALA B 159 -29.97 4.45 -35.49
N THR B 160 -28.83 4.86 -34.98
CA THR B 160 -27.55 4.35 -35.43
C THR B 160 -26.78 3.61 -34.31
N ALA B 161 -27.34 3.52 -33.11
CA ALA B 161 -26.70 2.84 -31.99
C ALA B 161 -27.63 2.78 -30.78
N CYS B 162 -27.51 1.71 -30.00
CA CYS B 162 -28.37 1.53 -28.82
C CYS B 162 -27.63 0.93 -27.62
N THR B 163 -28.22 1.08 -26.45
CA THR B 163 -27.78 0.37 -25.25
C THR B 163 -28.99 -0.31 -24.64
N ASP B 164 -28.73 -1.18 -23.67
CA ASP B 164 -29.79 -1.89 -22.97
C ASP B 164 -30.85 -0.93 -22.40
N ASN B 165 -30.38 0.23 -21.92
CA ASN B 165 -31.24 1.21 -21.27
C ASN B 165 -31.74 2.33 -22.19
N SER B 166 -31.10 2.52 -23.36
CA SER B 166 -31.49 3.58 -24.30
C SER B 166 -31.64 3.07 -25.73
N PRO B 167 -32.89 2.98 -26.22
CA PRO B 167 -33.14 2.46 -27.56
C PRO B 167 -32.49 3.27 -28.68
N LEU B 168 -32.17 4.54 -28.43
CA LEU B 168 -31.50 5.38 -29.42
C LEU B 168 -30.42 6.28 -28.81
N ALA B 169 -29.24 5.67 -28.64
CA ALA B 169 -28.08 6.35 -28.08
C ALA B 169 -27.28 7.08 -29.17
N ALA B 170 -27.70 6.94 -30.42
CA ALA B 170 -27.06 7.64 -31.53
C ALA B 170 -28.06 7.82 -32.68
N MET B 171 -27.90 8.91 -33.43
CA MET B 171 -28.82 9.31 -34.52
C MET B 171 -28.00 9.66 -35.75
N ALA B 172 -28.61 9.58 -36.92
CA ALA B 172 -27.92 10.05 -38.14
C ALA B 172 -28.89 10.40 -39.25
N ASP B 173 -28.67 11.54 -39.89
CA ASP B 173 -29.46 11.92 -41.05
C ASP B 173 -28.87 11.36 -42.34
N PHE B 174 -27.57 11.56 -42.54
CA PHE B 174 -26.87 11.15 -43.78
C PHE B 174 -27.18 12.08 -44.96
N LYS B 175 -28.44 12.35 -45.21
CA LYS B 175 -28.82 13.31 -46.26
C LYS B 175 -28.33 14.71 -45.89
N ARG B 176 -28.68 15.18 -44.69
CA ARG B 176 -28.24 16.47 -44.18
C ARG B 176 -26.93 16.38 -43.42
N ARG B 177 -26.47 15.16 -43.16
CA ARG B 177 -25.24 14.90 -42.41
C ARG B 177 -25.30 15.46 -40.99
N PHE B 178 -26.43 15.22 -40.32
CA PHE B 178 -26.57 15.55 -38.91
C PHE B 178 -26.42 14.26 -38.11
N PHE B 179 -25.64 14.32 -37.03
CA PHE B 179 -25.39 13.15 -36.21
C PHE B 179 -25.53 13.49 -34.73
N GLY B 180 -26.02 12.54 -33.94
CA GLY B 180 -26.15 12.72 -32.50
C GLY B 180 -25.59 11.54 -31.71
N LEU B 181 -25.04 11.81 -30.53
CA LEU B 181 -24.54 10.78 -29.63
C LEU B 181 -25.05 11.07 -28.24
N GLN B 182 -25.47 10.04 -27.51
CA GLN B 182 -25.90 10.20 -26.13
C GLN B 182 -24.70 10.02 -25.18
N PHE B 183 -23.49 10.02 -25.71
CA PHE B 183 -22.28 9.83 -24.91
C PHE B 183 -21.20 10.84 -25.30
N HIS B 184 -20.17 10.92 -24.46
CA HIS B 184 -19.08 11.87 -24.66
C HIS B 184 -17.90 11.20 -25.32
N PRO B 185 -17.66 11.49 -26.60
CA PRO B 185 -16.47 10.93 -27.24
C PRO B 185 -15.17 11.60 -26.84
N GLU B 186 -15.23 12.82 -26.30
CA GLU B 186 -14.02 13.55 -25.91
C GLU B 186 -13.29 12.90 -24.76
N VAL B 187 -14.01 12.24 -23.88
CA VAL B 187 -13.45 11.85 -22.60
C VAL B 187 -12.69 10.54 -22.75
N THR B 188 -11.75 10.28 -21.85
CA THR B 188 -10.92 9.09 -21.93
C THR B 188 -11.73 7.82 -21.65
N HIS B 189 -12.88 7.95 -20.98
CA HIS B 189 -13.70 6.80 -20.61
C HIS B 189 -14.55 6.28 -21.77
N THR B 190 -14.40 6.89 -22.95
CA THR B 190 -14.83 6.25 -24.18
C THR B 190 -13.56 6.08 -25.04
N PRO B 191 -12.85 4.96 -24.84
CA PRO B 191 -11.53 4.76 -25.42
C PRO B 191 -11.40 5.06 -26.91
N GLN B 192 -12.41 4.69 -27.68
CA GLN B 192 -12.42 4.91 -29.13
C GLN B 192 -12.97 6.28 -29.53
N GLY B 193 -13.22 7.15 -28.56
CA GLY B 193 -13.90 8.41 -28.83
C GLY B 193 -13.18 9.35 -29.78
N HIS B 194 -11.85 9.38 -29.70
CA HIS B 194 -11.06 10.26 -30.56
C HIS B 194 -11.17 9.89 -32.01
N ARG B 195 -11.39 8.60 -32.28
CA ARG B 195 -11.52 8.10 -33.64
C ARG B 195 -12.84 8.54 -34.23
N ILE B 196 -13.86 8.56 -33.39
CA ILE B 196 -15.19 8.95 -33.82
C ILE B 196 -15.18 10.41 -34.19
N LEU B 197 -14.54 11.23 -33.35
CA LEU B 197 -14.38 12.65 -33.63
C LEU B 197 -13.57 12.87 -34.89
N ALA B 198 -12.52 12.07 -35.08
CA ALA B 198 -11.68 12.20 -36.25
C ALA B 198 -12.47 11.89 -37.51
N HIS B 199 -13.41 10.95 -37.41
CA HIS B 199 -14.22 10.56 -38.54
C HIS B 199 -15.18 11.66 -38.93
N PHE B 200 -15.70 12.38 -37.94
CA PHE B 200 -16.55 13.52 -38.23
C PHE B 200 -15.73 14.59 -38.93
N VAL B 201 -14.62 15.00 -38.31
CA VAL B 201 -13.84 16.12 -38.81
C VAL B 201 -13.11 15.81 -40.12
N ILE B 202 -12.55 14.62 -40.27
CA ILE B 202 -11.74 14.31 -41.44
C ILE B 202 -12.58 13.83 -42.62
N HIS B 203 -13.57 12.97 -42.37
CA HIS B 203 -14.27 12.28 -43.45
C HIS B 203 -15.62 12.90 -43.81
N ILE B 204 -16.43 13.21 -42.80
CA ILE B 204 -17.76 13.77 -43.01
C ILE B 204 -17.69 15.26 -43.34
N CYS B 205 -16.89 16.01 -42.58
CA CYS B 205 -16.65 17.43 -42.87
C CYS B 205 -15.56 17.64 -43.91
N GLN B 206 -14.84 16.58 -44.27
CA GLN B 206 -13.95 16.60 -45.41
C GLN B 206 -12.74 17.52 -45.22
N CYS B 207 -12.38 17.79 -43.95
CA CYS B 207 -11.26 18.68 -43.62
C CYS B 207 -9.92 17.97 -43.77
N ILE B 208 -8.88 18.77 -43.92
CA ILE B 208 -7.51 18.28 -44.07
C ILE B 208 -6.69 18.71 -42.85
N PRO B 209 -5.91 17.77 -42.27
CA PRO B 209 -5.23 18.08 -41.03
C PRO B 209 -3.97 18.92 -41.24
N ASN B 210 -4.13 20.23 -41.35
CA ASN B 210 -3.01 21.15 -41.57
C ASN B 210 -2.59 21.93 -40.32
N TRP B 211 -3.38 21.83 -39.24
CA TRP B 211 -3.03 22.45 -37.98
C TRP B 211 -1.93 21.63 -37.31
N THR B 212 -0.70 21.85 -37.78
CA THR B 212 0.50 21.19 -37.28
C THR B 212 1.29 22.24 -36.54
N THR B 213 2.18 21.82 -35.65
CA THR B 213 2.93 22.80 -34.86
C THR B 213 3.91 23.55 -35.76
N LYS B 214 4.49 22.87 -36.74
CA LYS B 214 5.43 23.51 -37.68
C LYS B 214 4.76 24.64 -38.47
N HIS B 215 3.55 24.40 -38.93
CA HIS B 215 2.80 25.40 -39.66
C HIS B 215 2.36 26.55 -38.75
N ILE B 216 2.01 26.25 -37.50
CA ILE B 216 1.67 27.32 -36.56
C ILE B 216 2.87 28.24 -36.32
N ILE B 217 4.06 27.66 -36.18
CA ILE B 217 5.27 28.45 -36.00
C ILE B 217 5.51 29.36 -37.19
N GLU B 218 5.30 28.85 -38.40
CA GLU B 218 5.57 29.66 -39.59
C GLU B 218 4.52 30.73 -39.82
N ASP B 219 3.25 30.40 -39.69
CA ASP B 219 2.19 31.38 -39.81
C ASP B 219 2.36 32.47 -38.76
N SER B 220 2.79 32.08 -37.58
CA SER B 220 2.93 33.01 -36.47
C SER B 220 4.11 33.96 -36.64
N ILE B 221 5.25 33.46 -37.11
CA ILE B 221 6.41 34.31 -37.39
C ILE B 221 6.06 35.34 -38.46
N ARG B 222 5.30 34.89 -39.46
CA ARG B 222 4.91 35.75 -40.56
C ARG B 222 3.95 36.81 -40.05
N ASP B 223 3.00 36.40 -39.19
CA ASP B 223 2.05 37.36 -38.66
C ASP B 223 2.74 38.47 -37.84
N ILE B 224 3.78 38.11 -37.09
CA ILE B 224 4.53 39.08 -36.30
C ILE B 224 5.26 40.04 -37.22
N GLN B 225 5.94 39.50 -38.22
CA GLN B 225 6.67 40.30 -39.19
C GLN B 225 5.74 41.27 -39.91
N GLU B 226 4.59 40.78 -40.34
CA GLU B 226 3.59 41.62 -41.02
C GLU B 226 3.16 42.78 -40.15
N LYS B 227 2.98 42.53 -38.87
CA LYS B 227 2.42 43.52 -37.95
C LYS B 227 3.45 44.52 -37.47
N VAL B 228 4.61 44.03 -37.07
CA VAL B 228 5.58 44.89 -36.40
C VAL B 228 6.63 45.49 -37.34
N GLY B 229 6.83 44.88 -38.50
CA GLY B 229 7.84 45.34 -39.43
C GLY B 229 9.20 45.59 -38.78
N LYS B 230 9.74 46.77 -39.00
CA LYS B 230 11.09 47.08 -38.55
C LYS B 230 11.17 47.58 -37.10
N GLU B 231 10.03 47.84 -36.45
CA GLU B 231 10.05 48.42 -35.11
C GLU B 231 10.10 47.39 -33.99
N GLN B 232 10.45 47.85 -32.80
CA GLN B 232 10.83 46.97 -31.70
C GLN B 232 9.67 46.49 -30.87
N VAL B 233 9.89 45.41 -30.14
CA VAL B 233 8.87 44.80 -29.29
C VAL B 233 9.44 44.47 -27.91
N ILE B 234 8.67 44.79 -26.86
CA ILE B 234 8.98 44.40 -25.51
C ILE B 234 8.18 43.16 -25.23
N VAL B 235 8.84 42.13 -24.71
CA VAL B 235 8.16 40.94 -24.22
C VAL B 235 8.56 40.70 -22.77
N GLY B 236 7.57 40.45 -21.92
CA GLY B 236 7.83 40.14 -20.53
C GLY B 236 8.30 38.71 -20.40
N LEU B 237 9.43 38.49 -19.74
CA LEU B 237 9.93 37.14 -19.52
C LEU B 237 9.34 36.55 -18.25
N SER B 238 8.92 37.41 -17.34
CA SER B 238 8.20 36.96 -16.14
C SER B 238 6.91 36.33 -16.64
N GLY B 239 6.67 35.07 -16.29
CA GLY B 239 5.40 34.41 -16.65
C GLY B 239 5.46 32.99 -17.23
N GLY B 240 6.53 32.26 -16.92
CA GLY B 240 6.63 30.85 -17.27
C GLY B 240 6.50 30.55 -18.76
N VAL B 241 5.87 29.42 -19.05
CA VAL B 241 5.91 28.81 -20.38
C VAL B 241 5.33 29.71 -21.48
N ASP B 242 4.20 30.36 -21.18
CA ASP B 242 3.54 31.21 -22.17
C ASP B 242 4.43 32.37 -22.59
N SER B 243 5.04 33.04 -21.60
CA SER B 243 5.98 34.13 -21.87
C SER B 243 7.16 33.64 -22.71
N ALA B 244 7.82 32.60 -22.22
CA ALA B 244 9.00 32.04 -22.87
C ALA B 244 8.77 31.79 -24.35
N VAL B 245 7.69 31.08 -24.65
CA VAL B 245 7.34 30.77 -26.04
C VAL B 245 7.08 32.04 -26.83
N THR B 246 6.37 33.00 -26.25
CA THR B 246 6.12 34.26 -26.93
C THR B 246 7.43 34.96 -27.30
N ALA B 247 8.40 34.92 -26.38
CA ALA B 247 9.66 35.66 -26.54
C ALA B 247 10.55 35.01 -27.58
N THR B 248 10.64 33.69 -27.56
CA THR B 248 11.42 32.97 -28.54
C THR B 248 10.81 33.15 -29.93
N LEU B 249 9.48 33.11 -29.98
CA LEU B 249 8.74 33.20 -31.23
C LEU B 249 9.01 34.55 -31.87
N VAL B 250 8.96 35.61 -31.05
CA VAL B 250 9.26 36.96 -31.51
C VAL B 250 10.74 37.09 -31.87
N HIS B 251 11.62 36.56 -31.04
CA HIS B 251 13.05 36.57 -31.30
C HIS B 251 13.39 36.00 -32.67
N LYS B 252 12.78 34.87 -33.02
CA LYS B 252 12.96 34.26 -34.34
C LYS B 252 12.39 35.11 -35.45
N ALA B 253 11.36 35.91 -35.15
CA ALA B 253 10.67 36.70 -36.15
C ALA B 253 11.42 37.98 -36.49
N ILE B 254 11.97 38.65 -35.48
CA ILE B 254 12.53 39.99 -35.66
C ILE B 254 13.93 40.23 -35.04
N GLY B 255 14.60 39.16 -34.62
CA GLY B 255 15.98 39.25 -34.14
C GLY B 255 16.24 40.32 -33.10
N ASP B 256 17.18 41.21 -33.39
CA ASP B 256 17.62 42.27 -32.44
C ASP B 256 16.51 43.26 -32.10
N GLN B 257 15.44 43.29 -32.89
CA GLN B 257 14.30 44.16 -32.57
C GLN B 257 13.62 43.76 -31.24
N LEU B 258 13.72 42.50 -30.87
CA LEU B 258 13.17 42.04 -29.59
C LEU B 258 13.98 42.58 -28.43
N VAL B 259 13.28 43.14 -27.46
CA VAL B 259 13.90 43.53 -26.21
C VAL B 259 13.07 42.89 -25.08
N CYS B 260 13.69 41.97 -24.37
CA CYS B 260 13.04 41.28 -23.27
C CYS B 260 13.08 42.14 -22.02
N VAL B 261 12.03 42.08 -21.22
CA VAL B 261 12.05 42.69 -19.92
C VAL B 261 11.66 41.65 -18.86
N LEU B 262 12.46 41.57 -17.82
CA LEU B 262 12.24 40.65 -16.72
C LEU B 262 12.09 41.48 -15.46
N VAL B 263 10.88 41.59 -14.92
CA VAL B 263 10.68 42.33 -13.68
C VAL B 263 10.64 41.35 -12.51
N ASP B 264 11.46 41.61 -11.49
CA ASP B 264 11.42 40.82 -10.27
C ASP B 264 10.48 41.51 -9.32
N THR B 265 9.25 41.04 -9.27
CA THR B 265 8.24 41.66 -8.42
C THR B 265 8.46 41.32 -6.95
N GLY B 266 9.23 40.27 -6.69
CA GLY B 266 9.37 39.73 -5.34
C GLY B 266 8.39 38.58 -5.11
N LEU B 267 7.47 38.39 -6.05
CA LEU B 267 6.44 37.36 -5.97
C LEU B 267 6.81 36.15 -6.82
N LEU B 268 8.09 36.01 -7.16
CA LEU B 268 8.52 34.91 -8.04
C LEU B 268 9.27 33.87 -7.26
N ARG B 269 9.38 32.67 -7.82
CA ARG B 269 10.02 31.57 -7.09
C ARG B 269 11.52 31.79 -6.95
N LEU B 270 12.10 31.08 -5.97
CA LEU B 270 13.47 31.32 -5.52
C LEU B 270 14.46 31.57 -6.68
N ASN B 271 14.46 30.69 -7.67
CA ASN B 271 15.46 30.70 -8.74
C ASN B 271 14.92 31.16 -10.08
N GLU B 272 13.70 31.69 -10.13
CA GLU B 272 13.05 31.94 -11.43
C GLU B 272 13.81 32.96 -12.25
N VAL B 273 14.22 34.06 -11.62
CA VAL B 273 15.04 35.08 -12.28
C VAL B 273 16.25 34.40 -12.94
N ASP B 274 17.03 33.69 -12.13
CA ASP B 274 18.25 33.04 -12.62
C ASP B 274 17.97 32.13 -13.83
N GLU B 275 16.96 31.29 -13.70
CA GLU B 275 16.67 30.27 -14.72
C GLU B 275 16.25 30.89 -16.05
N VAL B 276 15.53 32.01 -15.99
CA VAL B 276 15.07 32.65 -17.22
C VAL B 276 16.23 33.40 -17.87
N LEU B 277 17.03 34.09 -17.06
CA LEU B 277 18.21 34.78 -17.59
C LEU B 277 19.16 33.79 -18.26
N ASN B 278 19.32 32.61 -17.67
CA ASN B 278 20.22 31.60 -18.22
C ASN B 278 19.76 31.16 -19.60
N VAL B 279 18.45 30.97 -19.74
CA VAL B 279 17.90 30.54 -21.01
C VAL B 279 17.83 31.69 -22.02
N PHE B 280 17.52 32.91 -21.60
CA PHE B 280 17.38 34.02 -22.57
C PHE B 280 18.59 34.95 -22.73
N GLN B 281 19.27 35.27 -21.66
CA GLN B 281 20.43 36.16 -21.74
C GLN B 281 21.69 35.42 -22.15
N LYS B 282 21.98 34.31 -21.47
CA LYS B 282 23.23 33.58 -21.66
C LYS B 282 23.18 32.63 -22.85
N HIS B 283 22.16 31.80 -22.92
CA HIS B 283 21.94 30.90 -24.06
C HIS B 283 21.02 31.62 -25.02
N LEU B 284 21.45 31.82 -26.26
CA LEU B 284 20.63 32.58 -27.22
C LEU B 284 20.62 34.08 -26.92
N GLY B 285 21.76 34.72 -27.13
CA GLY B 285 21.88 36.19 -27.18
C GLY B 285 20.84 36.94 -26.39
N ALA B 286 19.94 37.65 -27.07
CA ALA B 286 18.75 38.26 -26.46
C ALA B 286 19.00 39.42 -25.49
N LYS B 287 18.55 40.61 -25.88
CA LYS B 287 18.64 41.79 -25.04
C LYS B 287 17.63 41.62 -23.92
N VAL B 288 18.11 41.49 -22.69
CA VAL B 288 17.23 41.34 -21.54
C VAL B 288 17.51 42.41 -20.52
N ILE B 289 16.50 43.22 -20.24
CA ILE B 289 16.56 44.27 -19.24
C ILE B 289 15.92 43.75 -17.98
N CYS B 290 16.61 43.86 -16.85
CA CYS B 290 16.08 43.44 -15.57
C CYS B 290 15.62 44.66 -14.78
N VAL B 291 14.44 44.55 -14.17
CA VAL B 291 13.85 45.63 -13.40
C VAL B 291 13.61 45.16 -11.97
N ASP B 292 13.96 46.00 -10.99
CA ASP B 292 13.92 45.62 -9.56
C ASP B 292 12.51 45.49 -9.02
N ALA B 293 11.70 46.54 -9.09
CA ALA B 293 10.24 46.43 -8.81
C ALA B 293 9.82 45.83 -7.44
N LYS B 294 10.77 45.39 -6.63
CA LYS B 294 10.47 44.57 -5.46
C LYS B 294 9.89 45.44 -4.34
N ASP B 295 10.60 46.51 -3.98
CA ASP B 295 10.07 47.52 -3.06
C ASP B 295 8.74 48.07 -3.55
N ARG B 296 8.59 48.21 -4.85
CA ARG B 296 7.36 48.76 -5.43
C ARG B 296 6.14 47.88 -5.14
N PHE B 297 6.26 46.59 -5.42
CA PHE B 297 5.15 45.66 -5.21
C PHE B 297 4.78 45.47 -3.76
N MET B 298 5.76 45.54 -2.86
CA MET B 298 5.50 45.38 -1.43
C MET B 298 4.72 46.57 -0.89
N LYS B 299 5.08 47.77 -1.34
CA LYS B 299 4.32 48.97 -0.96
C LYS B 299 2.88 48.88 -1.45
N ALA B 300 2.70 48.55 -2.72
CA ALA B 300 1.37 48.47 -3.32
C ALA B 300 0.44 47.52 -2.57
N LEU B 301 1.02 46.43 -2.04
CA LEU B 301 0.25 45.41 -1.36
C LEU B 301 0.44 45.43 0.16
N LYS B 302 0.71 46.59 0.76
CA LYS B 302 1.11 46.62 2.18
C LYS B 302 -0.01 46.16 3.10
N GLY B 303 -1.18 46.80 3.00
CA GLY B 303 -2.38 46.29 3.67
C GLY B 303 -2.94 45.18 2.80
N ILE B 304 -4.25 45.20 2.56
CA ILE B 304 -4.86 44.36 1.52
C ILE B 304 -4.82 42.86 1.80
N SER B 305 -5.70 42.42 2.67
CA SER B 305 -5.92 40.99 2.91
C SER B 305 -6.79 40.40 1.82
N ASP B 306 -7.78 41.15 1.37
CA ASP B 306 -8.75 40.67 0.39
C ASP B 306 -8.01 40.12 -0.82
N PRO B 307 -8.18 38.82 -1.12
CA PRO B 307 -7.43 38.18 -2.19
C PRO B 307 -7.87 38.57 -3.60
N GLU B 308 -9.06 39.16 -3.73
CA GLU B 308 -9.52 39.66 -5.02
C GLU B 308 -8.79 40.96 -5.33
N GLU B 309 -8.60 41.79 -4.31
CA GLU B 309 -7.80 43.03 -4.43
C GLU B 309 -6.32 42.72 -4.64
N LYS B 310 -5.75 41.80 -3.88
CA LYS B 310 -4.36 41.40 -4.08
C LYS B 310 -4.14 41.09 -5.54
N ARG B 311 -5.02 40.26 -6.10
CA ARG B 311 -4.98 39.93 -7.54
C ARG B 311 -5.01 41.18 -8.40
N LYS B 312 -5.83 42.16 -8.00
CA LYS B 312 -6.02 43.37 -8.78
C LYS B 312 -4.81 44.30 -8.69
N ILE B 313 -4.28 44.51 -7.48
CA ILE B 313 -3.15 45.41 -7.27
C ILE B 313 -1.91 44.89 -8.00
N ALA B 314 -1.61 43.61 -7.83
CA ALA B 314 -0.69 42.94 -8.75
C ALA B 314 -1.38 43.05 -10.09
N GLY B 315 -0.67 42.81 -11.18
CA GLY B 315 -1.31 42.92 -12.48
C GLY B 315 -1.51 44.37 -12.90
N GLU B 316 -2.25 45.15 -12.11
CA GLU B 316 -2.28 46.60 -12.31
C GLU B 316 -0.85 47.13 -12.28
N GLN B 317 -0.16 46.89 -11.18
CA GLN B 317 1.22 47.34 -11.00
C GLN B 317 2.15 46.70 -12.03
N PHE B 318 1.84 45.48 -12.42
CA PHE B 318 2.61 44.79 -13.46
C PHE B 318 2.52 45.51 -14.80
N ILE B 319 1.31 45.91 -15.18
CA ILE B 319 1.09 46.57 -16.47
C ILE B 319 1.77 47.92 -16.45
N ARG B 320 1.59 48.63 -15.34
CA ARG B 320 2.26 49.92 -15.14
C ARG B 320 3.76 49.84 -15.41
N VAL B 321 4.44 48.87 -14.77
CA VAL B 321 5.89 48.70 -14.94
C VAL B 321 6.23 48.54 -16.41
N PHE B 322 5.41 47.78 -17.14
CA PHE B 322 5.65 47.55 -18.55
C PHE B 322 5.42 48.76 -19.44
N GLU B 323 4.48 49.61 -19.06
CA GLU B 323 4.22 50.82 -19.84
C GLU B 323 5.33 51.83 -19.67
N GLU B 324 5.94 51.86 -18.49
CA GLU B 324 6.98 52.81 -18.17
C GLU B 324 8.26 52.51 -18.96
N GLN B 325 8.70 51.26 -18.90
CA GLN B 325 9.62 50.75 -19.92
C GLN B 325 8.78 50.79 -21.19
N ALA B 326 9.35 51.20 -22.31
CA ALA B 326 8.57 51.32 -23.55
C ALA B 326 8.22 52.76 -23.79
N LYS B 327 7.65 53.39 -22.77
CA LYS B 327 7.49 54.83 -22.76
C LYS B 327 8.75 55.36 -22.10
N LYS B 328 9.89 55.04 -22.71
CA LYS B 328 11.22 55.26 -22.13
C LYS B 328 12.27 54.74 -23.09
N LEU B 329 12.07 53.50 -23.53
CA LEU B 329 12.83 52.93 -24.65
C LEU B 329 12.18 53.23 -26.00
N ASN B 330 11.10 53.99 -26.00
CA ASN B 330 10.44 54.41 -27.22
C ASN B 330 9.89 53.24 -28.06
N VAL B 331 9.42 52.19 -27.37
CA VAL B 331 8.86 51.01 -28.00
C VAL B 331 7.34 51.09 -28.01
N LYS B 332 6.73 50.78 -29.15
CA LYS B 332 5.28 50.92 -29.32
C LYS B 332 4.50 49.61 -29.22
N TRP B 333 5.20 48.47 -29.21
CA TRP B 333 4.57 47.15 -29.23
C TRP B 333 4.91 46.32 -28.00
N LEU B 334 3.88 45.78 -27.34
CA LEU B 334 4.08 44.89 -26.20
C LEU B 334 3.58 43.49 -26.55
N GLY B 335 4.42 42.47 -26.36
CA GLY B 335 4.02 41.08 -26.60
C GLY B 335 3.62 40.37 -25.32
N GLN B 336 2.60 39.53 -25.41
CA GLN B 336 2.04 38.84 -24.25
C GLN B 336 1.72 37.38 -24.51
N GLY B 337 1.77 36.57 -23.46
CA GLY B 337 1.52 35.13 -23.58
C GLY B 337 0.07 34.73 -23.43
N THR B 338 -0.86 35.62 -23.73
CA THR B 338 -2.27 35.28 -23.66
C THR B 338 -2.55 34.03 -24.49
N ILE B 339 -3.26 33.07 -23.91
CA ILE B 339 -3.65 31.85 -24.61
C ILE B 339 -5.17 31.76 -24.74
N TYR B 340 -5.65 30.81 -25.53
CA TYR B 340 -7.06 30.78 -25.93
C TYR B 340 -8.04 30.58 -24.78
N PRO B 341 -7.66 29.79 -23.76
CA PRO B 341 -8.49 29.71 -22.58
C PRO B 341 -8.72 31.07 -21.91
N ASP B 342 -7.68 31.92 -21.87
CA ASP B 342 -7.81 33.28 -21.32
C ASP B 342 -8.79 34.09 -22.14
N VAL B 343 -8.67 33.99 -23.45
CA VAL B 343 -9.61 34.65 -24.36
C VAL B 343 -11.03 34.16 -24.11
N ILE B 344 -11.19 32.86 -23.89
CA ILE B 344 -12.52 32.26 -23.71
C ILE B 344 -13.26 32.84 -22.50
N GLU B 345 -12.59 32.92 -21.34
CA GLU B 345 -13.27 33.38 -20.13
C GLU B 345 -13.59 34.89 -20.17
N SER B 346 -14.88 35.20 -20.23
CA SER B 346 -15.37 36.56 -20.46
C SER B 346 -16.79 36.73 -19.92
N LYS B 373 0.04 49.00 -27.30
CA LYS B 373 -0.39 48.27 -28.51
C LYS B 373 0.13 46.83 -28.47
N LEU B 374 -0.78 45.84 -28.44
CA LEU B 374 -0.42 44.45 -28.10
C LEU B 374 -0.32 43.49 -29.28
N ILE B 375 0.61 42.54 -29.19
CA ILE B 375 0.69 41.40 -30.09
C ILE B 375 0.63 40.11 -29.26
N GLU B 376 -0.31 39.22 -29.60
CA GLU B 376 -0.58 38.00 -28.84
C GLU B 376 -0.53 36.76 -29.74
N PRO B 377 0.66 36.19 -29.94
CA PRO B 377 0.83 35.08 -30.86
C PRO B 377 0.24 33.77 -30.39
N LEU B 378 0.11 33.60 -29.07
CA LEU B 378 -0.37 32.35 -28.50
C LEU B 378 -1.87 32.32 -28.27
N ARG B 379 -2.59 33.33 -28.71
CA ARG B 379 -3.99 33.54 -28.30
C ARG B 379 -5.01 32.61 -28.95
N GLU B 380 -4.60 31.77 -29.89
CA GLU B 380 -5.52 30.76 -30.45
C GLU B 380 -5.14 29.37 -29.97
N LEU B 381 -4.10 29.27 -29.14
CA LEU B 381 -3.56 27.97 -28.75
C LEU B 381 -4.00 27.54 -27.35
N PHE B 382 -4.08 26.23 -27.14
CA PHE B 382 -4.26 25.66 -25.81
C PHE B 382 -2.89 25.31 -25.23
N LYS B 383 -2.85 25.02 -23.93
CA LYS B 383 -1.57 24.75 -23.26
C LYS B 383 -0.82 23.60 -23.92
N ASP B 384 -1.54 22.52 -24.22
CA ASP B 384 -0.98 21.38 -24.98
C ASP B 384 -0.09 21.92 -26.09
N GLU B 385 -0.69 22.81 -26.89
CA GLU B 385 -0.09 23.27 -28.11
C GLU B 385 1.07 24.20 -27.85
N VAL B 386 0.93 25.08 -26.85
CA VAL B 386 2.01 25.99 -26.50
C VAL B 386 3.24 25.21 -26.10
N ARG B 387 3.05 24.16 -25.33
CA ARG B 387 4.16 23.31 -24.92
C ARG B 387 4.84 22.66 -26.11
N LYS B 388 4.04 22.09 -27.01
CA LYS B 388 4.56 21.50 -28.26
C LYS B 388 5.37 22.50 -29.06
N LEU B 389 4.92 23.75 -29.08
CA LEU B 389 5.60 24.81 -29.83
C LEU B 389 6.96 25.08 -29.21
N GLY B 390 6.94 25.37 -27.91
CA GLY B 390 8.16 25.71 -27.18
C GLY B 390 9.26 24.69 -27.41
N LEU B 391 8.87 23.42 -27.37
CA LEU B 391 9.81 22.34 -27.56
C LEU B 391 10.43 22.39 -28.95
N GLU B 392 9.58 22.57 -29.97
CA GLU B 392 10.08 22.65 -31.35
C GLU B 392 10.90 23.92 -31.55
N LEU B 393 10.53 24.99 -30.86
CA LEU B 393 11.27 26.26 -30.93
C LEU B 393 12.61 26.22 -30.22
N GLY B 394 12.93 25.13 -29.53
CA GLY B 394 14.23 24.97 -28.90
C GLY B 394 14.35 25.27 -27.41
N LEU B 395 13.22 25.48 -26.75
CA LEU B 395 13.25 25.72 -25.30
C LEU B 395 13.44 24.38 -24.62
N PRO B 396 14.10 24.39 -23.44
CA PRO B 396 14.42 23.15 -22.72
C PRO B 396 13.20 22.50 -22.09
N ALA B 397 13.17 21.17 -22.11
CA ALA B 397 12.00 20.42 -21.66
C ALA B 397 11.55 20.81 -20.26
N ASP B 398 12.51 21.00 -19.36
CA ASP B 398 12.19 21.24 -17.95
C ASP B 398 11.51 22.58 -17.72
N LEU B 399 11.64 23.49 -18.67
CA LEU B 399 10.91 24.74 -18.63
C LEU B 399 9.52 24.53 -19.22
N ILE B 400 9.43 23.72 -20.27
CA ILE B 400 8.17 23.54 -21.01
C ILE B 400 7.14 22.84 -20.17
N TYR B 401 7.56 21.76 -19.51
CA TYR B 401 6.67 20.95 -18.69
C TYR B 401 6.66 21.35 -17.22
N ARG B 402 7.13 22.56 -16.93
CA ARG B 402 7.10 23.09 -15.58
C ARG B 402 5.66 23.33 -15.14
N HIS B 403 5.38 23.10 -13.86
CA HIS B 403 4.04 23.32 -13.32
C HIS B 403 3.58 24.74 -13.59
N PRO B 404 2.27 24.93 -13.73
CA PRO B 404 1.77 26.28 -13.95
C PRO B 404 1.99 27.15 -12.74
N PHE B 405 2.51 28.34 -12.96
CA PHE B 405 2.68 29.34 -11.91
C PHE B 405 1.67 30.46 -12.16
N PRO B 406 0.93 30.88 -11.12
CA PRO B 406 -0.11 31.88 -11.36
C PRO B 406 0.46 33.27 -11.66
N GLY B 407 -0.32 34.08 -12.37
CA GLY B 407 0.04 35.46 -12.70
C GLY B 407 0.51 36.32 -11.53
N PRO B 408 -0.30 36.44 -10.47
CA PRO B 408 0.10 37.22 -9.31
C PRO B 408 1.13 36.49 -8.44
N GLY B 409 1.46 35.25 -8.80
CA GLY B 409 2.54 34.51 -8.16
C GLY B 409 2.33 34.30 -6.67
N LEU B 410 3.41 34.47 -5.91
CA LEU B 410 3.40 34.25 -4.47
C LEU B 410 2.55 35.26 -3.70
N ALA B 411 1.74 36.06 -4.38
CA ALA B 411 0.81 36.98 -3.70
C ALA B 411 -0.34 36.16 -3.12
N ILE B 412 -0.83 35.21 -3.91
CA ILE B 412 -1.61 34.10 -3.38
C ILE B 412 -0.58 33.25 -2.66
N ARG B 413 -0.98 32.18 -1.99
CA ARG B 413 0.00 31.35 -1.29
C ARG B 413 0.56 32.00 -0.02
N ILE B 414 0.31 33.29 0.16
CA ILE B 414 0.29 33.90 1.47
C ILE B 414 -1.17 34.23 1.68
N LEU B 415 -1.75 33.71 2.76
CA LEU B 415 -3.18 33.93 3.00
C LEU B 415 -3.43 35.37 3.39
N GLY B 416 -2.72 35.86 4.40
CA GLY B 416 -2.95 37.21 4.92
C GLY B 416 -2.47 38.33 4.02
N GLU B 417 -1.95 39.39 4.64
CA GLU B 417 -1.31 40.47 3.91
C GLU B 417 0.11 40.04 3.56
N VAL B 418 0.42 40.06 2.27
CA VAL B 418 1.77 39.73 1.79
C VAL B 418 2.76 40.75 2.34
N SER B 419 3.85 40.28 2.94
CA SER B 419 4.70 41.13 3.78
C SER B 419 6.17 41.23 3.36
N ALA B 420 6.70 40.22 2.69
CA ALA B 420 8.13 40.16 2.37
C ALA B 420 8.84 39.31 3.43
N GLU B 421 8.62 39.64 4.70
CA GLU B 421 9.04 38.77 5.78
C GLU B 421 8.35 37.42 5.59
N TYR B 422 7.09 37.44 5.12
CA TYR B 422 6.33 36.22 4.86
C TYR B 422 6.70 35.55 3.55
N ILE B 423 7.04 36.31 2.52
CA ILE B 423 7.40 35.68 1.25
C ILE B 423 8.72 34.94 1.45
N ASN B 424 9.67 35.56 2.14
CA ASN B 424 10.95 34.95 2.40
C ASN B 424 10.85 33.63 3.17
N ILE B 425 9.87 33.52 4.07
CA ILE B 425 9.60 32.23 4.70
C ILE B 425 9.05 31.27 3.66
N LEU B 426 8.03 31.70 2.94
CA LEU B 426 7.35 30.84 1.96
C LEU B 426 8.29 30.31 0.87
N LYS B 427 9.14 31.19 0.32
CA LYS B 427 10.13 30.79 -0.69
C LYS B 427 10.96 29.59 -0.21
N GLN B 428 11.40 29.63 1.06
CA GLN B 428 12.17 28.53 1.65
C GLN B 428 11.34 27.25 1.67
N ALA B 429 10.12 27.35 2.18
CA ALA B 429 9.21 26.21 2.29
C ALA B 429 8.93 25.59 0.93
N ASP B 430 8.59 26.43 -0.03
CA ASP B 430 8.28 26.01 -1.39
C ASP B 430 9.49 25.33 -2.04
N ALA B 431 10.64 25.99 -1.96
CA ALA B 431 11.87 25.47 -2.54
C ALA B 431 12.12 24.04 -2.08
N ILE B 432 12.07 23.83 -0.76
CA ILE B 432 12.29 22.51 -0.19
C ILE B 432 11.31 21.50 -0.76
N PHE B 433 10.05 21.90 -0.88
CA PHE B 433 9.00 20.97 -1.30
C PHE B 433 9.27 20.41 -2.67
N ILE B 434 9.65 21.27 -3.62
CA ILE B 434 9.82 20.84 -5.01
C ILE B 434 11.21 20.24 -5.25
N GLU B 435 12.20 20.60 -4.42
CA GLU B 435 13.53 20.00 -4.50
C GLU B 435 13.37 18.49 -4.34
N GLU B 436 12.69 18.10 -3.26
CA GLU B 436 12.16 16.75 -3.17
C GLU B 436 11.08 16.76 -4.24
N LEU B 437 10.66 15.60 -4.73
CA LEU B 437 9.78 15.53 -5.93
C LEU B 437 10.66 15.47 -7.17
N LYS B 438 11.48 16.50 -7.35
CA LYS B 438 12.57 16.43 -8.30
C LYS B 438 13.44 15.23 -7.93
N LYS B 439 13.94 15.21 -6.69
CA LYS B 439 14.78 14.11 -6.20
C LYS B 439 14.10 12.75 -6.27
N SER B 440 12.81 12.69 -5.94
CA SER B 440 12.10 11.42 -5.87
C SER B 440 11.32 11.08 -7.15
N ASP B 441 11.51 11.89 -8.20
CA ASP B 441 10.78 11.72 -9.47
C ASP B 441 9.24 11.72 -9.32
N TYR B 442 8.75 12.40 -8.29
CA TYR B 442 7.30 12.55 -8.10
C TYR B 442 6.78 13.84 -8.73
N TYR B 443 7.69 14.75 -9.10
CA TYR B 443 7.32 16.06 -9.64
C TYR B 443 6.43 15.94 -10.87
N HIS B 444 6.82 15.09 -11.81
CA HIS B 444 6.07 14.96 -13.06
C HIS B 444 4.98 13.90 -12.99
N GLN B 445 4.70 13.38 -11.80
CA GLN B 445 3.56 12.50 -11.58
C GLN B 445 2.39 13.27 -10.95
N VAL B 446 2.57 14.57 -10.77
CA VAL B 446 1.51 15.46 -10.32
C VAL B 446 1.37 16.64 -11.29
N SER B 447 0.15 17.19 -11.38
CA SER B 447 -0.13 18.31 -12.28
C SER B 447 0.37 19.64 -11.71
N GLN B 448 0.45 19.74 -10.39
CA GLN B 448 0.79 20.99 -9.70
C GLN B 448 1.19 20.71 -8.26
N ALA B 449 2.18 21.45 -7.77
CA ALA B 449 2.62 21.35 -6.38
C ALA B 449 3.13 22.71 -5.90
N PHE B 450 2.76 23.09 -4.67
CA PHE B 450 3.26 24.34 -4.09
C PHE B 450 2.96 24.42 -2.59
N ALA B 451 3.67 25.31 -1.91
CA ALA B 451 3.40 25.59 -0.50
C ALA B 451 2.54 26.84 -0.37
N VAL B 452 1.81 26.93 0.73
CA VAL B 452 1.12 28.16 1.12
C VAL B 452 1.44 28.48 2.57
N PHE B 453 1.52 29.77 2.89
CA PHE B 453 1.92 30.25 4.20
C PHE B 453 0.71 30.77 4.96
N MET B 454 0.47 30.20 6.13
CA MET B 454 -0.62 30.65 6.99
C MET B 454 -0.04 31.42 8.15
N PRO B 455 -0.48 32.69 8.34
CA PRO B 455 0.11 33.54 9.35
C PRO B 455 -0.45 33.33 10.76
N LEU B 456 -0.66 32.08 11.18
CA LEU B 456 -1.40 31.85 12.42
C LEU B 456 -0.59 31.46 13.64
N LYS B 457 0.33 30.52 13.48
CA LYS B 457 1.22 30.07 14.58
C LYS B 457 0.62 29.01 15.51
N SER B 458 1.45 28.05 15.89
CA SER B 458 1.07 26.96 16.78
C SER B 458 2.28 26.51 17.58
N VAL B 459 2.06 25.60 18.53
CA VAL B 459 3.12 25.13 19.41
C VAL B 459 3.93 24.02 18.75
N TYR B 468 6.30 28.96 19.69
CA TYR B 468 5.25 29.08 18.67
C TYR B 468 5.77 29.66 17.35
N GLY B 469 5.37 29.03 16.24
CA GLY B 469 5.76 29.49 14.90
C GLY B 469 4.67 29.27 13.86
N TYR B 470 4.88 29.83 12.67
CA TYR B 470 3.85 29.85 11.61
C TYR B 470 3.61 28.46 10.99
N ILE B 471 2.48 28.30 10.32
CA ILE B 471 2.09 27.02 9.75
C ILE B 471 2.19 27.06 8.23
N ILE B 472 2.68 25.98 7.63
CA ILE B 472 2.81 25.88 6.19
C ILE B 472 1.93 24.77 5.63
N ALA B 473 1.04 25.11 4.70
CA ALA B 473 0.23 24.12 4.01
C ALA B 473 0.90 23.74 2.72
N LEU B 474 0.83 22.47 2.35
CA LEU B 474 1.35 21.99 1.07
C LEU B 474 0.21 21.50 0.22
N ARG B 475 0.27 21.85 -1.06
CA ARG B 475 -0.78 21.54 -2.00
C ARG B 475 -0.18 20.78 -3.17
N ALA B 476 -0.80 19.64 -3.51
CA ALA B 476 -0.33 18.80 -4.61
C ALA B 476 -1.51 18.04 -5.17
N VAL B 477 -1.76 18.19 -6.47
CA VAL B 477 -2.96 17.63 -7.10
C VAL B 477 -2.65 16.97 -8.44
N LYS B 478 -3.64 16.31 -9.04
CA LYS B 478 -3.52 15.83 -10.42
C LYS B 478 -4.83 15.87 -11.21
N GLN B 486 -8.68 16.00 -6.66
CA GLN B 486 -7.80 14.88 -6.90
C GLN B 486 -6.42 15.18 -6.32
N TRP B 487 -6.38 15.27 -4.99
CA TRP B 487 -5.14 15.58 -4.27
C TRP B 487 -4.19 14.41 -4.29
N ALA B 488 -2.90 14.70 -4.25
CA ALA B 488 -1.86 13.72 -4.53
C ALA B 488 -1.65 12.71 -3.42
N ASP B 489 -1.76 11.42 -3.77
CA ASP B 489 -1.56 10.31 -2.85
C ASP B 489 -0.06 9.98 -2.80
N LEU B 490 0.72 10.88 -2.22
CA LEU B 490 2.17 10.68 -2.08
C LEU B 490 2.45 9.84 -0.84
N PRO B 491 3.58 9.11 -0.84
CA PRO B 491 3.86 8.16 0.25
C PRO B 491 4.17 8.81 1.60
N HIS B 492 3.76 8.14 2.67
CA HIS B 492 3.96 8.61 4.04
C HIS B 492 5.43 8.94 4.32
N GLU B 493 6.30 8.02 3.91
CA GLU B 493 7.75 8.17 4.05
C GLU B 493 8.26 9.49 3.47
N PHE B 494 7.78 9.81 2.27
CA PHE B 494 8.21 11.01 1.52
C PHE B 494 7.68 12.32 2.09
N LEU B 495 6.39 12.35 2.43
CA LEU B 495 5.78 13.53 3.03
C LEU B 495 6.46 13.86 4.36
N SER B 496 6.66 12.83 5.17
CA SER B 496 7.35 12.99 6.44
C SER B 496 8.71 13.63 6.24
N LYS B 497 9.44 13.19 5.21
CA LYS B 497 10.74 13.77 4.93
C LYS B 497 10.62 15.26 4.64
N VAL B 498 9.70 15.61 3.74
CA VAL B 498 9.52 17.00 3.39
C VAL B 498 9.21 17.82 4.63
N SER B 499 8.17 17.42 5.36
CA SER B 499 7.68 18.19 6.52
C SER B 499 8.73 18.37 7.62
N HIS B 500 9.42 17.28 7.97
CA HIS B 500 10.56 17.32 8.91
C HIS B 500 11.56 18.40 8.49
N ARG B 501 11.83 18.45 7.18
CA ARG B 501 12.83 19.36 6.65
C ARG B 501 12.33 20.80 6.69
N ILE B 502 11.07 21.04 6.35
CA ILE B 502 10.53 22.40 6.36
C ILE B 502 10.55 23.00 7.77
N VAL B 503 10.23 22.20 8.78
CA VAL B 503 10.16 22.71 10.16
C VAL B 503 11.53 22.85 10.83
N ASN B 504 12.46 21.95 10.49
CA ASN B 504 13.80 21.99 11.08
C ASN B 504 14.67 23.08 10.48
N GLU B 505 14.68 23.17 9.15
CA GLU B 505 15.56 24.08 8.44
C GLU B 505 15.08 25.53 8.50
N ILE B 506 13.78 25.73 8.33
CA ILE B 506 13.20 27.05 8.53
C ILE B 506 12.79 27.15 9.99
N LYS B 507 13.50 27.96 10.77
CA LYS B 507 13.09 28.23 12.14
C LYS B 507 11.80 29.02 12.06
N GLU B 508 11.28 29.50 13.17
CA GLU B 508 10.03 30.28 13.16
C GLU B 508 8.87 29.63 12.36
N VAL B 509 8.93 28.33 12.05
CA VAL B 509 7.82 27.63 11.41
C VAL B 509 7.07 26.73 12.40
N SER B 510 7.62 25.58 12.77
CA SER B 510 6.88 24.66 13.65
C SER B 510 5.59 24.16 13.00
N ARG B 511 5.55 22.87 12.66
CA ARG B 511 4.36 22.23 12.10
C ARG B 511 4.05 22.63 10.64
N VAL B 512 3.53 21.65 9.90
CA VAL B 512 3.19 21.81 8.48
C VAL B 512 2.10 20.81 8.11
N VAL B 513 1.15 21.24 7.29
CA VAL B 513 -0.03 20.43 6.93
C VAL B 513 -0.14 20.21 5.43
N TYR B 514 -1.09 19.35 5.05
CA TYR B 514 -1.28 18.93 3.66
C TYR B 514 -2.75 18.99 3.27
N ASP B 515 -3.04 19.63 2.15
CA ASP B 515 -4.41 19.81 1.67
C ASP B 515 -4.97 18.50 1.13
N MET B 516 -6.11 18.08 1.68
CA MET B 516 -6.78 16.85 1.28
C MET B 516 -8.13 17.15 0.62
N THR B 517 -8.17 18.12 -0.27
CA THR B 517 -9.44 18.55 -0.86
C THR B 517 -9.35 18.60 -2.38
N ASN B 518 -10.39 18.09 -3.05
CA ASN B 518 -10.34 17.86 -4.49
C ASN B 518 -10.79 19.05 -5.33
N LYS B 519 -10.53 18.95 -6.64
CA LYS B 519 -10.91 19.96 -7.65
C LYS B 519 -12.38 20.35 -7.63
N PRO B 520 -13.30 19.37 -7.49
CA PRO B 520 -14.73 19.73 -7.38
C PRO B 520 -15.13 20.59 -6.16
N PRO B 521 -14.79 20.17 -4.92
CA PRO B 521 -15.18 21.01 -3.77
C PRO B 521 -14.30 22.25 -3.56
N ALA B 522 -12.98 22.08 -3.65
CA ALA B 522 -12.05 23.18 -3.41
C ALA B 522 -11.33 23.57 -4.69
N THR B 523 -10.94 24.84 -4.77
CA THR B 523 -10.12 25.30 -5.89
C THR B 523 -8.67 24.87 -5.69
N ILE B 524 -8.03 24.47 -6.79
CA ILE B 524 -6.59 24.14 -6.80
C ILE B 524 -5.75 25.11 -5.98
N GLU B 525 -5.69 26.36 -6.42
CA GLU B 525 -5.02 27.42 -5.67
C GLU B 525 -5.90 27.87 -4.50
N TRP B 526 -5.31 28.50 -3.49
CA TRP B 526 -6.06 29.03 -2.35
C TRP B 526 -6.40 30.50 -2.62
N ILE C 8 -1.69 -28.53 43.89
CA ILE C 8 -2.22 -28.10 42.56
C ILE C 8 -3.20 -29.15 42.01
N HIS C 9 -3.92 -28.80 40.93
CA HIS C 9 -5.02 -29.60 40.37
C HIS C 9 -6.27 -29.54 41.26
N GLN C 10 -6.17 -28.91 42.43
CA GLN C 10 -7.23 -29.00 43.45
C GLN C 10 -8.52 -28.32 43.00
N HIS C 11 -8.40 -27.32 42.12
CA HIS C 11 -9.57 -26.71 41.50
C HIS C 11 -9.54 -27.03 40.02
N ARG C 12 -10.69 -27.34 39.45
CA ARG C 12 -10.74 -27.83 38.09
C ARG C 12 -12.11 -27.75 37.45
N ILE C 13 -12.12 -27.42 36.15
CA ILE C 13 -13.35 -27.27 35.39
C ILE C 13 -13.38 -28.37 34.34
N LEU C 14 -14.53 -29.03 34.20
CA LEU C 14 -14.73 -29.96 33.12
C LEU C 14 -15.34 -29.19 31.97
N ILE C 15 -14.83 -29.40 30.76
CA ILE C 15 -15.42 -28.82 29.55
C ILE C 15 -15.87 -29.94 28.61
N LEU C 16 -17.17 -30.11 28.46
CA LEU C 16 -17.71 -31.10 27.53
C LEU C 16 -17.69 -30.55 26.12
N ASP C 17 -17.18 -31.35 25.19
CA ASP C 17 -17.04 -30.98 23.78
C ASP C 17 -18.17 -31.57 22.92
N PHE C 18 -19.01 -30.70 22.36
CA PHE C 18 -20.05 -31.11 21.41
C PHE C 18 -19.69 -30.75 19.96
N GLY C 19 -18.43 -30.93 19.58
CA GLY C 19 -17.94 -30.52 18.26
C GLY C 19 -17.27 -29.17 18.35
N SER C 20 -17.61 -28.25 17.45
CA SER C 20 -17.21 -26.85 17.56
C SER C 20 -15.70 -26.60 17.56
N GLN C 21 -15.22 -26.01 16.46
CA GLN C 21 -13.85 -25.51 16.37
C GLN C 21 -13.32 -25.05 17.73
N TYR C 22 -14.14 -24.28 18.44
CA TYR C 22 -13.70 -23.53 19.60
C TYR C 22 -13.76 -24.27 20.93
N ALA C 23 -14.02 -25.58 20.92
CA ALA C 23 -13.99 -26.35 22.16
C ALA C 23 -12.68 -26.10 22.89
N GLN C 24 -11.57 -26.56 22.33
CA GLN C 24 -10.25 -26.10 22.73
C GLN C 24 -10.32 -24.61 22.50
N LEU C 25 -9.88 -23.81 23.46
CA LEU C 25 -10.07 -22.35 23.41
C LEU C 25 -11.01 -21.91 24.50
N ILE C 26 -12.08 -22.66 24.76
CA ILE C 26 -12.74 -22.54 26.05
C ILE C 26 -11.69 -22.99 27.05
N ALA C 27 -11.16 -24.18 26.79
CA ALA C 27 -10.15 -24.79 27.65
C ALA C 27 -8.99 -23.85 27.84
N ARG C 28 -8.50 -23.26 26.76
CA ARG C 28 -7.34 -22.38 26.85
C ARG C 28 -7.61 -21.11 27.63
N ARG C 29 -8.80 -20.55 27.45
CA ARG C 29 -9.18 -19.34 28.20
C ARG C 29 -9.25 -19.66 29.68
N VAL C 30 -9.79 -20.81 30.03
CA VAL C 30 -9.84 -21.23 31.44
C VAL C 30 -8.44 -21.37 32.02
N ARG C 31 -7.53 -21.98 31.26
CA ARG C 31 -6.15 -22.11 31.70
C ARG C 31 -5.50 -20.75 31.91
N GLU C 32 -5.78 -19.82 31.01
CA GLU C 32 -5.21 -18.48 31.05
C GLU C 32 -5.70 -17.75 32.31
N ILE C 33 -6.96 -17.97 32.66
CA ILE C 33 -7.54 -17.40 33.87
C ILE C 33 -6.84 -17.92 35.13
N GLY C 34 -6.26 -19.12 35.02
CA GLY C 34 -5.45 -19.68 36.09
C GLY C 34 -6.04 -20.90 36.77
N VAL C 35 -7.02 -21.55 36.12
CA VAL C 35 -7.68 -22.72 36.71
C VAL C 35 -7.56 -23.91 35.77
N TYR C 36 -7.27 -25.07 36.35
CA TYR C 36 -7.09 -26.28 35.54
C TYR C 36 -8.40 -26.69 34.88
N CYS C 37 -8.30 -27.37 33.76
CA CYS C 37 -9.47 -27.92 33.10
C CYS C 37 -9.11 -29.04 32.14
N GLU C 38 -10.08 -29.89 31.85
CA GLU C 38 -9.92 -30.90 30.83
C GLU C 38 -11.06 -30.83 29.84
N LEU C 39 -10.78 -31.26 28.62
CA LEU C 39 -11.76 -31.31 27.56
C LEU C 39 -12.12 -32.76 27.32
N MET C 40 -13.37 -33.12 27.59
CA MET C 40 -13.85 -34.48 27.37
C MET C 40 -14.97 -34.47 26.36
N PRO C 41 -15.08 -35.53 25.55
CA PRO C 41 -16.20 -35.63 24.61
C PRO C 41 -17.51 -35.89 25.35
N CYS C 42 -18.62 -35.42 24.79
CA CYS C 42 -19.93 -35.51 25.41
C CYS C 42 -20.43 -36.94 25.58
N ASP C 43 -19.92 -37.85 24.76
CA ASP C 43 -20.29 -39.26 24.87
C ASP C 43 -19.63 -39.95 26.06
N ILE C 44 -18.78 -39.25 26.80
CA ILE C 44 -18.06 -39.87 27.92
C ILE C 44 -19.04 -40.28 29.02
N ASP C 45 -18.61 -41.23 29.85
CA ASP C 45 -19.49 -41.91 30.80
C ASP C 45 -19.45 -41.23 32.15
N GLU C 46 -20.59 -41.17 32.84
CA GLU C 46 -20.59 -40.77 34.25
C GLU C 46 -19.73 -41.81 34.97
N GLU C 47 -18.93 -41.36 35.92
CA GLU C 47 -17.78 -42.13 36.41
C GLU C 47 -16.74 -41.91 35.33
N THR C 48 -15.72 -41.11 35.66
CA THR C 48 -15.17 -40.12 34.74
C THR C 48 -16.26 -39.07 34.74
N ILE C 49 -15.91 -37.85 35.09
CA ILE C 49 -16.87 -36.84 35.52
C ILE C 49 -17.04 -37.03 37.02
N ARG C 50 -17.62 -38.14 37.44
CA ARG C 50 -17.74 -38.43 38.86
C ARG C 50 -16.34 -38.40 39.49
N ASP C 51 -15.41 -39.12 38.86
CA ASP C 51 -14.05 -39.26 39.38
C ASP C 51 -13.25 -37.97 39.21
N PHE C 52 -13.45 -37.30 38.08
CA PHE C 52 -12.86 -35.99 37.82
C PHE C 52 -13.38 -34.94 38.80
N ASN C 53 -14.64 -35.08 39.21
CA ASN C 53 -15.20 -34.31 40.32
C ASN C 53 -14.94 -32.81 40.16
N PRO C 54 -15.56 -32.20 39.13
CA PRO C 54 -15.30 -30.81 38.82
C PRO C 54 -15.96 -29.84 39.80
N HIS C 55 -15.41 -28.64 39.89
CA HIS C 55 -16.05 -27.53 40.58
C HIS C 55 -17.01 -26.79 39.66
N GLY C 56 -16.92 -27.05 38.35
CA GLY C 56 -17.84 -26.48 37.39
C GLY C 56 -17.75 -27.17 36.04
N ILE C 57 -18.79 -27.04 35.24
CA ILE C 57 -18.84 -27.70 33.95
C ILE C 57 -19.25 -26.69 32.90
N ILE C 58 -18.51 -26.62 31.80
CA ILE C 58 -18.89 -25.82 30.65
C ILE C 58 -19.25 -26.71 29.48
N LEU C 59 -20.47 -26.57 28.97
CA LEU C 59 -20.90 -27.27 27.76
C LEU C 59 -20.60 -26.34 26.60
N SER C 60 -19.95 -26.86 25.57
CA SER C 60 -19.49 -26.04 24.46
C SER C 60 -20.38 -26.28 23.26
N GLY C 61 -19.75 -26.29 22.10
CA GLY C 61 -20.13 -27.22 21.07
C GLY C 61 -21.06 -26.70 20.01
N GLY C 62 -21.42 -27.61 19.10
CA GLY C 62 -22.09 -27.27 17.87
C GLY C 62 -21.04 -27.07 16.81
N PRO C 63 -20.91 -28.01 15.87
CA PRO C 63 -19.99 -27.79 14.76
C PRO C 63 -20.53 -26.80 13.72
N GLU C 64 -19.77 -26.60 12.65
CA GLU C 64 -20.14 -25.74 11.52
C GLU C 64 -20.32 -24.29 11.96
N ALA C 74 -26.99 -34.40 24.30
CA ALA C 74 -27.41 -34.83 25.63
C ALA C 74 -26.23 -35.31 26.50
N PRO C 75 -25.90 -34.58 27.59
CA PRO C 75 -24.91 -35.04 28.61
C PRO C 75 -25.46 -35.83 29.82
N ALA C 76 -26.66 -35.50 30.28
CA ALA C 76 -27.54 -36.41 31.06
C ALA C 76 -27.77 -36.10 32.55
N PHE C 77 -26.76 -36.36 33.37
CA PHE C 77 -26.93 -36.31 34.83
C PHE C 77 -26.17 -35.16 35.48
N ILE C 78 -25.29 -34.51 34.74
CA ILE C 78 -24.40 -33.49 35.29
C ILE C 78 -25.10 -32.38 36.09
N PHE C 79 -26.43 -32.31 35.96
CA PHE C 79 -27.24 -31.29 36.62
C PHE C 79 -27.60 -31.72 38.03
N GLU C 80 -27.40 -33.00 38.34
CA GLU C 80 -27.61 -33.51 39.68
C GLU C 80 -26.43 -33.19 40.61
N ILE C 81 -25.22 -33.08 40.06
CA ILE C 81 -24.06 -32.71 40.87
C ILE C 81 -24.23 -31.26 41.29
N GLY C 82 -23.85 -30.95 42.53
CA GLY C 82 -24.01 -29.60 43.07
C GLY C 82 -23.23 -28.49 42.39
N CYS C 83 -22.43 -28.80 41.37
CA CYS C 83 -21.58 -27.78 40.74
C CYS C 83 -22.32 -26.93 39.71
N PRO C 84 -21.89 -25.68 39.51
CA PRO C 84 -22.49 -24.81 38.48
C PRO C 84 -22.24 -25.31 37.07
N VAL C 85 -23.02 -24.82 36.13
CA VAL C 85 -22.93 -25.25 34.74
C VAL C 85 -23.14 -24.07 33.77
N LEU C 86 -22.26 -23.95 32.79
CA LEU C 86 -22.37 -22.92 31.75
C LEU C 86 -22.55 -23.58 30.40
N GLY C 87 -23.61 -23.20 29.69
CA GLY C 87 -23.89 -23.74 28.36
C GLY C 87 -23.65 -22.69 27.29
N ILE C 88 -22.75 -22.99 26.35
CA ILE C 88 -22.40 -22.06 25.29
C ILE C 88 -23.02 -22.55 23.99
N CYS C 89 -23.92 -21.74 23.44
CA CYS C 89 -24.55 -21.99 22.13
C CYS C 89 -25.38 -23.29 22.10
N TYR C 90 -24.87 -24.35 21.50
CA TYR C 90 -25.57 -25.63 21.56
C TYR C 90 -25.61 -26.14 23.00
N GLY C 91 -24.61 -25.78 23.80
CA GLY C 91 -24.60 -26.10 25.21
C GLY C 91 -25.82 -25.55 25.92
N MET C 92 -26.16 -24.30 25.61
CA MET C 92 -27.38 -23.66 26.12
C MET C 92 -28.61 -24.41 25.61
N GLN C 93 -28.61 -24.82 24.35
CA GLN C 93 -29.75 -25.53 23.77
C GLN C 93 -30.12 -26.77 24.56
N THR C 94 -29.20 -27.74 24.64
CA THR C 94 -29.50 -29.01 25.28
C THR C 94 -29.75 -28.84 26.77
N MET C 95 -29.07 -27.86 27.39
CA MET C 95 -29.34 -27.49 28.77
C MET C 95 -30.81 -27.09 28.90
N ALA C 96 -31.32 -26.36 27.92
CA ALA C 96 -32.75 -26.02 27.87
C ALA C 96 -33.59 -27.25 27.64
N TYR C 97 -33.34 -27.96 26.54
CA TYR C 97 -34.10 -29.19 26.19
C TYR C 97 -34.19 -30.17 27.37
N GLN C 98 -33.05 -30.49 27.99
CA GLN C 98 -32.97 -31.55 29.01
C GLN C 98 -33.61 -31.19 30.34
N LEU C 99 -33.58 -29.92 30.71
CA LEU C 99 -34.44 -29.42 31.77
C LEU C 99 -35.78 -29.15 31.07
N GLY C 100 -36.67 -28.34 31.64
CA GLY C 100 -37.91 -28.01 30.93
C GLY C 100 -37.60 -27.10 29.76
N GLY C 101 -38.62 -26.72 28.99
CA GLY C 101 -38.40 -25.71 27.94
C GLY C 101 -38.22 -26.27 26.54
N LYS C 102 -38.33 -25.38 25.56
CA LYS C 102 -38.44 -25.75 24.15
C LYS C 102 -37.39 -25.01 23.34
N VAL C 103 -37.07 -25.53 22.16
CA VAL C 103 -35.90 -25.10 21.43
C VAL C 103 -36.12 -25.26 19.92
N ASN C 104 -35.13 -24.90 19.10
CA ASN C 104 -35.24 -25.00 17.65
C ASN C 104 -34.06 -25.75 17.03
N GLU C 110 -24.92 -20.18 10.40
CA GLU C 110 -25.40 -18.89 10.83
C GLU C 110 -24.57 -18.36 11.99
N PHE C 111 -23.62 -17.48 11.70
CA PHE C 111 -22.77 -16.89 12.75
C PHE C 111 -22.42 -15.45 12.41
N GLY C 112 -22.49 -14.56 13.41
CA GLY C 112 -22.12 -13.16 13.17
C GLY C 112 -22.10 -12.24 14.38
N HIS C 113 -21.69 -11.00 14.15
CA HIS C 113 -21.67 -9.97 15.20
C HIS C 113 -23.09 -9.56 15.55
N ALA C 114 -23.34 -9.33 16.84
CA ALA C 114 -24.64 -8.84 17.32
C ALA C 114 -24.50 -8.04 18.60
N GLN C 115 -25.35 -7.02 18.77
CA GLN C 115 -25.32 -6.15 19.94
C GLN C 115 -26.26 -6.68 21.01
N LEU C 116 -25.70 -7.27 22.06
CA LEU C 116 -26.47 -7.88 23.14
C LEU C 116 -26.86 -6.80 24.13
N ARG C 117 -28.08 -6.86 24.66
CA ARG C 117 -28.48 -5.98 25.76
C ARG C 117 -28.59 -6.81 27.03
N VAL C 118 -27.92 -6.39 28.10
CA VAL C 118 -27.95 -7.16 29.35
C VAL C 118 -29.11 -6.74 30.26
N LEU C 119 -30.07 -7.66 30.40
CA LEU C 119 -31.14 -7.56 31.39
C LEU C 119 -30.57 -8.36 32.57
N ASN C 120 -30.59 -7.81 33.77
CA ASN C 120 -30.00 -8.52 34.92
C ASN C 120 -28.49 -8.82 34.75
N PRO C 121 -27.62 -7.94 35.28
CA PRO C 121 -26.17 -8.20 35.24
C PRO C 121 -25.73 -9.43 36.08
N ALA C 122 -26.59 -9.94 36.94
CA ALA C 122 -26.41 -11.29 37.48
C ALA C 122 -25.05 -11.47 38.18
N PHE C 123 -24.53 -12.69 38.12
CA PHE C 123 -23.20 -13.00 38.62
C PHE C 123 -22.24 -13.13 37.45
N LEU C 124 -22.80 -13.35 36.26
CA LEU C 124 -22.05 -13.67 35.06
C LEU C 124 -21.69 -12.43 34.22
N PHE C 125 -22.47 -11.36 34.37
CA PHE C 125 -22.26 -10.12 33.60
C PHE C 125 -21.96 -8.91 34.47
N ASP C 126 -21.62 -9.12 35.74
CA ASP C 126 -21.42 -8.02 36.68
C ASP C 126 -20.25 -7.15 36.24
N GLY C 127 -20.46 -5.86 36.06
CA GLY C 127 -19.49 -5.01 35.35
C GLY C 127 -19.64 -5.24 33.86
N ILE C 128 -18.63 -5.79 33.21
CA ILE C 128 -18.71 -6.22 31.79
C ILE C 128 -19.71 -5.45 30.92
N GLU C 129 -19.22 -4.39 30.27
CA GLU C 129 -20.01 -3.54 29.40
C GLU C 129 -19.13 -2.97 28.31
N ASP C 130 -19.66 -2.92 27.09
CA ASP C 130 -18.93 -2.37 25.95
C ASP C 130 -19.48 -0.98 25.64
N GLN C 131 -20.79 -0.87 25.54
CA GLN C 131 -21.48 0.42 25.35
C GLN C 131 -22.63 0.52 26.34
N VAL C 132 -23.17 1.72 26.52
CA VAL C 132 -24.28 1.94 27.46
C VAL C 132 -25.60 2.45 26.83
N SER C 133 -25.61 2.80 25.54
CA SER C 133 -26.89 3.02 24.81
C SER C 133 -27.75 4.19 25.29
N PRO C 134 -28.48 4.84 24.38
CA PRO C 134 -29.25 6.05 24.72
C PRO C 134 -30.24 5.87 25.88
N GLN C 135 -30.79 4.67 26.05
CA GLN C 135 -31.76 4.38 27.11
C GLN C 135 -31.12 3.98 28.44
N GLY C 136 -29.80 3.85 28.47
CA GLY C 136 -29.07 3.56 29.71
C GLY C 136 -28.87 2.09 30.02
N GLU C 137 -29.11 1.21 29.06
CA GLU C 137 -28.91 -0.21 29.29
C GLU C 137 -27.48 -0.62 28.90
N PRO C 138 -26.93 -1.60 29.61
CA PRO C 138 -25.60 -2.09 29.28
C PRO C 138 -25.64 -2.95 28.03
N LEU C 139 -24.70 -2.72 27.11
CA LEU C 139 -24.64 -3.44 25.84
C LEU C 139 -23.29 -4.10 25.63
N LEU C 140 -23.29 -5.33 25.12
CA LEU C 140 -22.06 -6.06 24.80
C LEU C 140 -22.00 -6.43 23.33
N ASP C 141 -20.83 -6.27 22.73
CA ASP C 141 -20.57 -6.78 21.40
C ASP C 141 -20.26 -8.28 21.53
N VAL C 142 -21.01 -9.11 20.82
CA VAL C 142 -20.82 -10.55 20.90
C VAL C 142 -20.92 -11.23 19.54
N TRP C 143 -20.46 -12.48 19.51
CA TRP C 143 -20.41 -13.28 18.30
C TRP C 143 -21.46 -14.38 18.45
N MET C 144 -22.60 -14.19 17.80
CA MET C 144 -23.77 -15.06 17.96
C MET C 144 -23.66 -16.34 17.14
N SER C 145 -24.36 -17.38 17.60
CA SER C 145 -24.75 -18.51 16.76
C SER C 145 -26.26 -18.42 16.69
N HIS C 146 -26.77 -17.99 15.53
CA HIS C 146 -28.16 -17.61 15.41
C HIS C 146 -29.09 -18.83 15.36
N GLY C 147 -28.55 -19.99 15.01
CA GLY C 147 -29.33 -21.20 14.84
C GLY C 147 -29.67 -21.92 16.14
N ASP C 148 -28.89 -21.65 17.19
CA ASP C 148 -29.08 -22.31 18.47
C ASP C 148 -30.12 -21.54 19.31
N ILE C 149 -31.32 -21.37 18.76
CA ILE C 149 -32.35 -20.55 19.39
C ILE C 149 -33.05 -21.36 20.51
N VAL C 150 -33.57 -20.64 21.50
CA VAL C 150 -34.35 -21.22 22.59
C VAL C 150 -35.71 -20.53 22.63
N SER C 151 -36.78 -21.30 22.43
CA SER C 151 -38.12 -20.73 22.29
C SER C 151 -38.77 -20.37 23.61
N GLU C 152 -38.61 -21.23 24.61
CA GLU C 152 -39.23 -21.02 25.93
C GLU C 152 -38.32 -21.43 27.08
N LEU C 153 -38.21 -20.55 28.07
CA LEU C 153 -37.36 -20.79 29.23
C LEU C 153 -37.82 -22.02 30.02
N PRO C 154 -36.87 -22.85 30.50
CA PRO C 154 -37.22 -23.93 31.43
C PRO C 154 -37.69 -23.38 32.77
N PRO C 155 -38.35 -24.22 33.58
CA PRO C 155 -38.67 -23.79 34.95
C PRO C 155 -37.42 -23.41 35.74
N GLY C 156 -37.54 -22.38 36.57
CA GLY C 156 -36.44 -21.92 37.41
C GLY C 156 -35.52 -20.91 36.74
N PHE C 157 -35.68 -20.73 35.43
CA PHE C 157 -34.80 -19.82 34.67
C PHE C 157 -35.46 -18.46 34.44
N GLU C 158 -34.62 -17.50 34.05
CA GLU C 158 -35.10 -16.19 33.60
C GLU C 158 -34.20 -15.68 32.48
N ALA C 159 -34.77 -14.89 31.57
CA ALA C 159 -34.00 -14.31 30.48
C ALA C 159 -33.06 -13.26 31.06
N THR C 160 -31.77 -13.52 30.92
CA THR C 160 -30.73 -12.69 31.51
C THR C 160 -30.10 -11.76 30.45
N ALA C 161 -30.42 -11.95 29.18
CA ALA C 161 -29.89 -11.09 28.12
C ALA C 161 -30.57 -11.41 26.81
N CYS C 162 -30.64 -10.41 25.95
CA CYS C 162 -31.43 -10.51 24.72
C CYS C 162 -30.81 -9.69 23.61
N THR C 163 -31.30 -9.92 22.41
CA THR C 163 -30.88 -9.18 21.24
C THR C 163 -32.11 -8.92 20.40
N ASP C 164 -32.01 -7.97 19.47
CA ASP C 164 -33.16 -7.58 18.65
C ASP C 164 -33.81 -8.78 17.96
N ASN C 165 -32.97 -9.72 17.51
CA ASN C 165 -33.43 -10.90 16.80
C ASN C 165 -33.83 -12.07 17.72
N SER C 166 -33.22 -12.17 18.90
CA SER C 166 -33.45 -13.27 19.84
C SER C 166 -33.82 -12.79 21.25
N PRO C 167 -35.08 -13.01 21.68
CA PRO C 167 -35.58 -12.55 22.98
C PRO C 167 -34.87 -13.12 24.21
N LEU C 168 -34.20 -14.26 24.05
CA LEU C 168 -33.53 -14.93 25.17
C LEU C 168 -32.18 -15.50 24.74
N ALA C 169 -31.21 -14.58 24.62
CA ALA C 169 -29.85 -14.88 24.23
C ALA C 169 -28.99 -15.25 25.44
N ALA C 170 -29.58 -15.25 26.63
CA ALA C 170 -28.87 -15.66 27.83
C ALA C 170 -29.84 -16.06 28.93
N MET C 171 -29.52 -17.15 29.64
CA MET C 171 -30.39 -17.71 30.69
C MET C 171 -29.63 -17.79 32.00
N ALA C 172 -30.35 -17.89 33.10
CA ALA C 172 -29.73 -18.13 34.39
C ALA C 172 -30.73 -18.71 35.40
N ASP C 173 -30.33 -19.76 36.09
CA ASP C 173 -31.14 -20.32 37.15
C ASP C 173 -30.87 -19.61 38.47
N PHE C 174 -29.60 -19.38 38.77
CA PHE C 174 -29.15 -18.71 40.01
C PHE C 174 -29.20 -19.62 41.25
N LYS C 175 -30.33 -20.24 41.54
CA LYS C 175 -30.40 -21.14 42.69
C LYS C 175 -29.63 -22.42 42.40
N ARG C 176 -29.85 -23.00 41.21
CA ARG C 176 -29.08 -24.17 40.78
C ARG C 176 -27.73 -23.78 40.17
N ARG C 177 -27.56 -22.50 39.86
CA ARG C 177 -26.34 -21.95 39.26
C ARG C 177 -26.08 -22.53 37.86
N PHE C 178 -27.14 -22.62 37.07
CA PHE C 178 -27.02 -22.99 35.66
C PHE C 178 -27.14 -21.74 34.83
N PHE C 179 -26.25 -21.57 33.86
CA PHE C 179 -26.24 -20.40 32.99
C PHE C 179 -26.14 -20.82 31.53
N GLY C 180 -26.75 -20.03 30.65
CA GLY C 180 -26.67 -20.30 29.20
C GLY C 180 -26.45 -19.04 28.39
N LEU C 181 -25.65 -19.15 27.33
CA LEU C 181 -25.39 -18.04 26.41
C LEU C 181 -25.58 -18.49 24.97
N GLN C 182 -26.19 -17.64 24.14
CA GLN C 182 -26.39 -17.94 22.73
C GLN C 182 -25.22 -17.45 21.87
N PHE C 183 -24.14 -17.02 22.51
CA PHE C 183 -22.94 -16.53 21.82
C PHE C 183 -21.70 -17.22 22.39
N HIS C 184 -20.56 -17.03 21.71
CA HIS C 184 -19.29 -17.64 22.10
C HIS C 184 -18.39 -16.63 22.81
N PRO C 185 -18.20 -16.77 24.12
CA PRO C 185 -17.29 -15.86 24.80
C PRO C 185 -15.82 -16.20 24.64
N GLU C 186 -15.50 -17.37 24.06
CA GLU C 186 -14.10 -17.77 23.83
C GLU C 186 -13.42 -16.95 22.75
N VAL C 187 -14.17 -16.62 21.71
CA VAL C 187 -13.61 -16.06 20.50
C VAL C 187 -13.32 -14.58 20.75
N THR C 188 -12.38 -14.01 19.99
CA THR C 188 -12.00 -12.62 20.17
C THR C 188 -13.08 -11.63 19.72
N HIS C 189 -14.04 -12.07 18.91
CA HIS C 189 -15.07 -11.16 18.39
C HIS C 189 -16.18 -10.90 19.40
N THR C 190 -16.07 -11.45 20.60
CA THR C 190 -16.78 -10.91 21.76
C THR C 190 -15.70 -10.43 22.73
N PRO C 191 -15.24 -9.18 22.56
CA PRO C 191 -14.05 -8.65 23.24
C PRO C 191 -14.05 -8.72 24.76
N GLN C 192 -15.22 -8.70 25.35
CA GLN C 192 -15.39 -8.80 26.80
C GLN C 192 -15.55 -10.26 27.26
N GLY C 193 -15.54 -11.21 26.33
CA GLY C 193 -15.90 -12.59 26.62
C GLY C 193 -14.99 -13.30 27.62
N HIS C 194 -13.71 -12.98 27.63
CA HIS C 194 -12.80 -13.57 28.61
C HIS C 194 -13.19 -13.21 30.04
N ARG C 195 -13.82 -12.06 30.23
CA ARG C 195 -14.27 -11.63 31.55
C ARG C 195 -15.49 -12.41 31.95
N ILE C 196 -16.33 -12.74 30.98
CA ILE C 196 -17.51 -13.55 31.28
C ILE C 196 -17.04 -14.89 31.78
N LEU C 197 -16.13 -15.52 31.04
CA LEU C 197 -15.59 -16.82 31.42
C LEU C 197 -14.91 -16.79 32.80
N ALA C 198 -14.20 -15.72 33.11
CA ALA C 198 -13.52 -15.60 34.40
C ALA C 198 -14.53 -15.43 35.53
N HIS C 199 -15.65 -14.78 35.26
CA HIS C 199 -16.70 -14.61 36.28
C HIS C 199 -17.32 -15.96 36.62
N PHE C 200 -17.52 -16.79 35.61
CA PHE C 200 -18.03 -18.12 35.82
C PHE C 200 -17.05 -18.99 36.61
N VAL C 201 -15.77 -18.95 36.23
CA VAL C 201 -14.79 -19.84 36.83
C VAL C 201 -14.29 -19.38 38.20
N ILE C 202 -13.91 -18.10 38.30
CA ILE C 202 -13.39 -17.58 39.56
C ILE C 202 -14.51 -17.37 40.55
N HIS C 203 -15.56 -16.64 40.16
CA HIS C 203 -16.55 -16.17 41.13
C HIS C 203 -17.65 -17.19 41.40
N ILE C 204 -18.31 -17.65 40.34
CA ILE C 204 -19.45 -18.55 40.49
C ILE C 204 -19.02 -19.95 40.93
N CYS C 205 -17.99 -20.49 40.30
CA CYS C 205 -17.45 -21.80 40.69
C CYS C 205 -16.47 -21.71 41.84
N GLN C 206 -16.15 -20.49 42.27
CA GLN C 206 -15.42 -20.24 43.51
C GLN C 206 -13.98 -20.81 43.46
N CYS C 207 -13.40 -20.90 42.27
CA CYS C 207 -12.07 -21.49 42.08
C CYS C 207 -10.96 -20.48 42.33
N ILE C 208 -9.84 -20.94 42.87
CA ILE C 208 -8.65 -20.09 43.02
C ILE C 208 -7.69 -20.32 41.87
N PRO C 209 -7.17 -19.23 41.27
CA PRO C 209 -6.28 -19.39 40.14
C PRO C 209 -4.86 -19.77 40.53
N ASN C 210 -4.63 -21.08 40.70
CA ASN C 210 -3.32 -21.62 41.06
C ASN C 210 -2.59 -22.30 39.90
N TRP C 211 -3.22 -22.36 38.74
CA TRP C 211 -2.58 -22.90 37.55
C TRP C 211 -1.63 -21.84 37.02
N THR C 212 -0.49 -21.73 37.69
CA THR C 212 0.57 -20.79 37.37
C THR C 212 1.69 -21.58 36.75
N THR C 213 2.47 -20.94 35.88
CA THR C 213 3.61 -21.62 35.27
C THR C 213 4.60 -22.08 36.36
N LYS C 214 4.88 -21.24 37.36
CA LYS C 214 5.77 -21.63 38.46
C LYS C 214 5.31 -22.89 39.15
N HIS C 215 4.00 -23.01 39.33
CA HIS C 215 3.42 -24.14 40.05
C HIS C 215 3.42 -25.39 39.18
N ILE C 216 3.16 -25.26 37.88
CA ILE C 216 3.21 -26.40 36.97
C ILE C 216 4.62 -27.01 36.96
N ILE C 217 5.63 -26.16 36.93
CA ILE C 217 7.02 -26.61 36.99
C ILE C 217 7.29 -27.43 38.26
N GLU C 218 6.92 -26.90 39.41
CA GLU C 218 7.19 -27.59 40.66
C GLU C 218 6.45 -28.94 40.74
N ASP C 219 5.21 -28.98 40.28
CA ASP C 219 4.43 -30.23 40.24
C ASP C 219 5.06 -31.22 39.28
N SER C 220 5.51 -30.72 38.13
CA SER C 220 6.04 -31.57 37.07
C SER C 220 7.35 -32.22 37.49
N ILE C 221 8.19 -31.47 38.19
CA ILE C 221 9.44 -32.03 38.70
C ILE C 221 9.14 -33.12 39.74
N ARG C 222 8.26 -32.86 40.69
CA ARG C 222 7.90 -33.88 41.68
C ARG C 222 7.41 -35.13 40.98
N ASP C 223 6.54 -34.94 39.98
CA ASP C 223 5.93 -36.06 39.29
C ASP C 223 6.98 -36.90 38.60
N ILE C 224 7.99 -36.25 38.03
CA ILE C 224 9.07 -37.00 37.37
C ILE C 224 9.90 -37.75 38.41
N GLN C 225 10.20 -37.11 39.52
CA GLN C 225 10.97 -37.73 40.58
C GLN C 225 10.23 -38.92 41.16
N GLU C 226 8.96 -38.72 41.51
CA GLU C 226 8.11 -39.81 42.00
C GLU C 226 8.20 -41.03 41.08
N LYS C 227 8.02 -40.82 39.78
CA LYS C 227 7.92 -41.90 38.81
C LYS C 227 9.23 -42.60 38.51
N VAL C 228 10.28 -41.80 38.35
CA VAL C 228 11.55 -42.28 37.83
C VAL C 228 12.52 -42.68 38.94
N GLY C 229 12.30 -42.18 40.15
CA GLY C 229 13.19 -42.45 41.27
C GLY C 229 14.59 -42.09 40.84
N LYS C 230 15.50 -43.04 40.84
CA LYS C 230 16.87 -42.74 40.44
C LYS C 230 17.43 -43.56 39.29
N GLU C 231 16.56 -43.92 38.34
CA GLU C 231 16.99 -44.55 37.09
C GLU C 231 17.00 -43.54 35.97
N GLN C 232 17.66 -43.87 34.88
CA GLN C 232 17.93 -42.91 33.81
C GLN C 232 16.75 -42.74 32.88
N VAL C 233 16.68 -41.59 32.23
CA VAL C 233 15.65 -41.31 31.24
C VAL C 233 16.29 -40.76 29.97
N ILE C 234 15.84 -41.27 28.84
CA ILE C 234 16.24 -40.75 27.54
C ILE C 234 15.21 -39.74 27.10
N VAL C 235 15.64 -38.56 26.70
CA VAL C 235 14.74 -37.60 26.05
C VAL C 235 15.26 -37.29 24.67
N GLY C 236 14.37 -37.31 23.68
CA GLY C 236 14.72 -36.93 22.31
C GLY C 236 14.87 -35.42 22.22
N LEU C 237 15.89 -34.94 21.53
CA LEU C 237 16.06 -33.50 21.31
C LEU C 237 15.67 -33.06 19.92
N SER C 238 15.53 -34.01 19.01
CA SER C 238 14.95 -33.76 17.69
C SER C 238 13.44 -33.64 17.86
N GLY C 239 12.93 -32.41 17.87
CA GLY C 239 11.48 -32.19 17.93
C GLY C 239 10.97 -30.85 18.42
N GLY C 240 11.76 -29.79 18.21
CA GLY C 240 11.34 -28.44 18.51
C GLY C 240 11.10 -28.13 19.98
N VAL C 241 10.14 -27.24 20.22
CA VAL C 241 9.94 -26.64 21.52
C VAL C 241 9.56 -27.68 22.57
N ASP C 242 8.62 -28.55 22.21
CA ASP C 242 8.09 -29.54 23.15
C ASP C 242 9.18 -30.44 23.71
N SER C 243 10.06 -30.92 22.84
CA SER C 243 11.18 -31.72 23.26
C SER C 243 12.09 -30.91 24.17
N ALA C 244 12.48 -29.73 23.71
CA ALA C 244 13.38 -28.88 24.46
C ALA C 244 12.89 -28.67 25.88
N VAL C 245 11.60 -28.39 26.01
CA VAL C 245 10.99 -28.13 27.30
C VAL C 245 10.98 -29.41 28.13
N THR C 246 10.66 -30.53 27.50
CA THR C 246 10.69 -31.82 28.18
C THR C 246 12.07 -32.14 28.70
N ALA C 247 13.08 -31.97 27.86
CA ALA C 247 14.44 -32.33 28.23
C ALA C 247 14.95 -31.50 29.39
N THR C 248 14.68 -30.19 29.36
CA THR C 248 15.21 -29.30 30.40
C THR C 248 14.43 -29.52 31.69
N LEU C 249 13.15 -29.82 31.55
CA LEU C 249 12.31 -30.11 32.70
C LEU C 249 12.82 -31.36 33.41
N VAL C 250 13.01 -32.43 32.66
CA VAL C 250 13.55 -33.67 33.21
C VAL C 250 14.95 -33.44 33.78
N HIS C 251 15.77 -32.67 33.08
CA HIS C 251 17.10 -32.33 33.56
C HIS C 251 17.02 -31.67 34.93
N LYS C 252 16.07 -30.76 35.08
CA LYS C 252 15.90 -30.06 36.34
C LYS C 252 15.43 -30.98 37.46
N ALA C 253 14.82 -32.12 37.11
CA ALA C 253 14.26 -33.03 38.11
C ALA C 253 15.24 -34.10 38.56
N ILE C 254 16.04 -34.64 37.64
CA ILE C 254 16.91 -35.77 37.95
C ILE C 254 18.39 -35.59 37.58
N GLY C 255 18.78 -34.42 37.09
CA GLY C 255 20.19 -34.13 36.80
C GLY C 255 20.82 -35.05 35.79
N ASP C 256 22.05 -35.49 36.05
CA ASP C 256 22.81 -36.32 35.11
C ASP C 256 22.20 -37.71 34.84
N GLN C 257 21.16 -38.08 35.57
CA GLN C 257 20.32 -39.22 35.18
C GLN C 257 19.70 -39.05 33.79
N LEU C 258 19.55 -37.81 33.35
CA LEU C 258 19.07 -37.52 31.99
C LEU C 258 20.15 -37.80 30.94
N VAL C 259 19.80 -38.60 29.96
CA VAL C 259 20.64 -38.79 28.80
C VAL C 259 19.85 -38.35 27.58
N CYS C 260 20.22 -37.19 27.03
CA CYS C 260 19.61 -36.68 25.81
C CYS C 260 20.09 -37.45 24.58
N VAL C 261 19.17 -37.70 23.64
CA VAL C 261 19.54 -38.27 22.35
C VAL C 261 19.05 -37.36 21.22
N LEU C 262 19.92 -37.14 20.24
CA LEU C 262 19.61 -36.32 19.08
C LEU C 262 19.87 -37.14 17.83
N VAL C 263 18.81 -37.54 17.14
CA VAL C 263 18.94 -38.29 15.89
C VAL C 263 18.81 -37.33 14.71
N ASP C 264 19.85 -37.23 13.89
CA ASP C 264 19.74 -36.51 12.64
C ASP C 264 19.07 -37.45 11.68
N THR C 265 17.77 -37.26 11.47
CA THR C 265 17.01 -38.10 10.57
C THR C 265 17.29 -37.76 9.11
N GLY C 266 17.95 -36.64 8.88
CA GLY C 266 18.13 -36.09 7.55
C GLY C 266 16.93 -35.26 7.15
N LEU C 267 15.93 -35.18 8.02
CA LEU C 267 14.69 -34.48 7.73
C LEU C 267 14.55 -33.21 8.56
N LEU C 268 15.66 -32.71 9.09
CA LEU C 268 15.66 -31.51 9.93
C LEU C 268 16.24 -30.33 9.18
N ARG C 269 15.94 -29.11 9.67
CA ARG C 269 16.36 -27.88 8.99
C ARG C 269 17.88 -27.71 9.01
N LEU C 270 18.38 -26.77 8.22
CA LEU C 270 19.81 -26.70 7.87
C LEU C 270 20.72 -26.74 9.10
N ASN C 271 20.37 -26.01 10.16
CA ASN C 271 21.25 -25.85 11.30
C ASN C 271 20.62 -26.36 12.58
N GLU C 272 19.65 -27.25 12.48
CA GLU C 272 18.95 -27.70 13.69
C GLU C 272 19.89 -28.47 14.60
N VAL C 273 20.66 -29.42 14.06
CA VAL C 273 21.59 -30.19 14.87
C VAL C 273 22.52 -29.27 15.65
N ASP C 274 23.16 -28.34 14.93
CA ASP C 274 24.04 -27.37 15.59
C ASP C 274 23.29 -26.58 16.67
N GLU C 275 22.16 -25.96 16.30
CA GLU C 275 21.41 -25.09 17.23
C GLU C 275 21.05 -25.80 18.53
N VAL C 276 20.59 -27.03 18.43
CA VAL C 276 20.16 -27.79 19.61
C VAL C 276 21.36 -28.19 20.46
N LEU C 277 22.45 -28.59 19.80
CA LEU C 277 23.68 -28.94 20.51
C LEU C 277 24.17 -27.75 21.34
N ASN C 278 24.13 -26.57 20.74
CA ASN C 278 24.60 -25.37 21.41
C ASN C 278 23.91 -25.12 22.72
N VAL C 279 22.59 -25.25 22.72
CA VAL C 279 21.84 -24.98 23.94
C VAL C 279 22.01 -26.11 24.95
N PHE C 280 21.96 -27.36 24.50
CA PHE C 280 21.92 -28.51 25.43
C PHE C 280 23.26 -29.12 25.81
N GLN C 281 24.24 -29.08 24.91
CA GLN C 281 25.55 -29.64 25.21
C GLN C 281 26.47 -28.56 25.75
N LYS C 282 26.64 -27.47 25.02
CA LYS C 282 27.59 -26.43 25.40
C LYS C 282 27.07 -25.62 26.58
N HIS C 283 25.89 -25.04 26.44
CA HIS C 283 25.24 -24.33 27.53
C HIS C 283 24.55 -25.38 28.37
N LEU C 284 24.58 -25.22 29.68
CA LEU C 284 23.87 -26.14 30.60
C LEU C 284 24.25 -27.62 30.43
N GLY C 285 25.54 -27.91 30.44
CA GLY C 285 26.07 -29.28 30.58
C GLY C 285 25.40 -30.32 29.69
N ALA C 286 24.81 -31.35 30.29
CA ALA C 286 23.98 -32.33 29.58
C ALA C 286 24.75 -33.37 28.74
N LYS C 287 24.47 -34.64 29.03
CA LYS C 287 24.94 -35.77 28.25
C LYS C 287 24.09 -35.82 26.99
N VAL C 288 24.72 -35.67 25.82
CA VAL C 288 24.00 -35.76 24.55
C VAL C 288 24.68 -36.71 23.57
N ILE C 289 23.95 -37.74 23.17
CA ILE C 289 24.39 -38.71 22.18
C ILE C 289 23.77 -38.36 20.85
N CYS C 290 24.61 -38.31 19.81
CA CYS C 290 24.14 -38.06 18.45
C CYS C 290 24.07 -39.35 17.66
N VAL C 291 22.96 -39.58 16.99
CA VAL C 291 22.78 -40.73 16.10
C VAL C 291 22.65 -40.22 14.67
N ASP C 292 23.36 -40.86 13.74
CA ASP C 292 23.34 -40.44 12.33
C ASP C 292 22.01 -40.75 11.68
N ALA C 293 21.64 -42.03 11.58
CA ALA C 293 20.30 -42.42 11.09
C ALA C 293 19.85 -41.75 9.79
N LYS C 294 20.79 -41.15 9.06
CA LYS C 294 20.46 -40.33 7.89
C LYS C 294 20.28 -41.28 6.71
N ASP C 295 21.28 -42.12 6.47
CA ASP C 295 21.17 -43.19 5.48
C ASP C 295 19.96 -44.06 5.74
N ARG C 296 19.64 -44.28 7.01
CA ARG C 296 18.55 -45.18 7.36
C ARG C 296 17.20 -44.64 6.92
N PHE C 297 16.95 -43.36 7.16
CA PHE C 297 15.67 -42.75 6.79
C PHE C 297 15.49 -42.59 5.28
N MET C 298 16.58 -42.42 4.53
CA MET C 298 16.47 -42.27 3.07
C MET C 298 16.08 -43.60 2.43
N LYS C 299 16.73 -44.67 2.86
CA LYS C 299 16.19 -46.01 2.63
C LYS C 299 14.94 -46.04 3.50
N ALA C 300 13.96 -46.87 3.17
CA ALA C 300 12.70 -46.88 3.94
C ALA C 300 11.70 -45.87 3.38
N LEU C 301 12.20 -44.72 2.93
CA LEU C 301 11.40 -43.77 2.16
C LEU C 301 11.79 -43.79 0.67
N LYS C 302 12.41 -44.88 0.22
CA LYS C 302 12.99 -44.91 -1.13
C LYS C 302 11.91 -44.70 -2.19
N GLY C 303 10.95 -45.63 -2.29
CA GLY C 303 9.79 -45.44 -3.17
C GLY C 303 8.83 -44.48 -2.47
N ILE C 304 7.59 -44.91 -2.28
CA ILE C 304 6.68 -44.25 -1.34
C ILE C 304 6.40 -42.78 -1.68
N SER C 305 5.47 -42.59 -2.61
CA SER C 305 4.98 -41.26 -2.99
C SER C 305 3.90 -40.81 -2.03
N ASP C 306 3.04 -41.75 -1.64
CA ASP C 306 1.87 -41.46 -0.82
C ASP C 306 2.25 -40.74 0.47
N PRO C 307 1.71 -39.54 0.69
CA PRO C 307 2.09 -38.76 1.88
C PRO C 307 1.64 -39.36 3.20
N GLU C 308 0.54 -40.13 3.19
CA GLU C 308 0.06 -40.79 4.42
C GLU C 308 1.01 -41.93 4.81
N GLU C 309 1.58 -42.59 3.81
CA GLU C 309 2.63 -43.59 4.04
C GLU C 309 3.96 -42.95 4.43
N LYS C 310 4.31 -41.83 3.79
CA LYS C 310 5.52 -41.09 4.16
C LYS C 310 5.49 -40.76 5.64
N ARG C 311 4.37 -40.17 6.07
CA ARG C 311 4.14 -39.90 7.49
C ARG C 311 4.32 -41.15 8.33
N LYS C 312 3.74 -42.26 7.87
CA LYS C 312 3.78 -43.51 8.61
C LYS C 312 5.18 -44.08 8.78
N ILE C 313 5.96 -44.12 7.70
CA ILE C 313 7.30 -44.72 7.72
C ILE C 313 8.24 -43.94 8.63
N ALA C 314 8.35 -42.64 8.41
CA ALA C 314 8.91 -41.75 9.43
C ALA C 314 8.05 -41.96 10.66
N GLY C 315 8.50 -41.55 11.83
CA GLY C 315 7.67 -41.74 13.01
C GLY C 315 7.67 -43.19 13.48
N GLU C 316 7.48 -44.14 12.55
CA GLU C 316 7.79 -45.55 12.85
C GLU C 316 9.31 -45.69 13.04
N GLN C 317 10.02 -45.36 11.97
CA GLN C 317 11.49 -45.41 11.96
C GLN C 317 12.06 -44.54 13.09
N PHE C 318 11.39 -43.43 13.39
CA PHE C 318 11.74 -42.60 14.55
C PHE C 318 11.63 -43.40 15.85
N ILE C 319 10.45 -43.96 16.12
CA ILE C 319 10.22 -44.75 17.32
C ILE C 319 11.31 -45.80 17.46
N ARG C 320 11.52 -46.59 16.40
CA ARG C 320 12.52 -47.66 16.43
C ARG C 320 13.88 -47.15 16.88
N VAL C 321 14.35 -46.07 16.29
CA VAL C 321 15.69 -45.57 16.57
C VAL C 321 15.85 -45.29 18.06
N PHE C 322 14.78 -44.82 18.68
CA PHE C 322 14.77 -44.52 20.11
C PHE C 322 14.65 -45.76 20.97
N GLU C 323 13.95 -46.77 20.50
CA GLU C 323 13.85 -48.02 21.25
C GLU C 323 15.19 -48.76 21.20
N GLU C 324 15.93 -48.62 20.10
CA GLU C 324 17.22 -49.28 19.93
C GLU C 324 18.28 -48.66 20.81
N GLN C 325 18.31 -47.33 20.85
CA GLN C 325 19.01 -46.60 21.91
C GLN C 325 18.10 -46.85 23.11
N ALA C 326 18.65 -47.10 24.28
CA ALA C 326 17.82 -47.43 25.45
C ALA C 326 17.88 -48.90 25.67
N LYS C 327 17.49 -49.66 24.65
CA LYS C 327 17.70 -51.11 24.64
C LYS C 327 19.16 -51.34 24.24
N LYS C 328 20.06 -50.62 24.92
CA LYS C 328 21.45 -50.47 24.51
C LYS C 328 22.22 -49.71 25.57
N LEU C 329 21.61 -48.65 26.10
CA LEU C 329 22.12 -47.96 27.28
C LEU C 329 21.40 -48.41 28.56
N ASN C 330 20.64 -49.51 28.46
CA ASN C 330 19.88 -50.08 29.60
C ASN C 330 18.87 -49.13 30.24
N VAL C 331 18.35 -48.20 29.44
CA VAL C 331 17.42 -47.19 29.92
C VAL C 331 15.99 -47.72 29.82
N LYS C 332 15.21 -47.55 30.89
CA LYS C 332 13.87 -48.11 30.95
C LYS C 332 12.78 -47.06 30.66
N TRP C 333 13.16 -45.78 30.67
CA TRP C 333 12.21 -44.68 30.54
C TRP C 333 12.49 -43.77 29.34
N LEU C 334 11.45 -43.47 28.55
CA LEU C 334 11.57 -42.56 27.43
C LEU C 334 10.76 -41.29 27.69
N GLY C 335 11.40 -40.13 27.60
CA GLY C 335 10.74 -38.84 27.76
C GLY C 335 10.26 -38.28 26.43
N GLN C 336 8.97 -37.92 26.37
CA GLN C 336 8.35 -37.44 25.13
C GLN C 336 7.66 -36.10 25.32
N GLY C 337 7.68 -35.28 24.28
CA GLY C 337 7.05 -33.97 24.31
C GLY C 337 5.61 -33.95 23.83
N THR C 338 4.84 -34.97 24.21
CA THR C 338 3.43 -35.01 23.88
C THR C 338 2.76 -33.87 24.61
N ILE C 339 1.82 -33.18 23.94
CA ILE C 339 1.03 -32.13 24.58
C ILE C 339 -0.45 -32.49 24.55
N TYR C 340 -1.26 -31.68 25.22
CA TYR C 340 -2.66 -32.02 25.45
C TYR C 340 -3.47 -32.08 24.17
N PRO C 341 -3.22 -31.18 23.22
CA PRO C 341 -3.91 -31.33 21.94
C PRO C 341 -3.70 -32.69 21.28
N ASP C 342 -2.48 -33.22 21.34
CA ASP C 342 -2.17 -34.55 20.81
C ASP C 342 -3.07 -35.57 21.47
N VAL C 343 -3.14 -35.51 22.80
CA VAL C 343 -4.02 -36.38 23.55
C VAL C 343 -5.48 -36.19 23.13
N ILE C 344 -5.85 -34.94 22.86
CA ILE C 344 -7.23 -34.60 22.58
C ILE C 344 -7.76 -35.24 21.30
N GLU C 345 -6.92 -35.44 20.29
CA GLU C 345 -7.43 -36.08 19.07
C GLU C 345 -7.53 -37.61 19.21
N SER C 346 -8.76 -38.12 19.00
CA SER C 346 -9.11 -39.53 19.22
C SER C 346 -10.39 -39.91 18.45
N LYS C 373 8.66 -47.69 28.17
CA LYS C 373 7.93 -47.08 29.29
C LYS C 373 8.01 -45.54 29.27
N LEU C 374 6.89 -44.88 28.98
CA LEU C 374 6.89 -43.44 28.63
C LEU C 374 6.66 -42.51 29.81
N ILE C 375 7.28 -41.34 29.74
CA ILE C 375 7.03 -40.26 30.69
C ILE C 375 6.79 -38.98 29.87
N GLU C 376 5.62 -38.36 30.06
CA GLU C 376 5.15 -37.25 29.23
C GLU C 376 4.77 -36.04 30.09
N PRO C 377 5.75 -35.21 30.45
CA PRO C 377 5.50 -34.13 31.39
C PRO C 377 4.54 -33.06 30.88
N LEU C 378 4.48 -32.86 29.56
CA LEU C 378 3.70 -31.77 28.98
C LEU C 378 2.31 -32.18 28.51
N ARG C 379 1.86 -33.36 28.90
CA ARG C 379 0.67 -33.98 28.29
C ARG C 379 -0.67 -33.37 28.69
N GLU C 380 -0.68 -32.49 29.70
CA GLU C 380 -1.88 -31.74 30.07
C GLU C 380 -1.79 -30.29 29.64
N LEU C 381 -0.69 -29.91 28.99
CA LEU C 381 -0.42 -28.50 28.68
C LEU C 381 -0.77 -28.16 27.24
N PHE C 382 -1.33 -26.97 27.04
CA PHE C 382 -1.51 -26.41 25.70
C PHE C 382 -0.21 -25.78 25.26
N LYS C 383 -0.12 -25.48 23.97
CA LYS C 383 1.12 -24.99 23.38
C LYS C 383 1.58 -23.65 23.96
N ASP C 384 0.63 -22.75 24.27
CA ASP C 384 0.95 -21.46 24.91
C ASP C 384 1.69 -21.71 26.22
N GLU C 385 1.19 -22.68 26.99
CA GLU C 385 1.71 -22.97 28.32
C GLU C 385 3.09 -23.58 28.23
N VAL C 386 3.30 -24.42 27.22
CA VAL C 386 4.60 -25.03 27.00
C VAL C 386 5.64 -23.96 26.72
N ARG C 387 5.25 -22.89 26.05
CA ARG C 387 6.16 -21.80 25.75
C ARG C 387 6.49 -21.01 27.00
N LYS C 388 5.48 -20.68 27.79
CA LYS C 388 5.69 -19.96 29.05
C LYS C 388 6.58 -20.76 29.99
N LEU C 389 6.41 -22.08 29.97
CA LEU C 389 7.19 -22.97 30.84
C LEU C 389 8.65 -22.98 30.43
N GLY C 390 8.89 -23.11 29.13
CA GLY C 390 10.24 -23.14 28.59
C GLY C 390 10.98 -21.84 28.85
N LEU C 391 10.28 -20.73 28.83
CA LEU C 391 10.91 -19.44 29.05
C LEU C 391 11.38 -19.40 30.49
N GLU C 392 10.53 -19.84 31.43
CA GLU C 392 10.88 -19.75 32.85
C GLU C 392 11.93 -20.78 33.22
N LEU C 393 11.94 -21.93 32.55
CA LEU C 393 12.97 -22.94 32.76
C LEU C 393 14.35 -22.48 32.30
N GLY C 394 14.41 -21.44 31.48
CA GLY C 394 15.68 -20.85 31.05
C GLY C 394 16.08 -21.08 29.60
N LEU C 395 15.19 -21.62 28.79
CA LEU C 395 15.46 -21.77 27.36
C LEU C 395 15.38 -20.38 26.72
N PRO C 396 16.12 -20.16 25.62
CA PRO C 396 16.13 -18.87 24.94
C PRO C 396 14.84 -18.55 24.17
N ALA C 397 14.54 -17.27 24.02
CA ALA C 397 13.31 -16.82 23.39
C ALA C 397 13.13 -17.32 21.96
N ASP C 398 14.20 -17.31 21.17
CA ASP C 398 14.11 -17.67 19.75
C ASP C 398 13.78 -19.16 19.53
N LEU C 399 14.11 -20.00 20.49
CA LEU C 399 13.77 -21.42 20.43
C LEU C 399 12.31 -21.59 20.84
N ILE C 400 11.86 -20.80 21.81
CA ILE C 400 10.51 -20.96 22.36
C ILE C 400 9.46 -20.53 21.33
N TYR C 401 9.71 -19.40 20.69
CA TYR C 401 8.74 -18.76 19.81
C TYR C 401 8.97 -19.01 18.33
N ARG C 402 9.78 -20.02 18.00
CA ARG C 402 10.02 -20.36 16.61
C ARG C 402 8.77 -21.03 16.05
N HIS C 403 8.57 -20.93 14.74
CA HIS C 403 7.39 -21.52 14.10
C HIS C 403 7.35 -23.02 14.30
N PRO C 404 6.15 -23.61 14.26
CA PRO C 404 6.04 -25.05 14.45
C PRO C 404 6.70 -25.82 13.33
N PHE C 405 7.35 -26.92 13.68
CA PHE C 405 7.96 -27.80 12.71
C PHE C 405 7.25 -29.16 12.85
N PRO C 406 6.83 -29.76 11.73
CA PRO C 406 6.03 -30.97 11.84
C PRO C 406 6.87 -32.16 12.31
N GLY C 407 6.20 -33.17 12.85
CA GLY C 407 6.85 -34.38 13.35
C GLY C 407 7.73 -35.05 12.31
N PRO C 408 7.15 -35.37 11.13
CA PRO C 408 7.92 -36.02 10.07
C PRO C 408 8.84 -35.08 9.30
N GLY C 409 8.88 -33.80 9.69
CA GLY C 409 9.79 -32.83 9.07
C GLY C 409 9.66 -32.70 7.56
N LEU C 410 10.81 -32.61 6.89
CA LEU C 410 10.85 -32.33 5.47
C LEU C 410 10.42 -33.52 4.60
N ALA C 411 9.73 -34.51 5.17
CA ALA C 411 9.18 -35.62 4.39
C ALA C 411 7.98 -35.11 3.64
N ILE C 412 7.15 -34.34 4.34
CA ILE C 412 6.25 -33.40 3.70
C ILE C 412 7.19 -32.34 3.15
N ARG C 413 6.69 -31.34 2.45
CA ARG C 413 7.56 -30.27 1.94
C ARG C 413 8.42 -30.67 0.75
N ILE C 414 8.51 -31.98 0.49
CA ILE C 414 8.81 -32.42 -0.86
C ILE C 414 7.59 -33.26 -1.25
N LEU C 415 7.07 -33.03 -2.45
CA LEU C 415 5.82 -33.65 -2.85
C LEU C 415 6.00 -35.07 -3.38
N GLY C 416 7.03 -35.29 -4.18
CA GLY C 416 7.30 -36.62 -4.74
C GLY C 416 7.90 -37.58 -3.71
N GLU C 417 8.81 -38.43 -4.17
CA GLU C 417 9.58 -39.28 -3.27
C GLU C 417 10.68 -38.44 -2.64
N VAL C 418 10.97 -38.70 -1.37
CA VAL C 418 11.98 -37.94 -0.63
C VAL C 418 13.33 -38.56 -0.91
N SER C 419 14.32 -37.74 -1.28
CA SER C 419 15.63 -38.26 -1.66
C SER C 419 16.76 -37.25 -1.54
N ALA C 420 17.44 -37.26 -0.40
CA ALA C 420 18.79 -36.68 -0.21
C ALA C 420 19.11 -35.45 -1.08
N GLU C 421 19.33 -35.67 -2.38
CA GLU C 421 19.57 -34.58 -3.33
C GLU C 421 18.52 -33.48 -3.19
N TYR C 422 17.26 -33.87 -3.01
CA TYR C 422 16.14 -32.95 -2.91
C TYR C 422 16.06 -32.24 -1.57
N ILE C 423 16.31 -32.95 -0.47
CA ILE C 423 16.32 -32.28 0.83
C ILE C 423 17.44 -31.24 0.87
N ASN C 424 18.61 -31.60 0.36
CA ASN C 424 19.74 -30.67 0.30
C ASN C 424 19.38 -29.33 -0.33
N ILE C 425 18.74 -29.36 -1.49
CA ILE C 425 18.35 -28.13 -2.17
C ILE C 425 17.15 -27.46 -1.51
N LEU C 426 16.24 -28.23 -0.93
CA LEU C 426 15.14 -27.66 -0.14
C LEU C 426 15.66 -26.98 1.13
N LYS C 427 16.69 -27.56 1.75
CA LYS C 427 17.28 -26.99 2.96
C LYS C 427 17.80 -25.59 2.72
N GLN C 428 18.50 -25.39 1.61
CA GLN C 428 19.09 -24.09 1.27
C GLN C 428 18.00 -23.05 0.99
N ALA C 429 16.96 -23.46 0.25
CA ALA C 429 15.84 -22.58 -0.06
C ALA C 429 15.12 -22.17 1.20
N ASP C 430 14.75 -23.16 2.00
CA ASP C 430 14.07 -22.91 3.27
C ASP C 430 14.87 -21.92 4.11
N ALA C 431 16.18 -22.16 4.21
CA ALA C 431 17.08 -21.34 5.02
C ALA C 431 17.10 -19.89 4.57
N ILE C 432 17.16 -19.67 3.27
CA ILE C 432 17.18 -18.31 2.71
C ILE C 432 15.90 -17.57 3.04
N PHE C 433 14.77 -18.25 2.88
CA PHE C 433 13.46 -17.65 3.09
C PHE C 433 13.30 -17.23 4.54
N ILE C 434 13.69 -18.13 5.45
CA ILE C 434 13.75 -17.83 6.89
C ILE C 434 15.19 -17.42 7.23
N GLU C 435 15.57 -16.24 6.73
CA GLU C 435 16.77 -15.51 7.16
C GLU C 435 16.44 -14.06 6.86
N GLU C 436 16.04 -13.81 5.62
CA GLU C 436 15.03 -12.82 5.32
C GLU C 436 13.85 -13.23 6.20
N LEU C 437 12.92 -12.33 6.47
CA LEU C 437 11.93 -12.51 7.55
C LEU C 437 12.59 -12.18 8.86
N LYS C 438 13.61 -12.95 9.22
CA LYS C 438 14.40 -12.64 10.41
C LYS C 438 15.06 -11.27 10.23
N LYS C 439 15.72 -11.05 9.10
CA LYS C 439 16.37 -9.78 8.82
C LYS C 439 15.40 -8.61 8.75
N SER C 440 14.21 -8.83 8.19
CA SER C 440 13.25 -7.75 7.98
C SER C 440 12.11 -7.72 9.00
N ASP C 441 12.32 -8.38 10.15
CA ASP C 441 11.33 -8.44 11.24
C ASP C 441 9.90 -8.81 10.78
N TYR C 442 9.80 -9.69 9.79
CA TYR C 442 8.49 -10.23 9.39
C TYR C 442 8.21 -11.60 10.00
N TYR C 443 9.26 -12.26 10.52
CA TYR C 443 9.17 -13.62 11.03
C TYR C 443 8.06 -13.81 12.07
N HIS C 444 8.00 -12.90 13.04
CA HIS C 444 7.01 -13.01 14.11
C HIS C 444 5.68 -12.34 13.78
N GLN C 445 5.57 -11.80 12.57
CA GLN C 445 4.30 -11.26 12.07
C GLN C 445 3.52 -12.30 11.26
N VAL C 446 4.14 -13.47 11.05
CA VAL C 446 3.49 -14.61 10.39
C VAL C 446 3.52 -15.82 11.31
N SER C 447 2.44 -16.62 11.31
CA SER C 447 2.32 -17.79 12.18
C SER C 447 3.19 -18.97 11.75
N GLN C 448 3.45 -19.07 10.45
CA GLN C 448 4.15 -20.22 9.90
C GLN C 448 4.75 -19.83 8.55
N ALA C 449 5.98 -20.27 8.30
CA ALA C 449 6.65 -19.97 7.04
C ALA C 449 7.61 -21.10 6.66
N PHE C 450 7.57 -21.55 5.42
CA PHE C 450 8.46 -22.63 5.00
C PHE C 450 8.48 -22.80 3.49
N ALA C 451 9.51 -23.51 3.03
CA ALA C 451 9.68 -23.82 1.62
C ALA C 451 9.24 -25.26 1.34
N VAL C 452 8.52 -25.45 0.24
CA VAL C 452 8.19 -26.78 -0.30
C VAL C 452 8.94 -26.98 -1.63
N PHE C 453 9.36 -28.22 -1.91
CA PHE C 453 10.12 -28.55 -3.12
C PHE C 453 9.28 -29.37 -4.10
N MET C 454 9.03 -28.80 -5.28
CA MET C 454 8.29 -29.49 -6.34
C MET C 454 9.27 -30.06 -7.37
N PRO C 455 9.22 -31.38 -7.61
CA PRO C 455 10.20 -32.00 -8.49
C PRO C 455 9.79 -31.94 -9.98
N LEU C 456 9.41 -30.77 -10.47
CA LEU C 456 8.87 -30.68 -11.82
C LEU C 456 9.81 -30.08 -12.86
N LYS C 457 10.30 -28.87 -12.62
CA LYS C 457 11.22 -28.17 -13.53
C LYS C 457 10.56 -27.28 -14.58
N SER C 458 11.20 -26.14 -14.83
CA SER C 458 10.74 -25.16 -15.82
C SER C 458 11.92 -24.36 -16.33
N VAL C 459 11.68 -23.50 -17.32
CA VAL C 459 12.75 -22.73 -17.93
C VAL C 459 12.94 -21.39 -17.22
N TYR C 468 16.75 -25.45 -17.67
CA TYR C 468 15.60 -25.91 -16.90
C TYR C 468 15.95 -26.47 -15.51
N GLY C 469 15.21 -26.05 -14.49
CA GLY C 469 15.43 -26.48 -13.11
C GLY C 469 14.17 -26.48 -12.24
N TYR C 470 14.26 -27.17 -11.10
CA TYR C 470 13.13 -27.44 -10.19
C TYR C 470 12.42 -26.20 -9.63
N ILE C 471 11.19 -26.37 -9.18
CA ILE C 471 10.39 -25.24 -8.70
C ILE C 471 10.19 -25.33 -7.19
N ILE C 472 10.38 -24.19 -6.53
CA ILE C 472 10.25 -24.05 -5.10
C ILE C 472 9.01 -23.23 -4.75
N ALA C 473 8.15 -23.79 -3.90
CA ALA C 473 6.98 -23.07 -3.39
C ALA C 473 7.29 -22.51 -2.00
N LEU C 474 6.87 -21.27 -1.76
CA LEU C 474 6.93 -20.70 -0.41
C LEU C 474 5.50 -20.63 0.15
N ARG C 475 5.40 -20.84 1.44
CA ARG C 475 4.12 -20.90 2.13
C ARG C 475 4.27 -20.06 3.38
N ALA C 476 3.35 -19.13 3.59
CA ALA C 476 3.32 -18.35 4.83
C ALA C 476 1.88 -17.97 5.14
N VAL C 477 1.49 -18.06 6.41
CA VAL C 477 0.10 -17.87 6.83
C VAL C 477 -0.05 -17.29 8.24
N LYS C 478 -1.27 -16.85 8.56
CA LYS C 478 -1.63 -16.44 9.92
C LYS C 478 -2.70 -17.36 10.52
N GLN C 486 -5.69 -18.02 5.33
CA GLN C 486 -5.19 -16.71 5.75
C GLN C 486 -3.72 -16.57 5.36
N TRP C 487 -3.44 -16.61 4.06
CA TRP C 487 -2.08 -16.49 3.55
C TRP C 487 -1.54 -15.09 3.74
N ALA C 488 -0.24 -15.00 4.00
CA ALA C 488 0.37 -13.75 4.44
C ALA C 488 0.57 -12.78 3.29
N ASP C 489 0.15 -11.54 3.47
CA ASP C 489 0.32 -10.49 2.47
C ASP C 489 1.65 -9.79 2.70
N LEU C 490 2.72 -10.39 2.17
CA LEU C 490 4.05 -9.83 2.35
C LEU C 490 4.32 -8.82 1.24
N PRO C 491 5.15 -7.78 1.51
CA PRO C 491 5.39 -6.75 0.50
C PRO C 491 6.07 -7.28 -0.75
N HIS C 492 5.79 -6.64 -1.88
CA HIS C 492 6.32 -7.05 -3.18
C HIS C 492 7.86 -7.10 -3.22
N GLU C 493 8.51 -6.00 -2.83
CA GLU C 493 9.98 -5.93 -2.90
C GLU C 493 10.65 -7.00 -2.03
N PHE C 494 10.01 -7.34 -0.91
CA PHE C 494 10.52 -8.38 -0.02
C PHE C 494 10.42 -9.78 -0.63
N LEU C 495 9.28 -10.07 -1.26
CA LEU C 495 9.11 -11.34 -1.96
C LEU C 495 10.06 -11.43 -3.15
N SER C 496 10.23 -10.33 -3.86
CA SER C 496 11.20 -10.24 -4.95
C SER C 496 12.59 -10.58 -4.47
N LYS C 497 13.01 -9.94 -3.38
CA LYS C 497 14.33 -10.17 -2.79
C LYS C 497 14.55 -11.65 -2.49
N VAL C 498 13.55 -12.28 -1.85
CA VAL C 498 13.65 -13.66 -1.44
C VAL C 498 13.68 -14.62 -2.63
N SER C 499 12.81 -14.39 -3.62
CA SER C 499 12.77 -15.24 -4.82
C SER C 499 14.04 -15.08 -5.64
N HIS C 500 14.48 -13.83 -5.82
CA HIS C 500 15.72 -13.50 -6.52
C HIS C 500 16.93 -14.21 -5.89
N ARG C 501 16.94 -14.34 -4.57
CA ARG C 501 18.08 -14.93 -3.87
C ARG C 501 18.07 -16.46 -3.99
N ILE C 502 16.89 -17.07 -3.90
CA ILE C 502 16.78 -18.52 -4.05
C ILE C 502 17.25 -18.96 -5.44
N VAL C 503 16.80 -18.25 -6.47
CA VAL C 503 17.08 -18.63 -7.85
C VAL C 503 18.54 -18.37 -8.28
N ASN C 504 19.15 -17.36 -7.70
CA ASN C 504 20.56 -17.06 -7.99
C ASN C 504 21.49 -17.93 -7.16
N GLU C 505 21.22 -18.04 -5.85
CA GLU C 505 22.13 -18.74 -4.94
C GLU C 505 22.02 -20.26 -5.00
N ILE C 506 20.83 -20.78 -5.23
CA ILE C 506 20.68 -22.22 -5.45
C ILE C 506 20.57 -22.44 -6.94
N LYS C 507 21.65 -22.94 -7.55
CA LYS C 507 21.59 -23.40 -8.93
C LYS C 507 20.57 -24.53 -9.00
N GLU C 508 20.36 -25.10 -10.18
CA GLU C 508 19.38 -26.19 -10.34
C GLU C 508 17.97 -25.89 -9.77
N VAL C 509 17.61 -24.61 -9.62
CA VAL C 509 16.26 -24.22 -9.18
C VAL C 509 15.49 -23.50 -10.29
N SER C 510 15.79 -22.23 -10.56
CA SER C 510 15.08 -21.50 -11.64
C SER C 510 13.58 -21.36 -11.39
N ARG C 511 13.19 -20.20 -10.85
CA ARG C 511 11.78 -19.85 -10.56
C ARG C 511 11.26 -20.39 -9.24
N VAL C 512 10.57 -19.51 -8.51
CA VAL C 512 9.93 -19.83 -7.24
C VAL C 512 8.54 -19.22 -7.22
N VAL C 513 7.64 -19.83 -6.46
CA VAL C 513 6.23 -19.42 -6.42
C VAL C 513 5.70 -19.32 -5.00
N TYR C 514 4.50 -18.75 -4.88
CA TYR C 514 3.91 -18.45 -3.59
C TYR C 514 2.49 -18.96 -3.50
N ASP C 515 2.13 -19.52 -2.35
CA ASP C 515 0.84 -20.14 -2.13
C ASP C 515 -0.19 -19.08 -1.73
N MET C 516 -1.30 -19.04 -2.46
CA MET C 516 -2.37 -18.09 -2.24
C MET C 516 -3.66 -18.80 -1.83
N THR C 517 -3.59 -19.77 -0.93
CA THR C 517 -4.79 -20.49 -0.52
C THR C 517 -4.93 -20.47 0.99
N ASN C 518 -6.16 -20.36 1.46
CA ASN C 518 -6.42 -20.15 2.87
C ASN C 518 -6.63 -21.44 3.64
N LYS C 519 -6.66 -21.33 4.98
CA LYS C 519 -6.91 -22.46 5.89
C LYS C 519 -8.24 -23.18 5.58
N PRO C 520 -9.33 -22.42 5.38
CA PRO C 520 -10.61 -23.11 5.10
C PRO C 520 -10.62 -24.04 3.86
N PRO C 521 -10.15 -23.56 2.69
CA PRO C 521 -10.15 -24.47 1.53
C PRO C 521 -8.97 -25.46 1.50
N ALA C 522 -7.85 -25.09 2.10
CA ALA C 522 -6.62 -25.89 1.99
C ALA C 522 -5.97 -26.16 3.34
N THR C 523 -5.12 -27.18 3.37
CA THR C 523 -4.30 -27.46 4.55
C THR C 523 -3.12 -26.47 4.60
N ILE C 524 -2.65 -26.18 5.81
CA ILE C 524 -1.45 -25.36 6.01
C ILE C 524 -0.24 -26.01 5.35
N GLU C 525 0.08 -27.22 5.78
CA GLU C 525 1.10 -28.03 5.12
C GLU C 525 0.54 -28.58 3.81
N TRP C 526 1.43 -29.05 2.94
CA TRP C 526 1.04 -29.68 1.69
C TRP C 526 1.11 -31.20 1.86
N ILE D 8 6.38 4.18 -52.84
CA ILE D 8 6.53 3.89 -51.37
C ILE D 8 7.70 2.92 -51.22
N HIS D 9 8.28 2.83 -50.00
CA HIS D 9 9.56 2.11 -49.74
C HIS D 9 10.78 2.87 -50.25
N GLN D 10 10.56 3.94 -51.01
CA GLN D 10 11.61 4.55 -51.80
C GLN D 10 12.58 5.32 -50.91
N HIS D 11 12.07 5.87 -49.81
CA HIS D 11 12.91 6.44 -48.76
C HIS D 11 13.13 5.40 -47.67
N ARG D 12 14.39 5.03 -47.44
CA ARG D 12 14.71 3.96 -46.50
C ARG D 12 16.05 4.12 -45.80
N ILE D 13 16.11 3.61 -44.56
CA ILE D 13 17.29 3.67 -43.70
C ILE D 13 17.78 2.25 -43.39
N LEU D 14 19.09 2.03 -43.46
CA LEU D 14 19.65 0.74 -43.11
C LEU D 14 20.17 0.78 -41.68
N ILE D 15 19.87 -0.26 -40.90
CA ILE D 15 20.40 -0.41 -39.54
C ILE D 15 21.22 -1.69 -39.42
N LEU D 16 22.47 -1.56 -38.98
CA LEU D 16 23.34 -2.70 -38.79
C LEU D 16 23.29 -3.13 -37.34
N ASP D 17 23.11 -4.43 -37.13
CA ASP D 17 22.93 -5.02 -35.81
C ASP D 17 24.26 -5.54 -35.28
N PHE D 18 24.81 -4.88 -34.27
CA PHE D 18 26.05 -5.30 -33.62
C PHE D 18 25.79 -6.07 -32.31
N GLY D 19 24.67 -6.78 -32.23
CA GLY D 19 24.18 -7.31 -30.96
C GLY D 19 23.44 -6.18 -30.29
N SER D 20 23.14 -6.30 -28.99
CA SER D 20 22.37 -5.26 -28.28
C SER D 20 20.89 -5.49 -28.44
N GLN D 21 20.24 -5.80 -27.32
CA GLN D 21 18.78 -5.92 -27.27
C GLN D 21 18.05 -4.76 -27.93
N TYR D 22 18.67 -3.58 -27.99
CA TYR D 22 17.99 -2.40 -28.52
C TYR D 22 18.13 -2.17 -30.04
N ALA D 23 18.72 -3.10 -30.78
CA ALA D 23 18.89 -2.91 -32.22
C ALA D 23 17.53 -2.73 -32.90
N GLN D 24 16.70 -3.77 -32.84
CA GLN D 24 15.27 -3.59 -33.08
C GLN D 24 14.84 -2.63 -32.00
N LEU D 25 14.15 -1.57 -32.38
CA LEU D 25 13.83 -0.48 -31.44
C LEU D 25 14.46 0.77 -31.98
N ILE D 26 15.72 0.67 -32.42
CA ILE D 26 16.22 1.70 -33.30
C ILE D 26 15.29 1.63 -34.52
N ALA D 27 15.18 0.44 -35.08
CA ALA D 27 14.30 0.19 -36.22
C ALA D 27 12.93 0.76 -35.94
N ARG D 28 12.35 0.41 -34.81
CA ARG D 28 10.97 0.77 -34.51
C ARG D 28 10.82 2.27 -34.36
N ARG D 29 11.77 2.91 -33.72
CA ARG D 29 11.75 4.36 -33.62
C ARG D 29 11.76 5.01 -34.99
N VAL D 30 12.58 4.50 -35.90
CA VAL D 30 12.64 5.00 -37.27
C VAL D 30 11.30 4.81 -37.99
N ARG D 31 10.69 3.64 -37.84
CA ARG D 31 9.41 3.38 -38.47
C ARG D 31 8.35 4.35 -37.94
N GLU D 32 8.43 4.62 -36.65
CA GLU D 32 7.51 5.54 -35.96
C GLU D 32 7.71 6.97 -36.45
N ILE D 33 8.96 7.34 -36.72
CA ILE D 33 9.27 8.61 -37.35
C ILE D 33 8.62 8.68 -38.75
N GLY D 34 8.40 7.51 -39.35
CA GLY D 34 7.64 7.41 -40.58
C GLY D 34 8.44 7.07 -41.82
N VAL D 35 9.58 6.41 -41.64
CA VAL D 35 10.44 6.02 -42.74
C VAL D 35 10.75 4.53 -42.64
N TYR D 36 10.73 3.87 -43.78
CA TYR D 36 11.00 2.44 -43.84
C TYR D 36 12.45 2.19 -43.47
N CYS D 37 12.70 1.06 -42.84
CA CYS D 37 14.06 0.64 -42.59
C CYS D 37 14.11 -0.87 -42.52
N GLU D 38 15.30 -1.43 -42.74
CA GLU D 38 15.55 -2.83 -42.51
C GLU D 38 16.70 -2.97 -41.52
N LEU D 39 16.73 -4.09 -40.81
CA LEU D 39 17.78 -4.36 -39.85
C LEU D 39 18.56 -5.56 -40.36
N MET D 40 19.82 -5.36 -40.70
CA MET D 40 20.67 -6.43 -41.19
C MET D 40 21.83 -6.67 -40.21
N PRO D 41 22.36 -7.91 -40.17
CA PRO D 41 23.55 -8.14 -39.36
C PRO D 41 24.76 -7.40 -39.93
N CYS D 42 25.72 -7.07 -39.09
CA CYS D 42 26.83 -6.23 -39.52
C CYS D 42 27.79 -6.95 -40.44
N ASP D 43 27.86 -8.28 -40.34
CA ASP D 43 28.77 -9.06 -41.18
C ASP D 43 28.23 -9.26 -42.60
N ILE D 44 27.19 -8.53 -42.96
CA ILE D 44 26.56 -8.66 -44.28
C ILE D 44 27.47 -8.09 -45.36
N ASP D 45 27.34 -8.63 -46.58
CA ASP D 45 28.28 -8.30 -47.66
C ASP D 45 27.93 -6.96 -48.28
N GLU D 46 28.95 -6.21 -48.69
CA GLU D 46 28.78 -5.15 -49.69
C GLU D 46 28.17 -5.84 -50.90
N GLU D 47 27.21 -5.18 -51.56
CA GLU D 47 26.27 -5.86 -52.47
C GLU D 47 25.29 -6.53 -51.52
N THR D 48 24.06 -6.00 -51.50
CA THR D 48 23.26 -5.98 -50.28
C THR D 48 23.93 -4.84 -49.52
N ILE D 49 23.25 -3.73 -49.38
CA ILE D 49 23.84 -2.44 -48.97
C ILE D 49 23.94 -1.61 -50.23
N ARG D 50 24.73 -2.06 -51.19
CA ARG D 50 24.77 -1.36 -52.46
C ARG D 50 23.41 -1.49 -53.16
N ASP D 51 22.82 -2.69 -53.10
CA ASP D 51 21.51 -2.93 -53.72
C ASP D 51 20.39 -2.29 -52.91
N PHE D 52 20.57 -2.20 -51.60
CA PHE D 52 19.60 -1.54 -50.71
C PHE D 52 19.66 -0.03 -50.89
N ASN D 53 20.85 0.50 -51.18
CA ASN D 53 21.05 1.91 -51.54
C ASN D 53 20.35 2.89 -50.59
N PRO D 54 20.74 2.88 -49.32
CA PRO D 54 20.04 3.61 -48.27
C PRO D 54 20.22 5.14 -48.34
N HIS D 55 19.26 5.86 -47.75
CA HIS D 55 19.39 7.31 -47.54
C HIS D 55 20.34 7.62 -46.38
N GLY D 56 20.57 6.63 -45.52
CA GLY D 56 21.53 6.75 -44.44
C GLY D 56 21.66 5.44 -43.71
N ILE D 57 22.65 5.35 -42.84
CA ILE D 57 22.93 4.12 -42.10
C ILE D 57 23.02 4.44 -40.62
N ILE D 58 22.54 3.53 -39.78
CA ILE D 58 22.70 3.65 -38.34
C ILE D 58 23.38 2.40 -37.81
N LEU D 59 24.50 2.58 -37.09
CA LEU D 59 25.21 1.47 -36.47
C LEU D 59 24.76 1.40 -35.02
N SER D 60 24.28 0.23 -34.60
CA SER D 60 23.75 0.04 -33.26
C SER D 60 24.82 -0.47 -32.32
N GLY D 61 24.37 -1.15 -31.27
CA GLY D 61 24.99 -2.40 -30.88
C GLY D 61 26.00 -2.44 -29.77
N GLY D 62 26.59 -3.61 -29.62
CA GLY D 62 27.35 -3.96 -28.44
C GLY D 62 26.37 -4.67 -27.53
N PRO D 63 26.58 -5.97 -27.32
CA PRO D 63 25.66 -6.73 -26.48
C PRO D 63 25.88 -6.50 -24.97
N GLU D 64 25.34 -7.39 -24.14
CA GLU D 64 25.37 -7.26 -22.68
C GLU D 64 24.65 -5.98 -22.26
N ALA D 74 33.30 -4.78 -37.01
CA ALA D 74 33.83 -4.06 -38.17
C ALA D 74 32.95 -4.21 -39.44
N PRO D 75 32.30 -3.11 -39.92
CA PRO D 75 31.43 -3.09 -41.13
C PRO D 75 32.08 -2.80 -42.51
N ALA D 76 33.17 -2.03 -42.54
CA ALA D 76 34.13 -2.01 -43.68
C ALA D 76 34.08 -0.83 -44.68
N PHE D 77 33.05 -0.78 -45.53
CA PHE D 77 33.00 0.18 -46.64
C PHE D 77 31.77 1.10 -46.59
N ILE D 78 30.93 0.96 -45.57
CA ILE D 78 29.73 1.80 -45.47
C ILE D 78 30.06 3.29 -45.48
N PHE D 79 31.34 3.63 -45.28
CA PHE D 79 31.79 5.01 -45.25
C PHE D 79 32.17 5.54 -46.63
N GLU D 80 32.09 4.67 -47.64
CA GLU D 80 32.45 5.02 -49.02
C GLU D 80 31.26 5.54 -49.82
N ILE D 81 30.04 5.07 -49.52
CA ILE D 81 28.86 5.58 -50.22
C ILE D 81 28.54 6.97 -49.70
N GLY D 82 27.87 7.77 -50.52
CA GLY D 82 27.54 9.14 -50.16
C GLY D 82 26.82 9.29 -48.84
N CYS D 83 25.94 8.37 -48.50
CA CYS D 83 24.95 8.57 -47.44
C CYS D 83 25.54 8.81 -46.04
N PRO D 84 24.80 9.51 -45.16
CA PRO D 84 25.24 9.72 -43.78
C PRO D 84 25.18 8.46 -42.93
N VAL D 85 25.98 8.43 -41.87
CA VAL D 85 26.05 7.27 -40.99
C VAL D 85 26.05 7.72 -39.53
N LEU D 86 25.21 7.09 -38.71
CA LEU D 86 25.08 7.42 -37.29
C LEU D 86 25.51 6.23 -36.44
N GLY D 87 26.58 6.39 -35.67
CA GLY D 87 27.04 5.35 -34.77
C GLY D 87 26.47 5.52 -33.37
N ILE D 88 25.89 4.46 -32.82
CA ILE D 88 25.42 4.45 -31.45
C ILE D 88 26.31 3.53 -30.62
N CYS D 89 26.87 4.07 -29.55
CA CYS D 89 27.70 3.33 -28.58
C CYS D 89 28.85 2.55 -29.22
N TYR D 90 28.76 1.23 -29.31
CA TYR D 90 29.78 0.49 -30.03
C TYR D 90 29.85 1.00 -31.46
N GLY D 91 28.69 1.34 -32.01
CA GLY D 91 28.62 1.97 -33.33
C GLY D 91 29.61 3.12 -33.46
N MET D 92 29.60 4.00 -32.46
CA MET D 92 30.53 5.13 -32.41
C MET D 92 31.98 4.63 -32.32
N GLN D 93 32.23 3.64 -31.46
CA GLN D 93 33.58 3.07 -31.32
C GLN D 93 34.19 2.63 -32.65
N THR D 94 33.60 1.64 -33.31
CA THR D 94 34.15 1.11 -34.55
C THR D 94 34.20 2.16 -35.64
N MET D 95 33.21 3.06 -35.64
CA MET D 95 33.25 4.19 -36.56
C MET D 95 34.57 4.92 -36.33
N ALA D 96 34.89 5.17 -35.07
CA ALA D 96 36.13 5.84 -34.70
C ALA D 96 37.35 5.00 -35.10
N TYR D 97 37.38 3.73 -34.70
CA TYR D 97 38.52 2.86 -34.99
C TYR D 97 38.75 2.68 -36.49
N GLN D 98 37.69 2.49 -37.26
CA GLN D 98 37.81 2.18 -38.70
C GLN D 98 38.22 3.36 -39.55
N LEU D 99 37.94 4.57 -39.07
CA LEU D 99 38.55 5.78 -39.62
C LEU D 99 39.74 5.96 -38.71
N GLY D 100 40.41 7.11 -38.73
CA GLY D 100 41.57 7.27 -37.84
C GLY D 100 41.08 7.28 -36.40
N GLY D 101 41.98 7.44 -35.44
CA GLY D 101 41.55 7.71 -34.06
C GLY D 101 41.47 6.51 -33.14
N LYS D 102 41.49 6.81 -31.85
CA LYS D 102 41.81 5.85 -30.79
C LYS D 102 40.61 5.60 -29.89
N VAL D 103 40.59 4.44 -29.24
CA VAL D 103 39.39 3.91 -28.61
C VAL D 103 39.77 3.05 -27.39
N ASN D 104 38.77 2.51 -26.69
CA ASN D 104 38.99 1.72 -25.47
C ASN D 104 38.01 0.53 -25.34
N GLU D 110 27.98 -2.10 -17.97
CA GLU D 110 28.20 -0.78 -17.38
C GLU D 110 27.45 0.30 -18.19
N PHE D 111 26.21 0.57 -17.77
CA PHE D 111 25.33 1.55 -18.41
C PHE D 111 24.60 2.35 -17.34
N GLY D 112 24.40 3.65 -17.55
CA GLY D 112 23.69 4.46 -16.56
C GLY D 112 23.18 5.77 -17.09
N HIS D 113 22.50 6.53 -16.23
CA HIS D 113 22.12 7.90 -16.54
C HIS D 113 23.34 8.79 -16.53
N ALA D 114 23.31 9.83 -17.36
CA ALA D 114 24.32 10.88 -17.36
C ALA D 114 23.75 12.17 -17.91
N GLN D 115 24.32 13.30 -17.51
CA GLN D 115 23.94 14.61 -18.03
C GLN D 115 24.93 15.03 -19.12
N LEU D 116 24.47 15.06 -20.36
CA LEU D 116 25.30 15.41 -21.50
C LEU D 116 25.22 16.91 -21.77
N ARG D 117 26.37 17.58 -21.85
CA ARG D 117 26.41 18.97 -22.29
C ARG D 117 26.68 19.01 -23.78
N VAL D 118 25.89 19.78 -24.52
CA VAL D 118 26.11 19.93 -25.96
C VAL D 118 27.04 21.12 -26.27
N LEU D 119 28.19 20.81 -26.87
CA LEU D 119 29.03 21.78 -27.54
C LEU D 119 28.60 21.68 -29.00
N ASN D 120 28.46 22.76 -29.73
CA ASN D 120 27.99 22.66 -31.12
C ASN D 120 26.66 21.90 -31.33
N PRO D 121 25.53 22.65 -31.35
CA PRO D 121 24.19 22.10 -31.61
C PRO D 121 24.02 21.42 -32.95
N ALA D 122 24.98 21.57 -33.85
CA ALA D 122 25.12 20.62 -34.95
C ALA D 122 23.92 20.64 -35.86
N PHE D 123 23.70 19.54 -36.55
CA PHE D 123 22.45 19.29 -37.26
C PHE D 123 21.65 18.28 -36.46
N LEU D 124 22.33 17.62 -35.51
CA LEU D 124 21.77 16.50 -34.77
C LEU D 124 21.08 16.92 -33.46
N PHE D 125 21.61 17.94 -32.78
CA PHE D 125 21.04 18.42 -31.51
C PHE D 125 20.38 19.79 -31.61
N ASP D 126 19.80 20.10 -32.76
CA ASP D 126 19.29 21.43 -33.06
C ASP D 126 17.96 21.67 -32.38
N GLY D 127 17.87 22.64 -31.48
CA GLY D 127 16.79 22.64 -30.49
C GLY D 127 17.18 21.52 -29.55
N ILE D 128 16.23 20.75 -29.04
CA ILE D 128 16.59 19.57 -28.23
C ILE D 128 17.44 19.89 -26.99
N GLU D 129 16.77 20.23 -25.92
CA GLU D 129 17.38 20.56 -24.65
C GLU D 129 16.49 20.05 -23.55
N ASP D 130 17.08 19.43 -22.53
CA ASP D 130 16.34 18.99 -21.36
C ASP D 130 16.43 20.04 -20.27
N GLN D 131 17.61 20.63 -20.13
CA GLN D 131 17.84 21.75 -19.21
C GLN D 131 18.80 22.73 -19.88
N VAL D 132 18.77 23.99 -19.46
CA VAL D 132 19.84 24.90 -19.84
C VAL D 132 20.96 24.66 -18.85
N SER D 133 21.30 25.59 -17.97
CA SER D 133 22.49 25.43 -17.13
C SER D 133 22.89 26.77 -16.57
N PRO D 134 23.51 26.79 -15.39
CA PRO D 134 23.91 28.07 -14.83
C PRO D 134 24.79 28.89 -15.79
N GLN D 135 25.58 28.22 -16.63
CA GLN D 135 26.48 28.91 -17.57
C GLN D 135 25.84 29.18 -18.92
N GLY D 136 24.58 28.79 -19.11
CA GLY D 136 23.84 29.06 -20.35
C GLY D 136 24.08 28.05 -21.46
N GLU D 137 24.37 26.81 -21.08
CA GLU D 137 24.72 25.79 -22.06
C GLU D 137 23.67 24.67 -22.04
N PRO D 138 23.33 24.13 -23.22
CA PRO D 138 22.27 23.13 -23.34
C PRO D 138 22.65 21.77 -22.77
N LEU D 139 21.79 21.21 -21.94
CA LEU D 139 22.01 19.93 -21.29
C LEU D 139 20.94 18.91 -21.67
N LEU D 140 21.36 17.66 -21.84
CA LEU D 140 20.48 16.53 -22.18
C LEU D 140 20.67 15.42 -21.16
N ASP D 141 19.56 14.85 -20.69
CA ASP D 141 19.60 13.63 -19.90
C ASP D 141 19.70 12.46 -20.88
N VAL D 142 20.75 11.65 -20.74
CA VAL D 142 20.98 10.52 -21.63
C VAL D 142 21.23 9.24 -20.86
N TRP D 143 21.18 8.12 -21.58
CA TRP D 143 21.47 6.80 -21.06
C TRP D 143 22.78 6.34 -21.69
N MET D 144 23.86 6.54 -20.95
CA MET D 144 25.22 6.38 -21.44
C MET D 144 25.62 4.90 -21.43
N SER D 145 26.47 4.52 -22.38
CA SER D 145 27.25 3.29 -22.25
C SER D 145 28.67 3.73 -21.92
N HIS D 146 29.13 3.40 -20.70
CA HIS D 146 30.38 3.97 -20.17
C HIS D 146 31.62 3.27 -20.70
N GLY D 147 31.43 2.08 -21.27
CA GLY D 147 32.55 1.24 -21.70
C GLY D 147 32.98 1.44 -23.15
N ASP D 148 32.15 2.13 -23.94
CA ASP D 148 32.43 2.36 -25.36
C ASP D 148 33.09 3.72 -25.56
N ILE D 149 34.17 3.94 -24.81
CA ILE D 149 34.91 5.18 -24.84
C ILE D 149 35.63 5.38 -26.19
N VAL D 150 35.68 6.64 -26.64
CA VAL D 150 36.53 7.07 -27.76
C VAL D 150 37.59 8.01 -27.19
N SER D 151 38.86 7.64 -27.31
CA SER D 151 39.97 8.36 -26.66
C SER D 151 40.42 9.56 -27.44
N GLU D 152 40.64 9.37 -28.74
CA GLU D 152 41.09 10.43 -29.63
C GLU D 152 40.21 10.49 -30.87
N LEU D 153 39.82 11.71 -31.26
CA LEU D 153 38.98 11.90 -32.43
C LEU D 153 39.72 11.48 -33.69
N PRO D 154 38.99 10.90 -34.67
CA PRO D 154 39.58 10.67 -35.99
C PRO D 154 39.80 11.96 -36.77
N PRO D 155 40.53 11.89 -37.89
CA PRO D 155 40.59 13.01 -38.81
C PRO D 155 39.21 13.45 -39.28
N GLY D 156 38.99 14.76 -39.32
CA GLY D 156 37.74 15.31 -39.84
C GLY D 156 36.62 15.43 -38.82
N PHE D 157 36.79 14.81 -37.65
CA PHE D 157 35.77 14.84 -36.62
C PHE D 157 36.03 15.94 -35.61
N GLU D 158 34.98 16.31 -34.89
CA GLU D 158 35.10 17.22 -33.77
C GLU D 158 34.10 16.87 -32.68
N ALA D 159 34.50 17.12 -31.43
CA ALA D 159 33.66 16.80 -30.29
C ALA D 159 32.45 17.69 -30.31
N THR D 160 31.28 17.08 -30.20
CA THR D 160 30.03 17.78 -30.33
C THR D 160 29.19 17.70 -29.04
N ALA D 161 29.68 17.02 -28.03
CA ALA D 161 28.97 16.88 -26.76
C ALA D 161 29.84 16.12 -25.78
N CYS D 162 29.70 16.41 -24.50
CA CYS D 162 30.53 15.74 -23.49
C CYS D 162 29.84 15.62 -22.14
N THR D 163 30.46 14.85 -21.27
CA THR D 163 30.03 14.70 -19.89
C THR D 163 31.24 14.88 -19.02
N ASP D 164 31.03 14.92 -17.71
CA ASP D 164 32.12 15.05 -16.74
C ASP D 164 33.11 13.89 -16.91
N ASN D 165 32.56 12.70 -17.10
CA ASN D 165 33.36 11.48 -17.15
C ASN D 165 33.84 11.15 -18.57
N SER D 166 33.25 11.78 -19.58
CA SER D 166 33.57 11.47 -20.97
C SER D 166 33.71 12.73 -21.83
N PRO D 167 34.96 13.12 -22.16
CA PRO D 167 35.20 14.28 -23.00
C PRO D 167 34.63 14.19 -24.43
N LEU D 168 34.54 12.98 -24.98
CA LEU D 168 34.09 12.78 -26.35
C LEU D 168 32.83 11.92 -26.41
N ALA D 169 31.77 12.40 -25.76
CA ALA D 169 30.50 11.70 -25.73
C ALA D 169 29.74 11.79 -27.06
N ALA D 170 30.16 12.68 -27.95
CA ALA D 170 29.55 12.76 -29.28
C ALA D 170 30.54 13.31 -30.30
N MET D 171 30.45 12.82 -31.53
CA MET D 171 31.38 13.17 -32.62
C MET D 171 30.62 13.63 -33.86
N ALA D 172 31.29 14.38 -34.73
CA ALA D 172 30.70 14.70 -36.02
C ALA D 172 31.73 15.12 -37.06
N ASP D 173 31.58 14.61 -38.27
CA ASP D 173 32.42 15.02 -39.38
C ASP D 173 31.84 16.29 -39.98
N PHE D 174 30.59 16.18 -40.42
CA PHE D 174 29.84 17.26 -41.09
C PHE D 174 30.02 17.25 -42.59
N LYS D 175 31.26 17.20 -43.07
CA LYS D 175 31.47 17.17 -44.52
C LYS D 175 31.10 15.79 -45.07
N ARG D 176 31.50 14.74 -44.37
CA ARG D 176 31.11 13.38 -44.74
C ARG D 176 29.78 13.01 -44.13
N ARG D 177 29.33 13.79 -43.15
CA ARG D 177 28.06 13.57 -42.44
C ARG D 177 28.07 12.27 -41.62
N PHE D 178 29.14 12.08 -40.88
CA PHE D 178 29.26 10.94 -39.98
C PHE D 178 29.04 11.46 -38.58
N PHE D 179 28.23 10.75 -37.79
CA PHE D 179 27.92 11.16 -36.44
C PHE D 179 28.05 9.99 -35.47
N GLY D 180 28.56 10.26 -34.27
CA GLY D 180 28.60 9.27 -33.19
C GLY D 180 27.97 9.73 -31.89
N LEU D 181 27.36 8.80 -31.16
CA LEU D 181 26.83 9.03 -29.82
C LEU D 181 27.36 7.96 -28.87
N GLN D 182 27.77 8.36 -27.66
CA GLN D 182 28.13 7.40 -26.62
C GLN D 182 26.94 7.04 -25.72
N PHE D 183 25.72 7.26 -26.22
CA PHE D 183 24.52 6.92 -25.47
C PHE D 183 23.44 6.37 -26.41
N HIS D 184 22.36 5.86 -25.81
CA HIS D 184 21.28 5.23 -26.56
C HIS D 184 20.09 6.17 -26.71
N PRO D 185 19.93 6.76 -27.90
CA PRO D 185 18.78 7.62 -28.11
C PRO D 185 17.46 6.87 -28.27
N GLU D 186 17.51 5.55 -28.45
CA GLU D 186 16.30 4.75 -28.68
C GLU D 186 15.53 4.53 -27.39
N VAL D 187 16.27 4.38 -26.29
CA VAL D 187 15.68 3.97 -25.04
C VAL D 187 14.96 5.15 -24.42
N THR D 188 13.91 4.85 -23.67
CA THR D 188 13.08 5.89 -23.06
C THR D 188 13.87 6.71 -22.03
N HIS D 189 14.98 6.16 -21.54
CA HIS D 189 15.78 6.83 -20.51
C HIS D 189 16.71 7.91 -21.04
N THR D 190 16.60 8.20 -22.34
CA THR D 190 17.05 9.48 -22.87
C THR D 190 15.81 10.12 -23.50
N PRO D 191 15.09 10.96 -22.73
CA PRO D 191 13.79 11.51 -23.12
C PRO D 191 13.73 12.14 -24.50
N GLN D 192 14.75 12.91 -24.89
CA GLN D 192 14.73 13.57 -26.19
C GLN D 192 15.35 12.72 -27.30
N GLY D 193 15.63 11.45 -27.00
CA GLY D 193 16.34 10.58 -27.93
C GLY D 193 15.63 10.37 -29.25
N HIS D 194 14.29 10.28 -29.22
CA HIS D 194 13.50 10.12 -30.44
C HIS D 194 13.65 11.32 -31.37
N ARG D 195 13.87 12.49 -30.78
CA ARG D 195 14.06 13.71 -31.57
C ARG D 195 15.41 13.70 -32.24
N ILE D 196 16.43 13.27 -31.52
CA ILE D 196 17.75 13.16 -32.10
C ILE D 196 17.70 12.24 -33.31
N LEU D 197 17.03 11.10 -33.18
CA LEU D 197 16.87 10.14 -34.27
C LEU D 197 16.09 10.74 -35.42
N ALA D 198 15.03 11.47 -35.07
CA ALA D 198 14.22 12.16 -36.04
C ALA D 198 15.08 13.12 -36.84
N HIS D 199 15.94 13.88 -36.17
CA HIS D 199 16.82 14.82 -36.85
C HIS D 199 17.75 14.11 -37.82
N PHE D 200 18.30 12.97 -37.43
CA PHE D 200 19.16 12.22 -38.34
C PHE D 200 18.39 11.73 -39.57
N VAL D 201 17.22 11.13 -39.38
CA VAL D 201 16.48 10.56 -40.50
C VAL D 201 15.88 11.62 -41.41
N ILE D 202 15.18 12.59 -40.82
CA ILE D 202 14.39 13.53 -41.59
C ILE D 202 15.22 14.64 -42.20
N HIS D 203 16.19 15.17 -41.45
CA HIS D 203 16.90 16.38 -41.85
C HIS D 203 18.24 16.10 -42.48
N ILE D 204 19.06 15.30 -41.82
CA ILE D 204 20.40 14.94 -42.33
C ILE D 204 20.31 14.02 -43.54
N CYS D 205 19.54 12.94 -43.40
CA CYS D 205 19.38 11.97 -44.48
C CYS D 205 18.32 12.39 -45.47
N GLN D 206 17.57 13.44 -45.13
CA GLN D 206 16.68 14.09 -46.10
C GLN D 206 15.55 13.16 -46.58
N CYS D 207 15.08 12.27 -45.71
CA CYS D 207 13.95 11.41 -46.00
C CYS D 207 12.63 12.17 -45.84
N ILE D 208 11.63 11.81 -46.63
CA ILE D 208 10.27 12.33 -46.45
C ILE D 208 9.43 11.18 -45.90
N PRO D 209 8.75 11.40 -44.75
CA PRO D 209 8.05 10.30 -44.10
C PRO D 209 6.74 9.96 -44.78
N ASN D 210 6.68 8.80 -45.42
CA ASN D 210 5.45 8.28 -46.02
C ASN D 210 5.05 6.89 -45.51
N TRP D 211 5.87 6.32 -44.62
CA TRP D 211 5.57 5.06 -43.96
C TRP D 211 4.48 5.31 -42.93
N THR D 212 3.25 5.26 -43.39
CA THR D 212 2.07 5.55 -42.57
C THR D 212 1.20 4.30 -42.59
N THR D 213 0.39 4.10 -41.56
CA THR D 213 -0.42 2.89 -41.51
C THR D 213 -1.40 2.82 -42.70
N LYS D 214 -1.90 3.96 -43.20
CA LYS D 214 -2.82 3.94 -44.35
C LYS D 214 -2.09 3.56 -45.64
N HIS D 215 -0.88 4.08 -45.81
CA HIS D 215 -0.08 3.77 -46.97
C HIS D 215 0.37 2.33 -46.93
N ILE D 216 0.67 1.81 -45.75
CA ILE D 216 1.05 0.40 -45.61
C ILE D 216 -0.11 -0.48 -46.08
N ILE D 217 -1.33 -0.16 -45.63
CA ILE D 217 -2.53 -0.90 -46.02
C ILE D 217 -2.72 -0.90 -47.53
N GLU D 218 -2.57 0.24 -48.17
CA GLU D 218 -2.74 0.32 -49.62
C GLU D 218 -1.67 -0.48 -50.36
N ASP D 219 -0.42 -0.34 -49.93
CA ASP D 219 0.68 -1.06 -50.55
C ASP D 219 0.47 -2.56 -50.46
N SER D 220 0.03 -3.02 -49.30
CA SER D 220 -0.07 -4.44 -49.03
C SER D 220 -1.23 -5.04 -49.80
N ILE D 221 -2.40 -4.41 -49.73
CA ILE D 221 -3.56 -4.87 -50.51
C ILE D 221 -3.17 -5.01 -51.97
N ARG D 222 -2.45 -4.03 -52.47
CA ARG D 222 -2.04 -4.00 -53.86
C ARG D 222 -1.09 -5.15 -54.14
N ASP D 223 -0.14 -5.38 -53.24
CA ASP D 223 0.84 -6.46 -53.38
C ASP D 223 0.17 -7.84 -53.42
N ILE D 224 -0.86 -8.03 -52.61
CA ILE D 224 -1.59 -9.28 -52.56
C ILE D 224 -2.29 -9.53 -53.88
N GLN D 225 -2.89 -8.48 -54.44
CA GLN D 225 -3.57 -8.57 -55.72
C GLN D 225 -2.62 -8.93 -56.88
N GLU D 226 -1.40 -8.40 -56.86
CA GLU D 226 -0.43 -8.65 -57.93
C GLU D 226 0.09 -10.09 -57.87
N LYS D 227 0.39 -10.56 -56.67
CA LYS D 227 0.95 -11.90 -56.49
C LYS D 227 -0.09 -13.00 -56.73
N VAL D 228 -1.23 -12.86 -56.06
CA VAL D 228 -2.20 -13.94 -55.99
C VAL D 228 -3.20 -13.94 -57.16
N GLY D 229 -3.36 -12.79 -57.82
CA GLY D 229 -4.24 -12.72 -59.00
C GLY D 229 -5.68 -13.10 -58.68
N LYS D 230 -6.23 -14.02 -59.46
CA LYS D 230 -7.63 -14.43 -59.30
C LYS D 230 -7.84 -15.67 -58.41
N GLU D 231 -6.76 -16.42 -58.16
CA GLU D 231 -6.90 -17.69 -57.43
C GLU D 231 -7.04 -17.48 -55.93
N GLN D 232 -7.45 -18.53 -55.24
CA GLN D 232 -7.89 -18.44 -53.84
C GLN D 232 -6.73 -18.56 -52.85
N VAL D 233 -6.97 -18.09 -51.63
CA VAL D 233 -5.97 -18.12 -50.56
C VAL D 233 -6.58 -18.61 -49.25
N ILE D 234 -5.87 -19.51 -48.58
CA ILE D 234 -6.23 -19.96 -47.25
C ILE D 234 -5.44 -19.11 -46.26
N VAL D 235 -6.15 -18.56 -45.27
CA VAL D 235 -5.53 -17.93 -44.11
C VAL D 235 -6.03 -18.60 -42.84
N GLY D 236 -5.11 -18.99 -41.97
CA GLY D 236 -5.47 -19.55 -40.67
C GLY D 236 -5.89 -18.45 -39.72
N LEU D 237 -7.02 -18.64 -39.03
CA LEU D 237 -7.50 -17.68 -38.05
C LEU D 237 -7.01 -17.99 -36.62
N SER D 238 -6.71 -19.26 -36.36
CA SER D 238 -6.12 -19.69 -35.10
C SER D 238 -4.73 -19.06 -34.86
N GLY D 239 -4.67 -17.97 -34.10
CA GLY D 239 -3.38 -17.34 -33.80
C GLY D 239 -3.35 -15.84 -33.44
N GLY D 240 -4.44 -15.32 -32.89
CA GLY D 240 -4.44 -13.95 -32.37
C GLY D 240 -4.27 -12.85 -33.43
N VAL D 241 -3.68 -11.74 -33.00
CA VAL D 241 -3.67 -10.49 -33.73
C VAL D 241 -3.08 -10.57 -35.16
N ASP D 242 -1.96 -11.29 -35.31
CA ASP D 242 -1.26 -11.41 -36.59
C ASP D 242 -2.07 -12.18 -37.63
N SER D 243 -2.77 -13.23 -37.19
CA SER D 243 -3.69 -13.97 -38.04
C SER D 243 -4.85 -13.07 -38.42
N ALA D 244 -5.49 -12.48 -37.43
CA ALA D 244 -6.66 -11.65 -37.68
C ALA D 244 -6.38 -10.58 -38.72
N VAL D 245 -5.27 -9.86 -38.53
CA VAL D 245 -4.84 -8.82 -39.44
C VAL D 245 -4.59 -9.37 -40.83
N THR D 246 -3.87 -10.48 -40.91
CA THR D 246 -3.59 -11.10 -42.19
C THR D 246 -4.87 -11.46 -42.94
N ALA D 247 -5.85 -12.01 -42.23
CA ALA D 247 -7.09 -12.46 -42.85
C ALA D 247 -7.93 -11.31 -43.38
N THR D 248 -8.12 -10.27 -42.55
CA THR D 248 -8.97 -9.14 -42.94
C THR D 248 -8.30 -8.35 -44.06
N LEU D 249 -6.98 -8.29 -44.00
CA LEU D 249 -6.21 -7.62 -45.04
C LEU D 249 -6.45 -8.33 -46.36
N VAL D 250 -6.40 -9.65 -46.33
CA VAL D 250 -6.60 -10.47 -47.51
C VAL D 250 -8.07 -10.46 -47.93
N HIS D 251 -8.96 -10.42 -46.96
CA HIS D 251 -10.36 -10.29 -47.25
C HIS D 251 -10.61 -9.03 -48.03
N LYS D 252 -9.98 -7.94 -47.59
CA LYS D 252 -10.12 -6.65 -48.25
C LYS D 252 -9.56 -6.71 -49.66
N ALA D 253 -8.44 -7.41 -49.82
CA ALA D 253 -7.75 -7.46 -51.09
C ALA D 253 -8.47 -8.30 -52.14
N ILE D 254 -9.07 -9.43 -51.75
CA ILE D 254 -9.61 -10.38 -52.71
C ILE D 254 -10.96 -11.00 -52.36
N GLY D 255 -11.73 -10.36 -51.49
CA GLY D 255 -13.12 -10.76 -51.19
C GLY D 255 -13.38 -12.25 -50.98
N ASP D 256 -14.24 -12.82 -51.83
CA ASP D 256 -14.68 -14.23 -51.71
C ASP D 256 -13.57 -15.24 -51.93
N GLN D 257 -12.48 -14.84 -52.58
CA GLN D 257 -11.37 -15.74 -52.81
C GLN D 257 -10.69 -16.16 -51.51
N LEU D 258 -10.88 -15.36 -50.46
CA LEU D 258 -10.42 -15.73 -49.12
C LEU D 258 -11.25 -16.86 -48.54
N VAL D 259 -10.58 -17.94 -48.16
CA VAL D 259 -11.20 -18.99 -47.40
C VAL D 259 -10.41 -19.13 -46.11
N CYS D 260 -11.03 -18.72 -45.00
CA CYS D 260 -10.45 -18.86 -43.67
C CYS D 260 -10.60 -20.28 -43.15
N VAL D 261 -9.57 -20.73 -42.43
CA VAL D 261 -9.60 -22.03 -41.75
C VAL D 261 -9.32 -21.79 -40.28
N LEU D 262 -10.10 -22.46 -39.42
CA LEU D 262 -9.94 -22.36 -37.98
C LEU D 262 -9.85 -23.76 -37.42
N VAL D 263 -8.68 -24.19 -36.95
CA VAL D 263 -8.54 -25.54 -36.42
C VAL D 263 -8.55 -25.53 -34.89
N ASP D 264 -9.50 -26.27 -34.30
CA ASP D 264 -9.54 -26.42 -32.86
C ASP D 264 -8.57 -27.52 -32.47
N THR D 265 -7.33 -27.10 -32.20
CA THR D 265 -6.28 -28.01 -31.79
C THR D 265 -6.53 -28.59 -30.39
N GLY D 266 -7.46 -28.00 -29.64
CA GLY D 266 -7.68 -28.38 -28.26
C GLY D 266 -6.70 -27.67 -27.34
N LEU D 267 -5.90 -26.79 -27.92
CA LEU D 267 -4.82 -26.11 -27.22
C LEU D 267 -5.14 -24.64 -27.03
N LEU D 268 -6.39 -24.25 -27.32
CA LEU D 268 -6.74 -22.85 -27.35
C LEU D 268 -7.59 -22.56 -26.13
N ARG D 269 -7.64 -21.29 -25.74
CA ARG D 269 -8.38 -20.88 -24.55
C ARG D 269 -9.88 -21.12 -24.64
N LEU D 270 -10.55 -21.08 -23.48
CA LEU D 270 -11.93 -21.56 -23.36
C LEU D 270 -12.83 -21.06 -24.51
N ASN D 271 -12.87 -19.75 -24.72
CA ASN D 271 -13.81 -19.15 -25.66
C ASN D 271 -13.13 -18.54 -26.87
N GLU D 272 -12.02 -19.13 -27.32
CA GLU D 272 -11.25 -18.56 -28.43
C GLU D 272 -11.93 -18.85 -29.77
N VAL D 273 -12.36 -20.09 -29.96
CA VAL D 273 -13.07 -20.47 -31.18
C VAL D 273 -14.29 -19.58 -31.41
N ASP D 274 -15.12 -19.39 -30.38
CA ASP D 274 -16.35 -18.61 -30.52
C ASP D 274 -16.04 -17.14 -30.83
N GLU D 275 -15.07 -16.57 -30.11
CA GLU D 275 -14.68 -15.17 -30.31
C GLU D 275 -14.17 -14.89 -31.70
N VAL D 276 -13.36 -15.79 -32.25
CA VAL D 276 -12.86 -15.59 -33.61
C VAL D 276 -13.98 -15.79 -34.61
N LEU D 277 -14.83 -16.80 -34.39
CA LEU D 277 -15.98 -17.01 -35.26
C LEU D 277 -16.87 -15.77 -35.26
N ASN D 278 -17.06 -15.18 -34.09
CA ASN D 278 -17.89 -13.99 -33.97
C ASN D 278 -17.35 -12.83 -34.79
N VAL D 279 -16.03 -12.71 -34.84
CA VAL D 279 -15.41 -11.65 -35.61
C VAL D 279 -15.48 -11.93 -37.11
N PHE D 280 -15.06 -13.12 -37.55
CA PHE D 280 -14.91 -13.40 -38.99
C PHE D 280 -16.10 -14.05 -39.68
N GLN D 281 -16.86 -14.89 -38.98
CA GLN D 281 -17.97 -15.59 -39.62
C GLN D 281 -19.25 -14.78 -39.57
N LYS D 282 -19.54 -14.20 -38.41
CA LYS D 282 -20.81 -13.54 -38.15
C LYS D 282 -20.77 -12.05 -38.49
N HIS D 283 -19.66 -11.41 -38.20
CA HIS D 283 -19.43 -10.01 -38.52
C HIS D 283 -18.46 -10.00 -39.69
N LEU D 284 -18.87 -9.53 -40.85
CA LEU D 284 -17.98 -9.49 -42.04
C LEU D 284 -17.92 -10.79 -42.82
N GLY D 285 -19.07 -11.39 -43.08
CA GLY D 285 -19.17 -12.53 -44.01
C GLY D 285 -18.05 -13.51 -43.82
N ALA D 286 -17.21 -13.68 -44.84
CA ALA D 286 -15.99 -14.49 -44.75
C ALA D 286 -16.29 -15.97 -44.57
N LYS D 287 -15.92 -16.78 -45.56
CA LYS D 287 -16.03 -18.23 -45.46
C LYS D 287 -15.04 -18.70 -44.39
N VAL D 288 -15.57 -19.37 -43.37
CA VAL D 288 -14.72 -19.99 -42.35
C VAL D 288 -15.00 -21.49 -42.30
N ILE D 289 -13.94 -22.28 -42.36
CA ILE D 289 -14.03 -23.73 -42.24
C ILE D 289 -13.45 -24.11 -40.89
N CYS D 290 -14.23 -24.78 -40.07
CA CYS D 290 -13.79 -25.22 -38.76
C CYS D 290 -13.35 -26.68 -38.86
N VAL D 291 -12.15 -26.97 -38.35
CA VAL D 291 -11.66 -28.33 -38.29
C VAL D 291 -11.57 -28.72 -36.82
N ASP D 292 -12.06 -29.92 -36.49
CA ASP D 292 -12.01 -30.42 -35.11
C ASP D 292 -10.57 -30.73 -34.70
N ALA D 293 -9.97 -31.77 -35.28
CA ALA D 293 -8.55 -32.03 -35.06
C ALA D 293 -8.11 -32.18 -33.59
N LYS D 294 -9.07 -32.28 -32.68
CA LYS D 294 -8.78 -32.29 -31.24
C LYS D 294 -8.27 -33.67 -30.83
N ASP D 295 -8.95 -34.71 -31.29
CA ASP D 295 -8.52 -36.09 -31.09
C ASP D 295 -7.18 -36.39 -31.76
N ARG D 296 -6.85 -35.62 -32.78
CA ARG D 296 -5.58 -35.78 -33.47
C ARG D 296 -4.41 -35.30 -32.61
N PHE D 297 -4.57 -34.12 -32.04
CA PHE D 297 -3.54 -33.51 -31.21
C PHE D 297 -3.35 -34.19 -29.85
N MET D 298 -4.36 -34.94 -29.37
CA MET D 298 -4.26 -35.63 -28.07
C MET D 298 -3.50 -36.95 -28.19
N LYS D 299 -3.75 -37.70 -29.27
CA LYS D 299 -2.75 -38.62 -29.80
C LYS D 299 -1.60 -37.74 -30.24
N ALA D 300 -0.55 -38.28 -30.84
CA ALA D 300 0.55 -37.43 -31.33
C ALA D 300 1.37 -36.78 -30.20
N LEU D 301 0.67 -36.25 -29.20
CA LEU D 301 1.29 -35.72 -27.98
C LEU D 301 1.11 -36.65 -26.78
N LYS D 302 0.74 -37.91 -27.00
CA LYS D 302 0.30 -38.78 -25.89
C LYS D 302 1.39 -39.02 -24.84
N GLY D 303 2.58 -39.40 -25.27
CA GLY D 303 3.74 -39.47 -24.37
C GLY D 303 4.27 -38.06 -24.20
N ILE D 304 5.56 -37.88 -24.43
CA ILE D 304 6.13 -36.53 -24.66
C ILE D 304 6.03 -35.54 -23.48
N SER D 305 7.00 -35.64 -22.57
CA SER D 305 7.17 -34.69 -21.47
C SER D 305 7.97 -33.49 -21.95
N ASP D 306 9.06 -33.75 -22.67
CA ASP D 306 9.99 -32.72 -23.11
C ASP D 306 9.28 -31.57 -23.84
N PRO D 307 9.43 -30.33 -23.33
CA PRO D 307 8.74 -29.18 -23.91
C PRO D 307 9.28 -28.74 -25.25
N GLU D 308 10.54 -29.06 -25.56
CA GLU D 308 11.11 -28.73 -26.86
C GLU D 308 10.49 -29.62 -27.94
N GLU D 309 10.18 -30.86 -27.57
CA GLU D 309 9.55 -31.82 -28.47
C GLU D 309 8.05 -31.54 -28.58
N LYS D 310 7.45 -31.07 -27.50
CA LYS D 310 6.04 -30.67 -27.52
C LYS D 310 5.83 -29.54 -28.51
N ARG D 311 6.72 -28.55 -28.47
CA ARG D 311 6.72 -27.45 -29.44
C ARG D 311 6.86 -27.95 -30.86
N LYS D 312 7.72 -28.93 -31.08
CA LYS D 312 7.97 -29.45 -32.41
C LYS D 312 6.75 -30.18 -32.98
N ILE D 313 6.13 -31.04 -32.17
CA ILE D 313 4.99 -31.86 -32.63
C ILE D 313 3.78 -30.97 -32.92
N ALA D 314 3.27 -30.28 -31.91
CA ALA D 314 2.35 -29.19 -32.16
C ALA D 314 3.10 -28.26 -33.10
N GLY D 315 2.47 -27.75 -34.14
CA GLY D 315 3.18 -26.93 -35.12
C GLY D 315 3.66 -27.73 -36.31
N GLU D 316 4.06 -28.98 -36.11
CA GLU D 316 4.23 -29.91 -37.22
C GLU D 316 2.81 -30.31 -37.63
N GLN D 317 2.10 -30.90 -36.67
CA GLN D 317 0.69 -31.30 -36.83
C GLN D 317 -0.17 -30.12 -37.27
N PHE D 318 0.17 -28.93 -36.82
CA PHE D 318 -0.53 -27.73 -37.27
C PHE D 318 -0.36 -27.57 -38.77
N ILE D 319 0.89 -27.59 -39.24
CA ILE D 319 1.19 -27.41 -40.67
C ILE D 319 0.50 -28.49 -41.49
N ARG D 320 0.69 -29.75 -41.08
CA ARG D 320 0.01 -30.86 -41.73
C ARG D 320 -1.46 -30.53 -42.00
N VAL D 321 -2.17 -30.13 -40.96
CA VAL D 321 -3.60 -29.84 -41.06
C VAL D 321 -3.89 -28.86 -42.19
N PHE D 322 -3.08 -27.81 -42.27
CA PHE D 322 -3.25 -26.80 -43.31
C PHE D 322 -2.92 -27.30 -44.70
N GLU D 323 -1.93 -28.17 -44.81
CA GLU D 323 -1.56 -28.75 -46.09
C GLU D 323 -2.66 -29.70 -46.56
N GLU D 324 -3.35 -30.35 -45.64
CA GLU D 324 -4.36 -31.34 -45.97
C GLU D 324 -5.64 -30.69 -46.47
N GLN D 325 -6.12 -29.68 -45.75
CA GLN D 325 -7.01 -28.70 -46.35
C GLN D 325 -6.18 -28.09 -47.46
N ALA D 326 -6.76 -27.38 -48.41
CA ALA D 326 -5.93 -26.76 -49.45
C ALA D 326 -5.60 -27.77 -50.53
N LYS D 327 -5.06 -28.91 -50.12
CA LYS D 327 -4.85 -30.06 -51.01
C LYS D 327 -6.17 -30.84 -51.07
N LYS D 328 -7.26 -30.11 -51.20
CA LYS D 328 -8.61 -30.64 -51.00
C LYS D 328 -9.63 -29.62 -51.46
N LEU D 329 -9.42 -28.36 -51.05
CA LEU D 329 -10.13 -27.23 -51.67
C LEU D 329 -9.37 -26.67 -52.88
N ASN D 330 -8.36 -27.41 -53.36
CA ASN D 330 -7.56 -27.02 -54.53
C ASN D 330 -7.08 -25.56 -54.46
N VAL D 331 -6.60 -25.15 -53.29
CA VAL D 331 -6.07 -23.82 -53.08
C VAL D 331 -4.55 -23.84 -53.13
N LYS D 332 -3.97 -22.90 -53.87
CA LYS D 332 -2.54 -22.90 -54.16
C LYS D 332 -1.73 -21.93 -53.31
N TRP D 333 -2.40 -21.04 -52.58
CA TRP D 333 -1.73 -20.02 -51.76
C TRP D 333 -2.10 -20.13 -50.27
N LEU D 334 -1.09 -20.06 -49.39
CA LEU D 334 -1.33 -20.02 -47.95
C LEU D 334 -0.90 -18.67 -47.41
N GLY D 335 -1.79 -18.01 -46.69
CA GLY D 335 -1.52 -16.70 -46.12
C GLY D 335 -1.16 -16.84 -44.66
N GLN D 336 0.03 -16.38 -44.30
CA GLN D 336 0.54 -16.52 -42.95
C GLN D 336 0.80 -15.16 -42.33
N GLY D 337 0.73 -15.09 -41.00
CA GLY D 337 0.99 -13.85 -40.26
C GLY D 337 2.40 -13.72 -39.70
N THR D 338 3.40 -14.12 -40.49
CA THR D 338 4.80 -13.91 -40.14
C THR D 338 5.03 -12.42 -40.03
N ILE D 339 5.75 -11.99 -39.00
CA ILE D 339 6.11 -10.58 -38.82
C ILE D 339 7.62 -10.38 -38.87
N TYR D 340 8.08 -9.14 -38.91
CA TYR D 340 9.48 -8.87 -39.17
C TYR D 340 10.44 -9.41 -38.11
N PRO D 341 10.08 -9.32 -36.82
CA PRO D 341 10.93 -9.96 -35.81
C PRO D 341 11.15 -11.46 -36.03
N ASP D 342 10.12 -12.16 -36.51
CA ASP D 342 10.22 -13.57 -36.87
C ASP D 342 11.29 -13.76 -37.94
N VAL D 343 11.20 -13.00 -39.02
CA VAL D 343 12.18 -13.04 -40.11
C VAL D 343 13.59 -12.72 -39.61
N ILE D 344 13.71 -11.73 -38.72
CA ILE D 344 15.01 -11.33 -38.18
C ILE D 344 15.71 -12.49 -37.47
N GLU D 345 14.94 -13.32 -36.76
CA GLU D 345 15.50 -14.51 -36.14
C GLU D 345 15.95 -15.55 -37.18
N SER D 346 17.27 -15.67 -37.32
CA SER D 346 17.89 -16.62 -38.26
C SER D 346 19.24 -17.08 -37.72
N LYS D 373 2.84 -22.53 -51.23
CA LYS D 373 3.10 -21.21 -51.79
C LYS D 373 2.64 -20.09 -50.84
N LEU D 374 3.56 -19.56 -50.02
CA LEU D 374 3.20 -18.59 -48.97
C LEU D 374 3.02 -17.15 -49.44
N ILE D 375 2.18 -16.40 -48.73
CA ILE D 375 2.12 -14.95 -48.84
C ILE D 375 2.07 -14.40 -47.42
N GLU D 376 3.01 -13.51 -47.12
CA GLU D 376 3.26 -13.04 -45.76
C GLU D 376 3.17 -11.52 -45.71
N PRO D 377 1.96 -10.96 -45.59
CA PRO D 377 1.77 -9.52 -45.72
C PRO D 377 2.31 -8.68 -44.57
N LEU D 378 2.53 -9.29 -43.41
CA LEU D 378 3.00 -8.55 -42.26
C LEU D 378 4.49 -8.70 -42.05
N ARG D 379 5.20 -9.25 -43.03
CA ARG D 379 6.57 -9.68 -42.83
C ARG D 379 7.63 -8.58 -42.79
N GLU D 380 7.23 -7.33 -43.03
CA GLU D 380 8.11 -6.17 -42.85
C GLU D 380 7.68 -5.31 -41.66
N LEU D 381 6.64 -5.75 -40.95
CA LEU D 381 6.05 -4.97 -39.86
C LEU D 381 6.46 -5.47 -38.49
N PHE D 382 6.64 -4.52 -37.57
CA PHE D 382 6.81 -4.81 -36.16
C PHE D 382 5.43 -4.93 -35.52
N LYS D 383 5.39 -5.39 -34.28
CA LYS D 383 4.14 -5.71 -33.61
C LYS D 383 3.26 -4.48 -33.42
N ASP D 384 3.87 -3.33 -33.12
CA ASP D 384 3.11 -2.10 -32.90
C ASP D 384 2.34 -1.75 -34.16
N GLU D 385 3.01 -1.94 -35.30
CA GLU D 385 2.47 -1.59 -36.61
C GLU D 385 1.33 -2.52 -37.01
N VAL D 386 1.46 -3.79 -36.66
CA VAL D 386 0.42 -4.77 -36.92
C VAL D 386 -0.83 -4.44 -36.10
N ARG D 387 -0.64 -3.95 -34.88
CA ARG D 387 -1.75 -3.49 -34.07
C ARG D 387 -2.41 -2.26 -34.67
N LYS D 388 -1.61 -1.31 -35.12
CA LYS D 388 -2.14 -0.07 -35.70
C LYS D 388 -2.95 -0.39 -36.96
N LEU D 389 -2.40 -1.26 -37.80
CA LEU D 389 -3.11 -1.76 -38.98
C LEU D 389 -4.46 -2.38 -38.60
N GLY D 390 -4.44 -3.30 -37.64
CA GLY D 390 -5.66 -3.95 -37.18
C GLY D 390 -6.75 -2.97 -36.81
N LEU D 391 -6.38 -1.93 -36.07
CA LEU D 391 -7.36 -0.95 -35.61
C LEU D 391 -7.98 -0.25 -36.82
N GLU D 392 -7.14 0.23 -37.73
CA GLU D 392 -7.61 0.90 -38.93
C GLU D 392 -8.44 -0.04 -39.82
N LEU D 393 -8.01 -1.30 -39.92
CA LEU D 393 -8.74 -2.31 -40.69
C LEU D 393 -10.10 -2.66 -40.10
N GLY D 394 -10.42 -2.14 -38.92
CA GLY D 394 -11.74 -2.32 -38.34
C GLY D 394 -11.90 -3.49 -37.40
N LEU D 395 -10.81 -4.11 -36.96
CA LEU D 395 -10.90 -5.15 -35.93
C LEU D 395 -11.20 -4.54 -34.57
N PRO D 396 -11.78 -5.32 -33.64
CA PRO D 396 -12.15 -4.81 -32.33
C PRO D 396 -10.96 -4.65 -31.39
N ALA D 397 -10.94 -3.53 -30.67
CA ALA D 397 -9.82 -3.16 -29.81
C ALA D 397 -9.36 -4.29 -28.88
N ASP D 398 -10.30 -5.04 -28.30
CA ASP D 398 -9.94 -6.04 -27.31
C ASP D 398 -9.17 -7.20 -27.93
N LEU D 399 -9.45 -7.50 -29.19
CA LEU D 399 -8.68 -8.48 -29.93
C LEU D 399 -7.28 -7.93 -30.25
N ILE D 400 -7.18 -6.64 -30.58
CA ILE D 400 -5.90 -6.05 -30.98
C ILE D 400 -4.94 -6.05 -29.81
N TYR D 401 -5.40 -5.51 -28.68
CA TYR D 401 -4.56 -5.39 -27.49
C TYR D 401 -4.62 -6.59 -26.54
N ARG D 402 -5.01 -7.75 -27.06
CA ARG D 402 -5.01 -8.99 -26.30
C ARG D 402 -3.59 -9.40 -25.96
N HIS D 403 -3.42 -10.11 -24.84
CA HIS D 403 -2.09 -10.61 -24.46
C HIS D 403 -1.55 -11.56 -25.51
N PRO D 404 -0.21 -11.64 -25.65
CA PRO D 404 0.35 -12.63 -26.56
C PRO D 404 0.03 -14.05 -26.11
N PHE D 405 -0.25 -14.91 -27.09
CA PHE D 405 -0.52 -16.32 -26.84
C PHE D 405 0.46 -17.15 -27.67
N PRO D 406 1.18 -18.08 -27.03
CA PRO D 406 2.24 -18.76 -27.77
C PRO D 406 1.67 -19.65 -28.87
N GLY D 407 2.51 -19.98 -29.85
CA GLY D 407 2.12 -20.85 -30.95
C GLY D 407 1.61 -22.19 -30.49
N PRO D 408 2.45 -22.94 -29.76
CA PRO D 408 2.02 -24.27 -29.29
C PRO D 408 0.86 -24.24 -28.31
N GLY D 409 0.39 -23.04 -27.95
CA GLY D 409 -0.82 -22.89 -27.15
C GLY D 409 -0.71 -23.52 -25.78
N LEU D 410 -1.80 -24.11 -25.32
CA LEU D 410 -1.87 -24.65 -23.98
C LEU D 410 -1.09 -25.96 -23.80
N ALA D 411 -0.24 -26.30 -24.77
CA ALA D 411 0.64 -27.47 -24.67
C ALA D 411 1.79 -27.19 -23.71
N ILE D 412 2.24 -25.93 -23.73
CA ILE D 412 3.05 -25.38 -22.64
C ILE D 412 2.00 -25.08 -21.57
N ARG D 413 2.38 -24.56 -20.42
CA ARG D 413 1.39 -24.28 -19.37
C ARG D 413 0.77 -25.53 -18.73
N ILE D 414 1.11 -26.70 -19.27
CA ILE D 414 1.01 -27.97 -18.56
C ILE D 414 2.44 -28.46 -18.46
N LEU D 415 2.92 -28.73 -17.24
CA LEU D 415 4.30 -29.18 -17.06
C LEU D 415 4.47 -30.63 -17.48
N GLY D 416 3.50 -31.47 -17.15
CA GLY D 416 3.58 -32.88 -17.51
C GLY D 416 3.32 -33.16 -18.99
N GLU D 417 2.80 -34.35 -19.25
CA GLU D 417 2.31 -34.73 -20.57
C GLU D 417 0.90 -34.19 -20.73
N VAL D 418 0.65 -33.49 -21.82
CA VAL D 418 -0.70 -33.00 -22.12
C VAL D 418 -1.61 -34.19 -22.39
N SER D 419 -2.84 -34.15 -21.87
CA SER D 419 -3.70 -35.34 -21.92
C SER D 419 -5.23 -35.11 -21.89
N ALA D 420 -5.69 -33.96 -22.35
CA ALA D 420 -7.13 -33.68 -22.46
C ALA D 420 -7.78 -33.41 -21.10
N GLU D 421 -7.80 -34.41 -20.22
CA GLU D 421 -8.37 -34.21 -18.89
C GLU D 421 -7.67 -33.07 -18.15
N TYR D 422 -6.37 -32.89 -18.42
CA TYR D 422 -5.59 -31.82 -17.78
C TYR D 422 -5.81 -30.43 -18.39
N ILE D 423 -5.99 -30.32 -19.71
CA ILE D 423 -6.27 -29.02 -20.30
C ILE D 423 -7.64 -28.52 -19.88
N ASN D 424 -8.60 -29.42 -19.74
CA ASN D 424 -9.96 -29.08 -19.32
C ASN D 424 -9.97 -28.31 -18.00
N ILE D 425 -9.18 -28.79 -17.03
CA ILE D 425 -9.07 -28.07 -15.76
C ILE D 425 -8.20 -26.83 -15.88
N LEU D 426 -7.16 -26.87 -16.71
CA LEU D 426 -6.37 -25.67 -16.97
C LEU D 426 -7.23 -24.59 -17.63
N LYS D 427 -8.04 -24.99 -18.62
CA LYS D 427 -8.96 -24.07 -19.29
C LYS D 427 -9.83 -23.30 -18.29
N GLN D 428 -10.41 -24.01 -17.33
CA GLN D 428 -11.26 -23.39 -16.32
C GLN D 428 -10.44 -22.41 -15.48
N ALA D 429 -9.30 -22.88 -14.97
CA ALA D 429 -8.42 -22.08 -14.13
C ALA D 429 -8.00 -20.80 -14.85
N ASP D 430 -7.56 -20.97 -16.09
CA ASP D 430 -7.16 -19.84 -16.91
C ASP D 430 -8.34 -18.89 -17.09
N ALA D 431 -9.46 -19.43 -17.56
CA ALA D 431 -10.66 -18.64 -17.77
C ALA D 431 -10.98 -17.77 -16.55
N ILE D 432 -11.02 -18.40 -15.37
CA ILE D 432 -11.36 -17.68 -14.14
C ILE D 432 -10.38 -16.54 -13.88
N PHE D 433 -9.09 -16.85 -13.97
CA PHE D 433 -8.07 -15.84 -13.71
C PHE D 433 -8.24 -14.66 -14.62
N ILE D 434 -8.29 -14.93 -15.93
CA ILE D 434 -8.51 -13.88 -16.91
C ILE D 434 -10.02 -13.62 -17.02
N GLU D 435 -10.56 -12.98 -15.99
CA GLU D 435 -11.95 -12.57 -15.95
C GLU D 435 -12.01 -11.55 -14.85
N GLU D 436 -11.65 -11.99 -13.64
CA GLU D 436 -11.06 -11.09 -12.68
C GLU D 436 -9.82 -10.62 -13.44
N LEU D 437 -9.48 -9.34 -13.37
CA LEU D 437 -8.49 -8.70 -14.26
C LEU D 437 -9.27 -7.92 -15.29
N LYS D 438 -10.13 -8.61 -16.03
CA LYS D 438 -11.11 -7.93 -16.88
C LYS D 438 -12.10 -7.19 -15.99
N LYS D 439 -12.63 -7.90 -15.01
CA LYS D 439 -13.67 -7.39 -14.13
C LYS D 439 -13.13 -6.32 -13.17
N SER D 440 -11.85 -6.41 -12.82
CA SER D 440 -11.22 -5.46 -11.90
C SER D 440 -10.31 -4.47 -12.61
N ASP D 441 -10.40 -4.40 -13.94
CA ASP D 441 -9.58 -3.49 -14.77
C ASP D 441 -8.06 -3.56 -14.50
N TYR D 442 -7.55 -4.74 -14.14
CA TYR D 442 -6.10 -4.95 -14.01
C TYR D 442 -5.47 -5.56 -15.26
N TYR D 443 -6.31 -6.03 -16.18
CA TYR D 443 -5.83 -6.72 -17.40
C TYR D 443 -4.84 -5.89 -18.20
N HIS D 444 -5.18 -4.64 -18.48
CA HIS D 444 -4.33 -3.82 -19.32
C HIS D 444 -3.22 -3.10 -18.55
N GLN D 445 -3.14 -3.34 -17.25
CA GLN D 445 -2.00 -2.87 -16.45
C GLN D 445 -0.89 -3.93 -16.38
N VAL D 446 -1.13 -5.09 -16.99
CA VAL D 446 -0.12 -6.15 -17.08
C VAL D 446 0.11 -6.55 -18.54
N SER D 447 1.31 -7.00 -18.85
CA SER D 447 1.68 -7.34 -20.23
C SER D 447 1.21 -8.73 -20.65
N GLN D 448 1.22 -9.67 -19.71
CA GLN D 448 0.82 -11.05 -19.97
C GLN D 448 0.23 -11.60 -18.69
N ALA D 449 -0.64 -12.58 -18.81
CA ALA D 449 -1.24 -13.22 -17.63
C ALA D 449 -1.81 -14.57 -17.98
N PHE D 450 -1.47 -15.59 -17.22
CA PHE D 450 -1.99 -16.93 -17.50
C PHE D 450 -1.79 -17.89 -16.34
N ALA D 451 -2.61 -18.93 -16.32
CA ALA D 451 -2.45 -20.02 -15.37
C ALA D 451 -1.61 -21.10 -16.04
N VAL D 452 -0.97 -21.91 -15.21
CA VAL D 452 -0.26 -23.11 -15.66
C VAL D 452 -0.62 -24.25 -14.70
N PHE D 453 -0.73 -25.47 -15.26
CA PHE D 453 -1.25 -26.64 -14.55
C PHE D 453 -0.13 -27.58 -14.19
N MET D 454 -0.02 -27.89 -12.90
CA MET D 454 0.97 -28.81 -12.39
C MET D 454 0.26 -30.11 -12.02
N PRO D 455 0.79 -31.27 -12.48
CA PRO D 455 0.17 -32.54 -12.17
C PRO D 455 0.74 -33.17 -10.90
N LEU D 456 0.79 -32.43 -9.80
CA LEU D 456 1.50 -32.91 -8.62
C LEU D 456 0.62 -33.30 -7.44
N LYS D 457 -0.46 -32.58 -7.20
CA LYS D 457 -1.45 -33.00 -6.19
C LYS D 457 -1.04 -32.65 -4.74
N SER D 458 -1.95 -32.01 -4.00
CA SER D 458 -1.72 -31.66 -2.59
C SER D 458 -3.01 -31.70 -1.79
N VAL D 459 -2.91 -31.66 -0.46
CA VAL D 459 -4.10 -31.68 0.41
C VAL D 459 -4.72 -30.29 0.53
N TYR D 468 -7.13 -34.82 -1.73
CA TYR D 468 -6.03 -34.32 -2.53
C TYR D 468 -6.42 -34.05 -3.99
N GLY D 469 -5.82 -33.01 -4.56
CA GLY D 469 -6.07 -32.64 -5.96
C GLY D 469 -4.95 -31.78 -6.53
N TYR D 470 -5.08 -31.38 -7.80
CA TYR D 470 -3.98 -30.75 -8.53
C TYR D 470 -3.65 -29.31 -8.13
N ILE D 471 -2.46 -28.86 -8.50
CA ILE D 471 -2.01 -27.50 -8.19
C ILE D 471 -2.01 -26.67 -9.46
N ILE D 472 -2.32 -25.38 -9.32
CA ILE D 472 -2.36 -24.44 -10.44
C ILE D 472 -1.44 -23.25 -10.16
N ALA D 473 -0.48 -23.01 -11.04
CA ALA D 473 0.36 -21.82 -10.96
C ALA D 473 -0.28 -20.65 -11.71
N LEU D 474 -0.02 -19.44 -11.25
CA LEU D 474 -0.52 -18.24 -11.90
C LEU D 474 0.62 -17.31 -12.23
N ARG D 475 0.66 -16.84 -13.47
CA ARG D 475 1.74 -16.01 -13.96
C ARG D 475 1.17 -14.72 -14.52
N ALA D 476 1.76 -13.59 -14.14
CA ALA D 476 1.36 -12.30 -14.63
C ALA D 476 2.52 -11.35 -14.50
N VAL D 477 2.92 -10.71 -15.60
CA VAL D 477 4.13 -9.89 -15.65
C VAL D 477 3.95 -8.55 -16.36
N LYS D 478 4.99 -7.72 -16.27
CA LYS D 478 5.10 -6.47 -17.01
C LYS D 478 6.36 -6.49 -17.88
N GLN D 486 9.94 -8.66 -13.42
CA GLN D 486 8.87 -7.70 -13.24
C GLN D 486 7.48 -8.39 -13.15
N TRP D 487 7.37 -9.35 -12.23
CA TRP D 487 6.09 -10.03 -11.95
C TRP D 487 5.08 -9.06 -11.34
N ALA D 488 3.87 -9.08 -11.86
CA ALA D 488 2.86 -8.09 -11.51
C ALA D 488 2.53 -8.03 -10.02
N ASP D 489 2.52 -6.81 -9.50
CA ASP D 489 2.10 -6.56 -8.13
C ASP D 489 0.59 -6.31 -8.15
N LEU D 490 -0.17 -7.29 -7.70
CA LEU D 490 -1.63 -7.22 -7.65
C LEU D 490 -2.09 -7.20 -6.19
N PRO D 491 -3.23 -6.55 -5.90
CA PRO D 491 -3.68 -6.48 -4.51
C PRO D 491 -4.09 -7.83 -3.91
N HIS D 492 -3.68 -8.04 -2.67
CA HIS D 492 -3.94 -9.28 -1.94
C HIS D 492 -5.38 -9.77 -2.08
N GLU D 493 -6.35 -8.89 -1.87
CA GLU D 493 -7.76 -9.30 -1.89
C GLU D 493 -8.16 -9.79 -3.28
N PHE D 494 -7.61 -9.16 -4.31
CA PHE D 494 -7.90 -9.57 -5.68
C PHE D 494 -7.39 -10.98 -5.97
N LEU D 495 -6.15 -11.24 -5.55
CA LEU D 495 -5.57 -12.58 -5.69
C LEU D 495 -6.32 -13.63 -4.85
N SER D 496 -6.71 -13.24 -3.64
CA SER D 496 -7.44 -14.14 -2.77
C SER D 496 -8.73 -14.58 -3.44
N LYS D 497 -9.44 -13.62 -4.00
CA LYS D 497 -10.70 -13.89 -4.70
C LYS D 497 -10.49 -14.86 -5.85
N VAL D 498 -9.39 -14.66 -6.59
CA VAL D 498 -9.05 -15.52 -7.72
C VAL D 498 -8.79 -16.96 -7.29
N SER D 499 -7.95 -17.14 -6.28
CA SER D 499 -7.58 -18.48 -5.79
C SER D 499 -8.74 -19.21 -5.09
N HIS D 500 -9.46 -18.50 -4.22
CA HIS D 500 -10.74 -18.98 -3.66
C HIS D 500 -11.60 -19.64 -4.74
N ARG D 501 -11.79 -18.92 -5.84
CA ARG D 501 -12.74 -19.28 -6.89
C ARG D 501 -12.27 -20.49 -7.69
N ILE D 502 -10.98 -20.53 -8.01
CA ILE D 502 -10.38 -21.65 -8.73
C ILE D 502 -10.52 -22.97 -7.95
N VAL D 503 -10.25 -22.94 -6.66
CA VAL D 503 -10.30 -24.15 -5.83
C VAL D 503 -11.73 -24.58 -5.50
N ASN D 504 -12.59 -23.61 -5.20
CA ASN D 504 -14.00 -23.90 -4.93
C ASN D 504 -14.70 -24.41 -6.17
N GLU D 505 -14.69 -23.63 -7.25
CA GLU D 505 -15.45 -23.94 -8.48
C GLU D 505 -14.92 -25.19 -9.20
N ILE D 506 -13.62 -25.25 -9.43
CA ILE D 506 -13.00 -26.45 -10.01
C ILE D 506 -12.75 -27.43 -8.88
N LYS D 507 -13.59 -28.46 -8.79
CA LYS D 507 -13.27 -29.61 -7.94
C LYS D 507 -11.99 -30.22 -8.50
N GLU D 508 -11.49 -31.26 -7.87
CA GLU D 508 -10.25 -31.91 -8.31
C GLU D 508 -9.06 -30.96 -8.50
N VAL D 509 -9.07 -29.81 -7.81
CA VAL D 509 -7.90 -28.93 -7.74
C VAL D 509 -7.32 -28.85 -6.32
N SER D 510 -7.83 -27.94 -5.48
CA SER D 510 -7.21 -27.71 -4.16
C SER D 510 -5.86 -27.04 -4.32
N ARG D 511 -5.76 -25.79 -3.87
CA ARG D 511 -4.49 -25.05 -3.85
C ARG D 511 -4.05 -24.50 -5.22
N VAL D 512 -3.69 -23.22 -5.22
CA VAL D 512 -3.19 -22.50 -6.39
C VAL D 512 -2.09 -21.54 -5.94
N VAL D 513 -1.07 -21.37 -6.78
CA VAL D 513 0.11 -20.59 -6.40
C VAL D 513 0.43 -19.52 -7.44
N TYR D 514 1.29 -18.57 -7.07
CA TYR D 514 1.62 -17.39 -7.88
C TYR D 514 3.13 -17.26 -8.09
N ASP D 515 3.53 -17.00 -9.32
CA ASP D 515 4.94 -16.90 -9.69
C ASP D 515 5.51 -15.57 -9.26
N MET D 516 6.60 -15.60 -8.48
CA MET D 516 7.27 -14.39 -7.98
C MET D 516 8.63 -14.15 -8.63
N THR D 517 8.80 -14.56 -9.88
CA THR D 517 10.13 -14.57 -10.51
C THR D 517 10.19 -13.64 -11.70
N ASN D 518 11.29 -12.89 -11.82
CA ASN D 518 11.41 -11.81 -12.81
C ASN D 518 11.91 -12.27 -14.17
N LYS D 519 11.83 -11.37 -15.15
CA LYS D 519 12.31 -11.61 -16.53
C LYS D 519 13.79 -11.95 -16.58
N PRO D 520 14.64 -11.22 -15.82
CA PRO D 520 16.04 -11.63 -15.82
C PRO D 520 16.30 -13.09 -15.39
N PRO D 521 15.94 -13.48 -14.15
CA PRO D 521 16.30 -14.84 -13.72
C PRO D 521 15.46 -15.97 -14.33
N ALA D 522 14.32 -15.66 -14.93
CA ALA D 522 13.50 -16.70 -15.56
C ALA D 522 12.72 -16.20 -16.77
N THR D 523 12.26 -17.13 -17.60
CA THR D 523 11.43 -16.82 -18.75
C THR D 523 10.00 -16.50 -18.32
N ILE D 524 9.26 -15.75 -19.13
CA ILE D 524 7.87 -15.40 -18.81
C ILE D 524 7.02 -16.65 -18.89
N GLU D 525 7.03 -17.28 -20.07
CA GLU D 525 6.40 -18.56 -20.28
C GLU D 525 7.19 -19.61 -19.49
N TRP D 526 6.58 -20.73 -19.15
CA TRP D 526 7.32 -21.82 -18.50
C TRP D 526 7.77 -22.79 -19.60
#